data_1U9V
# 
_entry.id   1U9V 
# 
_audit_conform.dict_name       mmcif_pdbx.dic 
_audit_conform.dict_version    5.397 
_audit_conform.dict_location   http://mmcif.pdb.org/dictionaries/ascii/mmcif_pdbx.dic 
# 
loop_
_database_2.database_id 
_database_2.database_code 
_database_2.pdbx_database_accession 
_database_2.pdbx_DOI 
PDB   1U9V         pdb_00001u9v 10.2210/pdb1u9v/pdb 
RCSB  RCSB023425   ?            ?                   
WWPDB D_1000023425 ?            ?                   
# 
loop_
_pdbx_audit_revision_history.ordinal 
_pdbx_audit_revision_history.data_content_type 
_pdbx_audit_revision_history.major_revision 
_pdbx_audit_revision_history.minor_revision 
_pdbx_audit_revision_history.revision_date 
1 'Structure model' 1 0 2005-08-11 
2 'Structure model' 1 1 2008-04-30 
3 'Structure model' 1 2 2011-07-13 
4 'Structure model' 1 3 2017-10-11 
5 'Structure model' 1 4 2023-10-25 
6 'Structure model' 1 5 2024-10-23 
# 
_pdbx_audit_revision_details.ordinal             1 
_pdbx_audit_revision_details.revision_ordinal    1 
_pdbx_audit_revision_details.data_content_type   'Structure model' 
_pdbx_audit_revision_details.provider            repository 
_pdbx_audit_revision_details.type                'Initial release' 
_pdbx_audit_revision_details.description         ? 
_pdbx_audit_revision_details.details             ? 
# 
loop_
_pdbx_audit_revision_group.ordinal 
_pdbx_audit_revision_group.revision_ordinal 
_pdbx_audit_revision_group.data_content_type 
_pdbx_audit_revision_group.group 
1 2 'Structure model' 'Version format compliance' 
2 3 'Structure model' 'Version format compliance' 
3 4 'Structure model' 'Refinement description'    
4 5 'Structure model' 'Data collection'           
5 5 'Structure model' 'Database references'       
6 5 'Structure model' 'Derived calculations'      
7 5 'Structure model' 'Refinement description'    
8 6 'Structure model' 'Structure summary'         
# 
loop_
_pdbx_audit_revision_category.ordinal 
_pdbx_audit_revision_category.revision_ordinal 
_pdbx_audit_revision_category.data_content_type 
_pdbx_audit_revision_category.category 
1 4 'Structure model' software                      
2 5 'Structure model' chem_comp_atom                
3 5 'Structure model' chem_comp_bond                
4 5 'Structure model' database_2                    
5 5 'Structure model' pdbx_initial_refinement_model 
6 5 'Structure model' struct_conn                   
7 5 'Structure model' struct_site                   
8 6 'Structure model' pdbx_entry_details            
9 6 'Structure model' pdbx_modification_feature     
# 
loop_
_pdbx_audit_revision_item.ordinal 
_pdbx_audit_revision_item.revision_ordinal 
_pdbx_audit_revision_item.data_content_type 
_pdbx_audit_revision_item.item 
1  5 'Structure model' '_database_2.pdbx_DOI'                
2  5 'Structure model' '_database_2.pdbx_database_accession' 
3  5 'Structure model' '_struct_conn.pdbx_leaving_atom_flag' 
4  5 'Structure model' '_struct_conn.ptnr1_auth_comp_id'     
5  5 'Structure model' '_struct_conn.ptnr1_auth_seq_id'      
6  5 'Structure model' '_struct_conn.ptnr1_label_asym_id'    
7  5 'Structure model' '_struct_conn.ptnr1_label_atom_id'    
8  5 'Structure model' '_struct_conn.ptnr1_label_comp_id'    
9  5 'Structure model' '_struct_conn.ptnr1_label_seq_id'     
10 5 'Structure model' '_struct_conn.ptnr2_auth_comp_id'     
11 5 'Structure model' '_struct_conn.ptnr2_auth_seq_id'      
12 5 'Structure model' '_struct_conn.ptnr2_label_asym_id'    
13 5 'Structure model' '_struct_conn.ptnr2_label_atom_id'    
14 5 'Structure model' '_struct_conn.ptnr2_label_comp_id'    
15 5 'Structure model' '_struct_conn.ptnr2_label_seq_id'     
16 5 'Structure model' '_struct_site.pdbx_auth_asym_id'      
17 5 'Structure model' '_struct_site.pdbx_auth_comp_id'      
18 5 'Structure model' '_struct_site.pdbx_auth_seq_id'       
# 
_pdbx_database_status.status_code                     REL 
_pdbx_database_status.entry_id                        1U9V 
_pdbx_database_status.recvd_initial_deposition_date   2004-08-11 
_pdbx_database_status.deposit_site                    RCSB 
_pdbx_database_status.process_site                    PDBJ 
_pdbx_database_status.status_code_sf                  REL 
_pdbx_database_status.status_code_mr                  ? 
_pdbx_database_status.SG_entry                        ? 
_pdbx_database_status.pdb_format_compatible           Y 
_pdbx_database_status.status_code_cs                  ? 
_pdbx_database_status.methods_development_category    ? 
_pdbx_database_status.status_code_nmr_data            ? 
# 
loop_
_pdbx_database_related.db_name 
_pdbx_database_related.db_id 
_pdbx_database_related.details 
_pdbx_database_related.content_type 
PDB 1MEM .                                                                    unspecified 
PDB 1ATK .                                                                    unspecified 
PDB 1U9W 'the same protein in complex with the covalent inhibitor NVP-ABI491' unspecified 
PDB 1U9X 'the same protein in complex with the covalent inhibitor NVP-ABJ688' unspecified 
# 
_audit_author.name           'Cowan-Jacob, S.W.' 
_audit_author.pdbx_ordinal   1 
# 
_citation.id                        primary 
_citation.title                     'Novel purine nitrile derived inhibitors of the cysteine protease cathepsin K' 
_citation.journal_abbrev            J.Med.Chem. 
_citation.journal_volume            47 
_citation.page_first                5833 
_citation.page_last                 5836 
_citation.year                      2004 
_citation.journal_id_ASTM           JMCMAR 
_citation.country                   US 
_citation.journal_id_ISSN           0022-2623 
_citation.journal_id_CSD            0151 
_citation.book_publisher            ? 
_citation.pdbx_database_id_PubMed   15537340 
_citation.pdbx_database_id_DOI      10.1021/jm0493111 
# 
loop_
_citation_author.citation_id 
_citation_author.name 
_citation_author.ordinal 
_citation_author.identifier_ORCID 
primary 'Altmann, E.'       1 ? 
primary 'Cowan-Jacob, S.W.' 2 ? 
primary 'Missbach, M.'      3 ? 
# 
loop_
_entity.id 
_entity.type 
_entity.src_method 
_entity.pdbx_description 
_entity.formula_weight 
_entity.pdbx_number_of_molecules 
_entity.pdbx_ec 
_entity.pdbx_mutation 
_entity.pdbx_fragment 
_entity.details 
1 polymer     man 'Cathepsin K'                                                                       23737.727 1  3.4.22.38 ? ? ? 
2 non-polymer syn '6-(CYCLOHEXYLAMINO)-9-[2-(4-METHYLPIPERAZIN-1-YL)-ETHYL]-9H-PURINE-2-CARBONITRILE' 368.479   1  ?         ? ? ? 
3 water       nat water                                                                               18.015    81 ?         ? ? ? 
# 
_entity_name_com.entity_id   1 
_entity_name_com.name        'Cathepsin O, Cathepsin X, Cathepsin O2' 
# 
_entity_poly.entity_id                      1 
_entity_poly.type                           'polypeptide(L)' 
_entity_poly.nstd_linkage                   no 
_entity_poly.nstd_monomer                   no 
_entity_poly.pdbx_seq_one_letter_code       
;GRAPDSVDYRKKGYVTPVKNQGQCGSCWAFSSVGALEGQLKKKTGKLLNLSPQNLVDCVSENDGCGGGYMTNAFQYVQKN
RGIDSEDAYPYVGQEESCMYNPTGKAAKCRGYREIPEGNEKALKRAVARVGPVSVAIDASLTSFQFYSKGVYYDESCNSD
NLNHAVLAVGYGIQKGNKHWIIKNSWGENWGNKGYILMARNKNNACGIANLASFPKM
;
_entity_poly.pdbx_seq_one_letter_code_can   
;GRAPDSVDYRKKGYVTPVKNQGQCGSCWAFSSVGALEGQLKKKTGKLLNLSPQNLVDCVSENDGCGGGYMTNAFQYVQKN
RGIDSEDAYPYVGQEESCMYNPTGKAAKCRGYREIPEGNEKALKRAVARVGPVSVAIDASLTSFQFYSKGVYYDESCNSD
NLNHAVLAVGYGIQKGNKHWIIKNSWGENWGNKGYILMARNKNNACGIANLASFPKM
;
_entity_poly.pdbx_strand_id                 A 
_entity_poly.pdbx_target_identifier         ? 
# 
loop_
_pdbx_entity_nonpoly.entity_id 
_pdbx_entity_nonpoly.name 
_pdbx_entity_nonpoly.comp_id 
2 '6-(CYCLOHEXYLAMINO)-9-[2-(4-METHYLPIPERAZIN-1-YL)-ETHYL]-9H-PURINE-2-CARBONITRILE' IHE 
3 water                                                                               HOH 
# 
loop_
_entity_poly_seq.entity_id 
_entity_poly_seq.num 
_entity_poly_seq.mon_id 
_entity_poly_seq.hetero 
1 1   GLY n 
1 2   ARG n 
1 3   ALA n 
1 4   PRO n 
1 5   ASP n 
1 6   SER n 
1 7   VAL n 
1 8   ASP n 
1 9   TYR n 
1 10  ARG n 
1 11  LYS n 
1 12  LYS n 
1 13  GLY n 
1 14  TYR n 
1 15  VAL n 
1 16  THR n 
1 17  PRO n 
1 18  VAL n 
1 19  LYS n 
1 20  ASN n 
1 21  GLN n 
1 22  GLY n 
1 23  GLN n 
1 24  CYS n 
1 25  GLY n 
1 26  SER n 
1 27  CYS n 
1 28  TRP n 
1 29  ALA n 
1 30  PHE n 
1 31  SER n 
1 32  SER n 
1 33  VAL n 
1 34  GLY n 
1 35  ALA n 
1 36  LEU n 
1 37  GLU n 
1 38  GLY n 
1 39  GLN n 
1 40  LEU n 
1 41  LYS n 
1 42  LYS n 
1 43  LYS n 
1 44  THR n 
1 45  GLY n 
1 46  LYS n 
1 47  LEU n 
1 48  LEU n 
1 49  ASN n 
1 50  LEU n 
1 51  SER n 
1 52  PRO n 
1 53  GLN n 
1 54  ASN n 
1 55  LEU n 
1 56  VAL n 
1 57  ASP n 
1 58  CYS n 
1 59  VAL n 
1 60  SER n 
1 61  GLU n 
1 62  ASN n 
1 63  ASP n 
1 64  GLY n 
1 65  CYS n 
1 66  GLY n 
1 67  GLY n 
1 68  GLY n 
1 69  TYR n 
1 70  MET n 
1 71  THR n 
1 72  ASN n 
1 73  ALA n 
1 74  PHE n 
1 75  GLN n 
1 76  TYR n 
1 77  VAL n 
1 78  GLN n 
1 79  LYS n 
1 80  ASN n 
1 81  ARG n 
1 82  GLY n 
1 83  ILE n 
1 84  ASP n 
1 85  SER n 
1 86  GLU n 
1 87  ASP n 
1 88  ALA n 
1 89  TYR n 
1 90  PRO n 
1 91  TYR n 
1 92  VAL n 
1 93  GLY n 
1 94  GLN n 
1 95  GLU n 
1 96  GLU n 
1 97  SER n 
1 98  CYS n 
1 99  MET n 
1 100 TYR n 
1 101 ASN n 
1 102 PRO n 
1 103 THR n 
1 104 GLY n 
1 105 LYS n 
1 106 ALA n 
1 107 ALA n 
1 108 LYS n 
1 109 CYS n 
1 110 ARG n 
1 111 GLY n 
1 112 TYR n 
1 113 ARG n 
1 114 GLU n 
1 115 ILE n 
1 116 PRO n 
1 117 GLU n 
1 118 GLY n 
1 119 ASN n 
1 120 GLU n 
1 121 LYS n 
1 122 ALA n 
1 123 LEU n 
1 124 LYS n 
1 125 ARG n 
1 126 ALA n 
1 127 VAL n 
1 128 ALA n 
1 129 ARG n 
1 130 VAL n 
1 131 GLY n 
1 132 PRO n 
1 133 VAL n 
1 134 SER n 
1 135 VAL n 
1 136 ALA n 
1 137 ILE n 
1 138 ASP n 
1 139 ALA n 
1 140 SER n 
1 141 LEU n 
1 142 THR n 
1 143 SER n 
1 144 PHE n 
1 145 GLN n 
1 146 PHE n 
1 147 TYR n 
1 148 SER n 
1 149 LYS n 
1 150 GLY n 
1 151 VAL n 
1 152 TYR n 
1 153 TYR n 
1 154 ASP n 
1 155 GLU n 
1 156 SER n 
1 157 CYS n 
1 158 ASN n 
1 159 SER n 
1 160 ASP n 
1 161 ASN n 
1 162 LEU n 
1 163 ASN n 
1 164 HIS n 
1 165 ALA n 
1 166 VAL n 
1 167 LEU n 
1 168 ALA n 
1 169 VAL n 
1 170 GLY n 
1 171 TYR n 
1 172 GLY n 
1 173 ILE n 
1 174 GLN n 
1 175 LYS n 
1 176 GLY n 
1 177 ASN n 
1 178 LYS n 
1 179 HIS n 
1 180 TRP n 
1 181 ILE n 
1 182 ILE n 
1 183 LYS n 
1 184 ASN n 
1 185 SER n 
1 186 TRP n 
1 187 GLY n 
1 188 GLU n 
1 189 ASN n 
1 190 TRP n 
1 191 GLY n 
1 192 ASN n 
1 193 LYS n 
1 194 GLY n 
1 195 TYR n 
1 196 ILE n 
1 197 LEU n 
1 198 MET n 
1 199 ALA n 
1 200 ARG n 
1 201 ASN n 
1 202 LYS n 
1 203 ASN n 
1 204 ASN n 
1 205 ALA n 
1 206 CYS n 
1 207 GLY n 
1 208 ILE n 
1 209 ALA n 
1 210 ASN n 
1 211 LEU n 
1 212 ALA n 
1 213 SER n 
1 214 PHE n 
1 215 PRO n 
1 216 LYS n 
1 217 MET n 
# 
_entity_src_gen.entity_id                          1 
_entity_src_gen.pdbx_src_id                        1 
_entity_src_gen.pdbx_alt_source_flag               sample 
_entity_src_gen.pdbx_seq_type                      ? 
_entity_src_gen.pdbx_beg_seq_num                   ? 
_entity_src_gen.pdbx_end_seq_num                   ? 
_entity_src_gen.gene_src_common_name               human 
_entity_src_gen.gene_src_genus                     Homo 
_entity_src_gen.pdbx_gene_src_gene                 ? 
_entity_src_gen.gene_src_species                   ? 
_entity_src_gen.gene_src_strain                    ? 
_entity_src_gen.gene_src_tissue                    ? 
_entity_src_gen.gene_src_tissue_fraction           ? 
_entity_src_gen.gene_src_details                   ? 
_entity_src_gen.pdbx_gene_src_fragment             ? 
_entity_src_gen.pdbx_gene_src_scientific_name      'Homo sapiens' 
_entity_src_gen.pdbx_gene_src_ncbi_taxonomy_id     9606 
_entity_src_gen.pdbx_gene_src_variant              ? 
_entity_src_gen.pdbx_gene_src_cell_line            ? 
_entity_src_gen.pdbx_gene_src_atcc                 ? 
_entity_src_gen.pdbx_gene_src_organ                ? 
_entity_src_gen.pdbx_gene_src_organelle            ? 
_entity_src_gen.pdbx_gene_src_cell                 ? 
_entity_src_gen.pdbx_gene_src_cellular_location    ? 
_entity_src_gen.host_org_common_name               'fall armyworm' 
_entity_src_gen.pdbx_host_org_scientific_name      'Spodoptera frugiperda' 
_entity_src_gen.pdbx_host_org_ncbi_taxonomy_id     7108 
_entity_src_gen.host_org_genus                     Spodoptera 
_entity_src_gen.pdbx_host_org_gene                 ? 
_entity_src_gen.pdbx_host_org_organ                ? 
_entity_src_gen.host_org_species                   ? 
_entity_src_gen.pdbx_host_org_tissue               ? 
_entity_src_gen.pdbx_host_org_tissue_fraction      ? 
_entity_src_gen.pdbx_host_org_strain               ? 
_entity_src_gen.pdbx_host_org_variant              ? 
_entity_src_gen.pdbx_host_org_cell_line            SF21 
_entity_src_gen.pdbx_host_org_atcc                 ? 
_entity_src_gen.pdbx_host_org_culture_collection   ? 
_entity_src_gen.pdbx_host_org_cell                 ? 
_entity_src_gen.pdbx_host_org_organelle            ? 
_entity_src_gen.pdbx_host_org_cellular_location    ? 
_entity_src_gen.pdbx_host_org_vector_type          baculovirus 
_entity_src_gen.pdbx_host_org_vector               pMBac-HC9 
_entity_src_gen.host_org_details                   ? 
_entity_src_gen.expression_system_id               ? 
_entity_src_gen.plasmid_name                       ? 
_entity_src_gen.plasmid_details                    ? 
_entity_src_gen.pdbx_description                   ? 
# 
loop_
_chem_comp.id 
_chem_comp.type 
_chem_comp.mon_nstd_flag 
_chem_comp.name 
_chem_comp.pdbx_synonyms 
_chem_comp.formula 
_chem_comp.formula_weight 
ALA 'L-peptide linking' y ALANINE                                                                             ?          
'C3 H7 N O2'     89.093  
ARG 'L-peptide linking' y ARGININE                                                                            ?          
'C6 H15 N4 O2 1' 175.209 
ASN 'L-peptide linking' y ASPARAGINE                                                                          ?          
'C4 H8 N2 O3'    132.118 
ASP 'L-peptide linking' y 'ASPARTIC ACID'                                                                     ?          
'C4 H7 N O4'     133.103 
CYS 'L-peptide linking' y CYSTEINE                                                                            ?          
'C3 H7 N O2 S'   121.158 
GLN 'L-peptide linking' y GLUTAMINE                                                                           ?          
'C5 H10 N2 O3'   146.144 
GLU 'L-peptide linking' y 'GLUTAMIC ACID'                                                                     ?          
'C5 H9 N O4'     147.129 
GLY 'peptide linking'   y GLYCINE                                                                             ?          
'C2 H5 N O2'     75.067  
HIS 'L-peptide linking' y HISTIDINE                                                                           ?          
'C6 H10 N3 O2 1' 156.162 
HOH non-polymer         . WATER                                                                               ?          'H2 O' 
18.015  
IHE non-polymer         . '6-(CYCLOHEXYLAMINO)-9-[2-(4-METHYLPIPERAZIN-1-YL)-ETHYL]-9H-PURINE-2-CARBONITRILE' NVP-ABE854 
'C19 H28 N8'     368.479 
ILE 'L-peptide linking' y ISOLEUCINE                                                                          ?          
'C6 H13 N O2'    131.173 
LEU 'L-peptide linking' y LEUCINE                                                                             ?          
'C6 H13 N O2'    131.173 
LYS 'L-peptide linking' y LYSINE                                                                              ?          
'C6 H15 N2 O2 1' 147.195 
MET 'L-peptide linking' y METHIONINE                                                                          ?          
'C5 H11 N O2 S'  149.211 
PHE 'L-peptide linking' y PHENYLALANINE                                                                       ?          
'C9 H11 N O2'    165.189 
PRO 'L-peptide linking' y PROLINE                                                                             ?          
'C5 H9 N O2'     115.130 
SER 'L-peptide linking' y SERINE                                                                              ?          
'C3 H7 N O3'     105.093 
THR 'L-peptide linking' y THREONINE                                                                           ?          
'C4 H9 N O3'     119.119 
TRP 'L-peptide linking' y TRYPTOPHAN                                                                          ?          
'C11 H12 N2 O2'  204.225 
TYR 'L-peptide linking' y TYROSINE                                                                            ?          
'C9 H11 N O3'    181.189 
VAL 'L-peptide linking' y VALINE                                                                              ?          
'C5 H11 N O2'    117.146 
# 
loop_
_pdbx_poly_seq_scheme.asym_id 
_pdbx_poly_seq_scheme.entity_id 
_pdbx_poly_seq_scheme.seq_id 
_pdbx_poly_seq_scheme.mon_id 
_pdbx_poly_seq_scheme.ndb_seq_num 
_pdbx_poly_seq_scheme.pdb_seq_num 
_pdbx_poly_seq_scheme.auth_seq_num 
_pdbx_poly_seq_scheme.pdb_mon_id 
_pdbx_poly_seq_scheme.auth_mon_id 
_pdbx_poly_seq_scheme.pdb_strand_id 
_pdbx_poly_seq_scheme.pdb_ins_code 
_pdbx_poly_seq_scheme.hetero 
A 1 1   GLY 1   -1  ?   ?   ?   A . n 
A 1 2   ARG 2   0   ?   ?   ?   A . n 
A 1 3   ALA 3   1   1   ALA ALA A . n 
A 1 4   PRO 4   2   2   PRO PRO A . n 
A 1 5   ASP 5   3   3   ASP ASP A . n 
A 1 6   SER 6   4   4   SER SER A . n 
A 1 7   VAL 7   5   5   VAL VAL A . n 
A 1 8   ASP 8   6   6   ASP ASP A . n 
A 1 9   TYR 9   7   7   TYR TYR A . n 
A 1 10  ARG 10  8   8   ARG ARG A . n 
A 1 11  LYS 11  9   9   LYS LYS A . n 
A 1 12  LYS 12  10  10  LYS LYS A . n 
A 1 13  GLY 13  11  11  GLY GLY A . n 
A 1 14  TYR 14  12  12  TYR TYR A . n 
A 1 15  VAL 15  13  13  VAL VAL A . n 
A 1 16  THR 16  14  14  THR THR A . n 
A 1 17  PRO 17  15  15  PRO PRO A . n 
A 1 18  VAL 18  16  16  VAL VAL A . n 
A 1 19  LYS 19  17  17  LYS LYS A . n 
A 1 20  ASN 20  18  18  ASN ASN A . n 
A 1 21  GLN 21  19  19  GLN GLN A . n 
A 1 22  GLY 22  20  20  GLY GLY A . n 
A 1 23  GLN 23  21  21  GLN GLN A . n 
A 1 24  CYS 24  22  22  CYS CYS A . n 
A 1 25  GLY 25  23  23  GLY GLY A . n 
A 1 26  SER 26  24  24  SER SER A . n 
A 1 27  CYS 27  25  25  CYS CYS A . n 
A 1 28  TRP 28  26  26  TRP TRP A . n 
A 1 29  ALA 29  27  27  ALA ALA A . n 
A 1 30  PHE 30  28  28  PHE PHE A . n 
A 1 31  SER 31  29  29  SER SER A . n 
A 1 32  SER 32  30  30  SER SER A . n 
A 1 33  VAL 33  31  31  VAL VAL A . n 
A 1 34  GLY 34  32  32  GLY GLY A . n 
A 1 35  ALA 35  33  33  ALA ALA A . n 
A 1 36  LEU 36  34  34  LEU LEU A . n 
A 1 37  GLU 37  35  35  GLU GLU A . n 
A 1 38  GLY 38  36  36  GLY GLY A . n 
A 1 39  GLN 39  37  37  GLN GLN A . n 
A 1 40  LEU 40  38  38  LEU LEU A . n 
A 1 41  LYS 41  39  39  LYS LYS A . n 
A 1 42  LYS 42  40  40  LYS LYS A . n 
A 1 43  LYS 43  41  41  LYS LYS A . n 
A 1 44  THR 44  42  42  THR THR A . n 
A 1 45  GLY 45  43  43  GLY GLY A . n 
A 1 46  LYS 46  44  44  LYS LYS A . n 
A 1 47  LEU 47  45  45  LEU LEU A . n 
A 1 48  LEU 48  46  46  LEU LEU A . n 
A 1 49  ASN 49  47  47  ASN ASN A . n 
A 1 50  LEU 50  48  48  LEU LEU A . n 
A 1 51  SER 51  49  49  SER SER A . n 
A 1 52  PRO 52  50  50  PRO PRO A . n 
A 1 53  GLN 53  51  51  GLN GLN A . n 
A 1 54  ASN 54  52  52  ASN ASN A . n 
A 1 55  LEU 55  53  53  LEU LEU A . n 
A 1 56  VAL 56  54  54  VAL VAL A . n 
A 1 57  ASP 57  55  55  ASP ASP A . n 
A 1 58  CYS 58  56  56  CYS CYS A . n 
A 1 59  VAL 59  57  57  VAL VAL A . n 
A 1 60  SER 60  58  58  SER SER A . n 
A 1 61  GLU 61  59  59  GLU GLU A . n 
A 1 62  ASN 62  60  60  ASN ASN A . n 
A 1 63  ASP 63  61  61  ASP ASP A . n 
A 1 64  GLY 64  62  62  GLY GLY A . n 
A 1 65  CYS 65  63  63  CYS CYS A . n 
A 1 66  GLY 66  64  64  GLY GLY A . n 
A 1 67  GLY 67  65  65  GLY GLY A . n 
A 1 68  GLY 68  66  66  GLY GLY A . n 
A 1 69  TYR 69  67  67  TYR TYR A . n 
A 1 70  MET 70  68  68  MET MET A . n 
A 1 71  THR 71  69  69  THR THR A . n 
A 1 72  ASN 72  70  70  ASN ASN A . n 
A 1 73  ALA 73  71  71  ALA ALA A . n 
A 1 74  PHE 74  72  72  PHE PHE A . n 
A 1 75  GLN 75  73  73  GLN GLN A . n 
A 1 76  TYR 76  74  74  TYR TYR A . n 
A 1 77  VAL 77  75  75  VAL VAL A . n 
A 1 78  GLN 78  76  76  GLN GLN A . n 
A 1 79  LYS 79  77  77  LYS LYS A . n 
A 1 80  ASN 80  78  78  ASN ASN A . n 
A 1 81  ARG 81  79  79  ARG ARG A . n 
A 1 82  GLY 82  80  80  GLY GLY A . n 
A 1 83  ILE 83  81  81  ILE ILE A . n 
A 1 84  ASP 84  82  82  ASP ASP A . n 
A 1 85  SER 85  83  83  SER SER A . n 
A 1 86  GLU 86  84  84  GLU GLU A . n 
A 1 87  ASP 87  85  85  ASP ASP A . n 
A 1 88  ALA 88  86  86  ALA ALA A . n 
A 1 89  TYR 89  87  87  TYR TYR A . n 
A 1 90  PRO 90  88  88  PRO PRO A . n 
A 1 91  TYR 91  89  89  TYR TYR A . n 
A 1 92  VAL 92  90  90  VAL VAL A . n 
A 1 93  GLY 93  91  91  GLY GLY A . n 
A 1 94  GLN 94  92  92  GLN GLN A . n 
A 1 95  GLU 95  93  93  GLU GLU A . n 
A 1 96  GLU 96  94  94  GLU GLU A . n 
A 1 97  SER 97  95  95  SER SER A . n 
A 1 98  CYS 98  96  96  CYS CYS A . n 
A 1 99  MET 99  97  97  MET MET A . n 
A 1 100 TYR 100 98  98  TYR TYR A . n 
A 1 101 ASN 101 99  99  ASN ASN A . n 
A 1 102 PRO 102 100 100 PRO PRO A . n 
A 1 103 THR 103 101 101 THR THR A . n 
A 1 104 GLY 104 102 102 GLY GLY A . n 
A 1 105 LYS 105 103 103 LYS LYS A . n 
A 1 106 ALA 106 104 104 ALA ALA A . n 
A 1 107 ALA 107 105 105 ALA ALA A . n 
A 1 108 LYS 108 106 106 LYS LYS A . n 
A 1 109 CYS 109 107 107 CYS CYS A . n 
A 1 110 ARG 110 108 108 ARG ARG A . n 
A 1 111 GLY 111 109 109 GLY GLY A . n 
A 1 112 TYR 112 110 110 TYR TYR A . n 
A 1 113 ARG 113 111 111 ARG ARG A . n 
A 1 114 GLU 114 112 112 GLU GLU A . n 
A 1 115 ILE 115 113 113 ILE ILE A . n 
A 1 116 PRO 116 114 114 PRO PRO A . n 
A 1 117 GLU 117 115 115 GLU GLU A . n 
A 1 118 GLY 118 116 116 GLY GLY A . n 
A 1 119 ASN 119 117 117 ASN ASN A . n 
A 1 120 GLU 120 118 118 GLU GLU A . n 
A 1 121 LYS 121 119 119 LYS LYS A . n 
A 1 122 ALA 122 120 120 ALA ALA A . n 
A 1 123 LEU 123 121 121 LEU LEU A . n 
A 1 124 LYS 124 122 122 LYS LYS A . n 
A 1 125 ARG 125 123 123 ARG ARG A . n 
A 1 126 ALA 126 124 124 ALA ALA A . n 
A 1 127 VAL 127 125 125 VAL VAL A . n 
A 1 128 ALA 128 126 126 ALA ALA A . n 
A 1 129 ARG 129 127 127 ARG ARG A . n 
A 1 130 VAL 130 128 128 VAL VAL A . n 
A 1 131 GLY 131 129 129 GLY GLY A . n 
A 1 132 PRO 132 130 130 PRO PRO A . n 
A 1 133 VAL 133 131 131 VAL VAL A . n 
A 1 134 SER 134 132 132 SER SER A . n 
A 1 135 VAL 135 133 133 VAL VAL A . n 
A 1 136 ALA 136 134 134 ALA ALA A . n 
A 1 137 ILE 137 135 135 ILE ILE A . n 
A 1 138 ASP 138 136 136 ASP ASP A . n 
A 1 139 ALA 139 137 137 ALA ALA A . n 
A 1 140 SER 140 138 138 SER SER A . n 
A 1 141 LEU 141 139 139 LEU LEU A . n 
A 1 142 THR 142 140 140 THR THR A . n 
A 1 143 SER 143 141 141 SER SER A . n 
A 1 144 PHE 144 142 142 PHE PHE A . n 
A 1 145 GLN 145 143 143 GLN GLN A . n 
A 1 146 PHE 146 144 144 PHE PHE A . n 
A 1 147 TYR 147 145 145 TYR TYR A . n 
A 1 148 SER 148 146 146 SER SER A . n 
A 1 149 LYS 149 147 147 LYS LYS A . n 
A 1 150 GLY 150 148 148 GLY GLY A . n 
A 1 151 VAL 151 149 149 VAL VAL A . n 
A 1 152 TYR 152 150 150 TYR TYR A . n 
A 1 153 TYR 153 151 151 TYR TYR A . n 
A 1 154 ASP 154 152 152 ASP ASP A . n 
A 1 155 GLU 155 153 153 GLU GLU A . n 
A 1 156 SER 156 154 154 SER SER A . n 
A 1 157 CYS 157 155 155 CYS CYS A . n 
A 1 158 ASN 158 156 156 ASN ASN A . n 
A 1 159 SER 159 157 157 SER SER A . n 
A 1 160 ASP 160 158 158 ASP ASP A . n 
A 1 161 ASN 161 159 159 ASN ASN A . n 
A 1 162 LEU 162 160 160 LEU LEU A . n 
A 1 163 ASN 163 161 161 ASN ASN A . n 
A 1 164 HIS 164 162 162 HIS HIS A . n 
A 1 165 ALA 165 163 163 ALA ALA A . n 
A 1 166 VAL 166 164 164 VAL VAL A . n 
A 1 167 LEU 167 165 165 LEU LEU A . n 
A 1 168 ALA 168 166 166 ALA ALA A . n 
A 1 169 VAL 169 167 167 VAL VAL A . n 
A 1 170 GLY 170 168 168 GLY GLY A . n 
A 1 171 TYR 171 169 169 TYR TYR A . n 
A 1 172 GLY 172 170 170 GLY GLY A . n 
A 1 173 ILE 173 171 171 ILE ILE A . n 
A 1 174 GLN 174 172 172 GLN GLN A . n 
A 1 175 LYS 175 173 173 LYS LYS A . n 
A 1 176 GLY 176 174 174 GLY GLY A . n 
A 1 177 ASN 177 175 175 ASN ASN A . n 
A 1 178 LYS 178 176 176 LYS LYS A . n 
A 1 179 HIS 179 177 177 HIS HIS A . n 
A 1 180 TRP 180 178 178 TRP TRP A . n 
A 1 181 ILE 181 179 179 ILE ILE A . n 
A 1 182 ILE 182 180 180 ILE ILE A . n 
A 1 183 LYS 183 181 181 LYS LYS A . n 
A 1 184 ASN 184 182 182 ASN ASN A . n 
A 1 185 SER 185 183 183 SER SER A . n 
A 1 186 TRP 186 184 184 TRP TRP A . n 
A 1 187 GLY 187 185 185 GLY GLY A . n 
A 1 188 GLU 188 186 186 GLU GLU A . n 
A 1 189 ASN 189 187 187 ASN ASN A . n 
A 1 190 TRP 190 188 188 TRP TRP A . n 
A 1 191 GLY 191 189 189 GLY GLY A . n 
A 1 192 ASN 192 190 190 ASN ASN A . n 
A 1 193 LYS 193 191 191 LYS LYS A . n 
A 1 194 GLY 194 192 192 GLY GLY A . n 
A 1 195 TYR 195 193 193 TYR TYR A . n 
A 1 196 ILE 196 194 194 ILE ILE A . n 
A 1 197 LEU 197 195 195 LEU LEU A . n 
A 1 198 MET 198 196 196 MET MET A . n 
A 1 199 ALA 199 197 197 ALA ALA A . n 
A 1 200 ARG 200 198 198 ARG ARG A . n 
A 1 201 ASN 201 199 199 ASN ASN A . n 
A 1 202 LYS 202 200 200 LYS LYS A . n 
A 1 203 ASN 203 201 201 ASN ASN A . n 
A 1 204 ASN 204 202 202 ASN ASN A . n 
A 1 205 ALA 205 203 203 ALA ALA A . n 
A 1 206 CYS 206 204 204 CYS CYS A . n 
A 1 207 GLY 207 205 205 GLY GLY A . n 
A 1 208 ILE 208 206 206 ILE ILE A . n 
A 1 209 ALA 209 207 207 ALA ALA A . n 
A 1 210 ASN 210 208 208 ASN ASN A . n 
A 1 211 LEU 211 209 209 LEU LEU A . n 
A 1 212 ALA 212 210 210 ALA ALA A . n 
A 1 213 SER 213 211 211 SER SER A . n 
A 1 214 PHE 214 212 212 PHE PHE A . n 
A 1 215 PRO 215 213 213 PRO PRO A . n 
A 1 216 LYS 216 214 214 LYS LYS A . n 
A 1 217 MET 217 215 215 MET MET A . n 
# 
loop_
_pdbx_nonpoly_scheme.asym_id 
_pdbx_nonpoly_scheme.entity_id 
_pdbx_nonpoly_scheme.mon_id 
_pdbx_nonpoly_scheme.ndb_seq_num 
_pdbx_nonpoly_scheme.pdb_seq_num 
_pdbx_nonpoly_scheme.auth_seq_num 
_pdbx_nonpoly_scheme.pdb_mon_id 
_pdbx_nonpoly_scheme.auth_mon_id 
_pdbx_nonpoly_scheme.pdb_strand_id 
_pdbx_nonpoly_scheme.pdb_ins_code 
B 2 IHE 1  300 300 IHE IHE A . 
C 3 HOH 1  402 402 HOH HOH A . 
C 3 HOH 2  403 403 HOH HOH A . 
C 3 HOH 3  404 404 HOH HOH A . 
C 3 HOH 4  405 405 HOH HOH A . 
C 3 HOH 5  406 406 HOH HOH A . 
C 3 HOH 6  407 407 HOH HOH A . 
C 3 HOH 7  408 408 HOH HOH A . 
C 3 HOH 8  409 409 HOH HOH A . 
C 3 HOH 9  410 410 HOH HOH A . 
C 3 HOH 10 411 411 HOH HOH A . 
C 3 HOH 11 412 412 HOH HOH A . 
C 3 HOH 12 414 414 HOH HOH A . 
C 3 HOH 13 415 415 HOH HOH A . 
C 3 HOH 14 416 416 HOH HOH A . 
C 3 HOH 15 417 417 HOH HOH A . 
C 3 HOH 16 419 419 HOH HOH A . 
C 3 HOH 17 421 421 HOH HOH A . 
C 3 HOH 18 422 422 HOH HOH A . 
C 3 HOH 19 423 423 HOH HOH A . 
C 3 HOH 20 424 424 HOH HOH A . 
C 3 HOH 21 425 425 HOH HOH A . 
C 3 HOH 22 426 426 HOH HOH A . 
C 3 HOH 23 429 429 HOH HOH A . 
C 3 HOH 24 430 430 HOH HOH A . 
C 3 HOH 25 431 431 HOH HOH A . 
C 3 HOH 26 434 434 HOH HOH A . 
C 3 HOH 27 436 436 HOH HOH A . 
C 3 HOH 28 437 437 HOH HOH A . 
C 3 HOH 29 441 441 HOH HOH A . 
C 3 HOH 30 442 442 HOH HOH A . 
C 3 HOH 31 443 443 HOH HOH A . 
C 3 HOH 32 444 444 HOH HOH A . 
C 3 HOH 33 446 446 HOH HOH A . 
C 3 HOH 34 448 448 HOH HOH A . 
C 3 HOH 35 450 450 HOH HOH A . 
C 3 HOH 36 451 451 HOH HOH A . 
C 3 HOH 37 452 452 HOH HOH A . 
C 3 HOH 38 453 453 HOH HOH A . 
C 3 HOH 39 455 455 HOH HOH A . 
C 3 HOH 40 459 459 HOH HOH A . 
C 3 HOH 41 463 463 HOH HOH A . 
C 3 HOH 42 466 466 HOH HOH A . 
C 3 HOH 43 467 467 HOH HOH A . 
C 3 HOH 44 468 468 HOH HOH A . 
C 3 HOH 45 469 469 HOH HOH A . 
C 3 HOH 46 472 472 HOH HOH A . 
C 3 HOH 47 479 479 HOH HOH A . 
C 3 HOH 48 486 486 HOH HOH A . 
C 3 HOH 49 491 491 HOH HOH A . 
C 3 HOH 50 492 492 HOH HOH A . 
C 3 HOH 51 493 493 HOH HOH A . 
C 3 HOH 52 496 496 HOH HOH A . 
C 3 HOH 53 497 497 HOH HOH A . 
C 3 HOH 54 501 501 HOH HOH A . 
C 3 HOH 55 503 503 HOH HOH A . 
C 3 HOH 56 506 506 HOH HOH A . 
C 3 HOH 57 508 508 HOH HOH A . 
C 3 HOH 58 515 515 HOH HOH A . 
C 3 HOH 59 517 517 HOH HOH A . 
C 3 HOH 60 522 522 HOH HOH A . 
C 3 HOH 61 533 533 HOH HOH A . 
C 3 HOH 62 548 548 HOH HOH A . 
C 3 HOH 63 552 552 HOH HOH A . 
C 3 HOH 64 561 561 HOH HOH A . 
C 3 HOH 65 570 570 HOH HOH A . 
C 3 HOH 66 572 572 HOH HOH A . 
C 3 HOH 67 577 577 HOH HOH A . 
C 3 HOH 68 594 594 HOH HOH A . 
C 3 HOH 69 613 613 HOH HOH A . 
C 3 HOH 70 650 650 HOH HOH A . 
C 3 HOH 71 651 651 HOH HOH A . 
C 3 HOH 72 652 652 HOH HOH A . 
C 3 HOH 73 653 653 HOH HOH A . 
C 3 HOH 74 655 655 HOH HOH A . 
C 3 HOH 75 656 656 HOH HOH A . 
C 3 HOH 76 657 657 HOH HOH A . 
C 3 HOH 77 658 658 HOH HOH A . 
C 3 HOH 78 659 659 HOH HOH A . 
C 3 HOH 79 660 660 HOH HOH A . 
C 3 HOH 80 661 661 HOH HOH A . 
C 3 HOH 81 662 662 HOH HOH A . 
# 
loop_
_pdbx_unobs_or_zero_occ_atoms.id 
_pdbx_unobs_or_zero_occ_atoms.PDB_model_num 
_pdbx_unobs_or_zero_occ_atoms.polymer_flag 
_pdbx_unobs_or_zero_occ_atoms.occupancy_flag 
_pdbx_unobs_or_zero_occ_atoms.auth_asym_id 
_pdbx_unobs_or_zero_occ_atoms.auth_comp_id 
_pdbx_unobs_or_zero_occ_atoms.auth_seq_id 
_pdbx_unobs_or_zero_occ_atoms.PDB_ins_code 
_pdbx_unobs_or_zero_occ_atoms.auth_atom_id 
_pdbx_unobs_or_zero_occ_atoms.label_alt_id 
_pdbx_unobs_or_zero_occ_atoms.label_asym_id 
_pdbx_unobs_or_zero_occ_atoms.label_comp_id 
_pdbx_unobs_or_zero_occ_atoms.label_seq_id 
_pdbx_unobs_or_zero_occ_atoms.label_atom_id 
1  1 Y 1 A LYS 41  ? CG  ? A LYS 43  CG  
2  1 Y 1 A LYS 41  ? CD  ? A LYS 43  CD  
3  1 Y 1 A LYS 41  ? CE  ? A LYS 43  CE  
4  1 Y 1 A LYS 41  ? NZ  ? A LYS 43  NZ  
5  1 Y 1 A LYS 77  ? CG  ? A LYS 79  CG  
6  1 Y 1 A LYS 77  ? CD  ? A LYS 79  CD  
7  1 Y 1 A LYS 77  ? CE  ? A LYS 79  CE  
8  1 Y 1 A LYS 77  ? NZ  ? A LYS 79  NZ  
9  1 Y 1 A LYS 119 ? CG  ? A LYS 121 CG  
10 1 Y 1 A LYS 119 ? CD  ? A LYS 121 CD  
11 1 Y 1 A LYS 119 ? CE  ? A LYS 121 CE  
12 1 Y 1 A LYS 119 ? NZ  ? A LYS 121 NZ  
13 1 Y 1 A ARG 127 ? CG  ? A ARG 129 CG  
14 1 Y 1 A ARG 127 ? CD  ? A ARG 129 CD  
15 1 Y 1 A ARG 127 ? NE  ? A ARG 129 NE  
16 1 Y 1 A ARG 127 ? CZ  ? A ARG 129 CZ  
17 1 Y 1 A ARG 127 ? NH1 ? A ARG 129 NH1 
18 1 Y 1 A ARG 127 ? NH2 ? A ARG 129 NH2 
# 
loop_
_software.name 
_software.classification 
_software.version 
_software.citation_id 
_software.pdbx_ordinal 
XDS     'data scaling'   .  ? 1 
AUTOMAR 'data reduction' .  ? 2 
AMoRE   phasing          .  ? 3 
X-PLOR  refinement       98 ? 4 
XDS     'data reduction' .  ? 5 
# 
_cell.entry_id           1U9V 
_cell.length_a           63.200 
_cell.length_b           63.200 
_cell.length_c           113.800 
_cell.angle_alpha        90.00 
_cell.angle_beta         90.00 
_cell.angle_gamma        90.00 
_cell.Z_PDB              8 
_cell.pdbx_unique_axis   ? 
# 
_symmetry.entry_id                         1U9V 
_symmetry.space_group_name_H-M             'P 43 21 2' 
_symmetry.pdbx_full_space_group_name_H-M   ? 
_symmetry.cell_setting                     ? 
_symmetry.Int_Tables_number                96 
_symmetry.space_group_name_Hall            ? 
# 
_exptl.entry_id          1U9V 
_exptl.method            'X-RAY DIFFRACTION' 
_exptl.crystals_number   1 
# 
_exptl_crystal.id                    1 
_exptl_crystal.density_meas          ? 
_exptl_crystal.density_Matthews      2.36 
_exptl_crystal.density_percent_sol   47. 
_exptl_crystal.description           ? 
_exptl_crystal.F_000                 ? 
_exptl_crystal.preparation           ? 
# 
_exptl_crystal_grow.crystal_id      1 
_exptl_crystal_grow.method          'VAPOR DIFFUSION, HANGING DROP' 
_exptl_crystal_grow.temp            293 
_exptl_crystal_grow.temp_details    ? 
_exptl_crystal_grow.pH              8.7 
_exptl_crystal_grow.pdbx_details    'PEG 4000, Tris, magnesium chloride, pH 8.7, VAPOR DIFFUSION, HANGING DROP, temperature 293K' 
_exptl_crystal_grow.pdbx_pH_range   . 
# 
_diffrn.id                     1 
_diffrn.ambient_temp           294 
_diffrn.ambient_temp_details   ? 
_diffrn.crystal_id             1 
# 
_diffrn_detector.diffrn_id              1 
_diffrn_detector.detector               'IMAGE PLATE' 
_diffrn_detector.type                   MARRESEARCH 
_diffrn_detector.pdbx_collection_date   1999-10-28 
_diffrn_detector.details                MONOCHROMATOR 
# 
_diffrn_radiation.diffrn_id                        1 
_diffrn_radiation.wavelength_id                    1 
_diffrn_radiation.pdbx_monochromatic_or_laue_m_l   M 
_diffrn_radiation.monochromator                    GRAPHITE 
_diffrn_radiation.pdbx_diffrn_protocol             'SINGLE WAVELENGTH' 
_diffrn_radiation.pdbx_scattering_type             x-ray 
# 
_diffrn_radiation_wavelength.id           1 
_diffrn_radiation_wavelength.wavelength   1.5418 
_diffrn_radiation_wavelength.wt           1.0 
# 
_diffrn_source.diffrn_id                   1 
_diffrn_source.source                      'ROTATING ANODE' 
_diffrn_source.type                        'ENRAF-NONIUS FR571' 
_diffrn_source.pdbx_synchrotron_site       ? 
_diffrn_source.pdbx_synchrotron_beamline   ? 
_diffrn_source.pdbx_wavelength             1.5418 
_diffrn_source.pdbx_wavelength_list        1.5418 
# 
_reflns.entry_id                     1U9V 
_reflns.observed_criterion_sigma_I   0.0 
_reflns.observed_criterion_sigma_F   0.0 
_reflns.d_resolution_low             35.2 
_reflns.d_resolution_high            2.2 
_reflns.number_obs                   12003 
_reflns.number_all                   12003 
_reflns.percent_possible_obs         99.0 
_reflns.pdbx_Rmerge_I_obs            0.0606 
_reflns.pdbx_Rsym_value              0.0606 
_reflns.pdbx_netI_over_sigmaI        48.76 
_reflns.B_iso_Wilson_estimate        ? 
_reflns.pdbx_redundancy              9.9 
_reflns.R_free_details               ? 
_reflns.limit_h_max                  ? 
_reflns.limit_h_min                  ? 
_reflns.limit_k_max                  ? 
_reflns.limit_k_min                  ? 
_reflns.limit_l_max                  ? 
_reflns.limit_l_min                  ? 
_reflns.observed_criterion_F_max     ? 
_reflns.observed_criterion_F_min     ? 
_reflns.pdbx_chi_squared             ? 
_reflns.pdbx_scaling_rejects         ? 
_reflns.pdbx_diffrn_id               1 
_reflns.pdbx_ordinal                 1 
# 
_reflns_shell.d_res_high             2.2 
_reflns_shell.d_res_low              2.3 
_reflns_shell.percent_possible_all   92.3 
_reflns_shell.Rmerge_I_obs           0.1824 
_reflns_shell.pdbx_Rsym_value        0.1824 
_reflns_shell.meanI_over_sigI_obs    16.60 
_reflns_shell.pdbx_redundancy        9.1 
_reflns_shell.percent_possible_obs   ? 
_reflns_shell.number_unique_all      ? 
_reflns_shell.number_measured_all    ? 
_reflns_shell.number_measured_obs    ? 
_reflns_shell.number_unique_obs      ? 
_reflns_shell.pdbx_chi_squared       ? 
_reflns_shell.pdbx_diffrn_id         ? 
_reflns_shell.pdbx_ordinal           1 
# 
_refine.entry_id                                 1U9V 
_refine.ls_number_reflns_obs                     11927 
_refine.ls_number_reflns_all                     11927 
_refine.pdbx_ls_sigma_I                          ? 
_refine.pdbx_ls_sigma_F                          0.0 
_refine.pdbx_data_cutoff_high_absF               100000. 
_refine.pdbx_data_cutoff_low_absF                0.1 
_refine.pdbx_data_cutoff_high_rms_absF           ? 
_refine.ls_d_res_low                             20.00 
_refine.ls_d_res_high                            2.2 
_refine.ls_percent_reflns_obs                    97.0 
_refine.ls_R_factor_obs                          0.17 
_refine.ls_R_factor_all                          0.173 
_refine.ls_R_factor_R_work                       0.17 
_refine.ls_R_factor_R_free                       0.231 
_refine.ls_R_factor_R_free_error                 ? 
_refine.ls_R_factor_R_free_error_details         ? 
_refine.ls_percent_reflns_R_free                 4.7 
_refine.ls_number_reflns_R_free                  563 
_refine.ls_number_parameters                     ? 
_refine.ls_number_restraints                     ? 
_refine.occupancy_min                            ? 
_refine.occupancy_max                            ? 
_refine.correlation_coeff_Fo_to_Fc               ? 
_refine.correlation_coeff_Fo_to_Fc_free          ? 
_refine.B_iso_mean                               21.27 
_refine.aniso_B[1][1]                            ? 
_refine.aniso_B[2][2]                            ? 
_refine.aniso_B[3][3]                            ? 
_refine.aniso_B[1][2]                            ? 
_refine.aniso_B[1][3]                            ? 
_refine.aniso_B[2][3]                            ? 
_refine.solvent_model_details                    ? 
_refine.solvent_model_param_ksol                 ? 
_refine.solvent_model_param_bsol                 ? 
_refine.pdbx_solvent_vdw_probe_radii             ? 
_refine.pdbx_solvent_ion_probe_radii             ? 
_refine.pdbx_solvent_shrinkage_radii             ? 
_refine.pdbx_ls_cross_valid_method               ? 
_refine.details                                  ? 
_refine.pdbx_starting_model                      'PDB ENTRY 1MEM' 
_refine.pdbx_method_to_determine_struct          'MOLECULAR REPLACEMENT' 
_refine.pdbx_isotropic_thermal_model             ? 
_refine.pdbx_stereochemistry_target_values       'Engh & Huber' 
_refine.pdbx_stereochem_target_val_spec_case     ? 
_refine.pdbx_R_Free_selection_details            RANDOM 
_refine.pdbx_overall_ESU_R                       ? 
_refine.pdbx_overall_ESU_R_Free                  ? 
_refine.overall_SU_ML                            ? 
_refine.overall_SU_B                             ? 
_refine.ls_redundancy_reflns_obs                 ? 
_refine.B_iso_min                                ? 
_refine.B_iso_max                                ? 
_refine.overall_SU_R_Cruickshank_DPI             ? 
_refine.overall_SU_R_free                        ? 
_refine.ls_wR_factor_R_free                      ? 
_refine.ls_wR_factor_R_work                      ? 
_refine.overall_FOM_free_R_set                   ? 
_refine.overall_FOM_work_R_set                   ? 
_refine.pdbx_refine_id                           'X-RAY DIFFRACTION' 
_refine.pdbx_diffrn_id                           1 
_refine.pdbx_TLS_residual_ADP_flag               ? 
_refine.pdbx_overall_phase_error                 ? 
_refine.pdbx_overall_SU_R_free_Cruickshank_DPI   ? 
_refine.pdbx_overall_SU_R_Blow_DPI               ? 
_refine.pdbx_overall_SU_R_free_Blow_DPI          ? 
# 
_refine_hist.pdbx_refine_id                   'X-RAY DIFFRACTION' 
_refine_hist.cycle_id                         LAST 
_refine_hist.pdbx_number_atoms_protein        1631 
_refine_hist.pdbx_number_atoms_nucleic_acid   0 
_refine_hist.pdbx_number_atoms_ligand         27 
_refine_hist.number_atoms_solvent             81 
_refine_hist.number_atoms_total               1739 
_refine_hist.d_res_high                       2.2 
_refine_hist.d_res_low                        20.00 
# 
loop_
_refine_ls_restr.type 
_refine_ls_restr.dev_ideal 
_refine_ls_restr.dev_ideal_target 
_refine_ls_restr.weight 
_refine_ls_restr.number 
_refine_ls_restr.pdbx_refine_id 
_refine_ls_restr.pdbx_restraint_function 
x_bond_d           0.013 ? ? ? 'X-RAY DIFFRACTION' ? 
x_angle_deg        1.562 ? ? ? 'X-RAY DIFFRACTION' ? 
x_dihedral_angle_d 25.84 ? ? ? 'X-RAY DIFFRACTION' ? 
x_improper_angle_d 0.845 ? ? ? 'X-RAY DIFFRACTION' ? 
# 
_pdbx_xplor_file.serial_no        1 
_pdbx_xplor_file.param_file       PARHCSDX.PRO 
_pdbx_xplor_file.topol_file       TOPHCSDX.PRO 
_pdbx_xplor_file.pdbx_refine_id   'X-RAY DIFFRACTION' 
# 
_struct.entry_id                  1U9V 
_struct.title                     
'Crystal Structure of the Cysteine Protease Human Cathepsin K in Complex with the Covalent Inhibitor NVP-ABE854' 
_struct.pdbx_model_details        ? 
_struct.pdbx_CASP_flag            ? 
_struct.pdbx_model_type_details   ? 
# 
_struct_keywords.entry_id        1U9V 
_struct_keywords.pdbx_keywords   HYDROLASE 
_struct_keywords.text            'HYDROLASE, SULFHYDRYL PROTEINASE' 
# 
loop_
_struct_asym.id 
_struct_asym.pdbx_blank_PDB_chainid_flag 
_struct_asym.pdbx_modified 
_struct_asym.entity_id 
_struct_asym.details 
A N N 1 ? 
B N N 2 ? 
C N N 3 ? 
# 
_struct_ref.id                         1 
_struct_ref.db_name                    UNP 
_struct_ref.db_code                    CATK_HUMAN 
_struct_ref.pdbx_db_accession          P43235 
_struct_ref.entity_id                  1 
_struct_ref.pdbx_seq_one_letter_code   
;GRAPDSVDYRKKGYVTPVKNQGQCGSCWAFSSVGALEGQLKKKTGKLLNLSPQNLVDCVSENDGCGGGYMTNAFQYVQKN
RGIDSEDAYPYVGQEESCMYNPTGKAAKCRGYREIPEGNEKALKRAVARVGPVSVAIDASLTSFQFYSKGVYYDESCNSD
NLNHAVLAVGYGIQKGNKHWIIKNSWGENWGNKGYILMARNKNNACGIANLASFPKM
;
_struct_ref.pdbx_align_begin           113 
_struct_ref.pdbx_db_isoform            ? 
# 
_struct_ref_seq.align_id                      1 
_struct_ref_seq.ref_id                        1 
_struct_ref_seq.pdbx_PDB_id_code              1U9V 
_struct_ref_seq.pdbx_strand_id                A 
_struct_ref_seq.seq_align_beg                 1 
_struct_ref_seq.pdbx_seq_align_beg_ins_code   ? 
_struct_ref_seq.seq_align_end                 217 
_struct_ref_seq.pdbx_seq_align_end_ins_code   ? 
_struct_ref_seq.pdbx_db_accession             P43235 
_struct_ref_seq.db_align_beg                  113 
_struct_ref_seq.pdbx_db_align_beg_ins_code    ? 
_struct_ref_seq.db_align_end                  329 
_struct_ref_seq.pdbx_db_align_end_ins_code    ? 
_struct_ref_seq.pdbx_auth_seq_align_beg       -1 
_struct_ref_seq.pdbx_auth_seq_align_end       215 
# 
_pdbx_struct_assembly.id                   1 
_pdbx_struct_assembly.details              author_defined_assembly 
_pdbx_struct_assembly.method_details       ? 
_pdbx_struct_assembly.oligomeric_details   monomeric 
_pdbx_struct_assembly.oligomeric_count     1 
# 
_pdbx_struct_assembly_gen.assembly_id       1 
_pdbx_struct_assembly_gen.oper_expression   1 
_pdbx_struct_assembly_gen.asym_id_list      A,B,C 
# 
_pdbx_struct_oper_list.id                   1 
_pdbx_struct_oper_list.type                 'identity operation' 
_pdbx_struct_oper_list.name                 1_555 
_pdbx_struct_oper_list.symmetry_operation   x,y,z 
_pdbx_struct_oper_list.matrix[1][1]         1.0000000000 
_pdbx_struct_oper_list.matrix[1][2]         0.0000000000 
_pdbx_struct_oper_list.matrix[1][3]         0.0000000000 
_pdbx_struct_oper_list.vector[1]            0.0000000000 
_pdbx_struct_oper_list.matrix[2][1]         0.0000000000 
_pdbx_struct_oper_list.matrix[2][2]         1.0000000000 
_pdbx_struct_oper_list.matrix[2][3]         0.0000000000 
_pdbx_struct_oper_list.vector[2]            0.0000000000 
_pdbx_struct_oper_list.matrix[3][1]         0.0000000000 
_pdbx_struct_oper_list.matrix[3][2]         0.0000000000 
_pdbx_struct_oper_list.matrix[3][3]         1.0000000000 
_pdbx_struct_oper_list.vector[3]            0.0000000000 
# 
loop_
_struct_conf.conf_type_id 
_struct_conf.id 
_struct_conf.pdbx_PDB_helix_id 
_struct_conf.beg_label_comp_id 
_struct_conf.beg_label_asym_id 
_struct_conf.beg_label_seq_id 
_struct_conf.pdbx_beg_PDB_ins_code 
_struct_conf.end_label_comp_id 
_struct_conf.end_label_asym_id 
_struct_conf.end_label_seq_id 
_struct_conf.pdbx_end_PDB_ins_code 
_struct_conf.beg_auth_comp_id 
_struct_conf.beg_auth_asym_id 
_struct_conf.beg_auth_seq_id 
_struct_conf.end_auth_comp_id 
_struct_conf.end_auth_asym_id 
_struct_conf.end_auth_seq_id 
_struct_conf.pdbx_PDB_helix_class 
_struct_conf.details 
_struct_conf.pdbx_PDB_helix_length 
HELX_P HELX_P1 1 SER A 26  ? GLY A 45  ? SER A 24  GLY A 43  1 ? 20 
HELX_P HELX_P2 2 SER A 51  ? VAL A 59  ? SER A 49  VAL A 57  1 ? 9  
HELX_P HELX_P3 3 ASP A 63  ? GLY A 67  ? ASP A 61  GLY A 65  5 ? 5  
HELX_P HELX_P4 4 TYR A 69  ? ARG A 81  ? TYR A 67  ARG A 79  1 ? 13 
HELX_P HELX_P5 5 ASN A 119 ? VAL A 130 ? ASN A 117 VAL A 128 1 ? 12 
HELX_P HELX_P6 6 LEU A 141 ? PHE A 146 ? LEU A 139 PHE A 144 1 ? 6  
HELX_P HELX_P7 7 ASN A 204 ? ILE A 208 ? ASN A 202 ILE A 206 5 ? 5  
# 
_struct_conf_type.id          HELX_P 
_struct_conf_type.criteria    ? 
_struct_conf_type.reference   ? 
# 
loop_
_struct_conn.id 
_struct_conn.conn_type_id 
_struct_conn.pdbx_leaving_atom_flag 
_struct_conn.pdbx_PDB_id 
_struct_conn.ptnr1_label_asym_id 
_struct_conn.ptnr1_label_comp_id 
_struct_conn.ptnr1_label_seq_id 
_struct_conn.ptnr1_label_atom_id 
_struct_conn.pdbx_ptnr1_label_alt_id 
_struct_conn.pdbx_ptnr1_PDB_ins_code 
_struct_conn.pdbx_ptnr1_standard_comp_id 
_struct_conn.ptnr1_symmetry 
_struct_conn.ptnr2_label_asym_id 
_struct_conn.ptnr2_label_comp_id 
_struct_conn.ptnr2_label_seq_id 
_struct_conn.ptnr2_label_atom_id 
_struct_conn.pdbx_ptnr2_label_alt_id 
_struct_conn.pdbx_ptnr2_PDB_ins_code 
_struct_conn.ptnr1_auth_asym_id 
_struct_conn.ptnr1_auth_comp_id 
_struct_conn.ptnr1_auth_seq_id 
_struct_conn.ptnr2_auth_asym_id 
_struct_conn.ptnr2_auth_comp_id 
_struct_conn.ptnr2_auth_seq_id 
_struct_conn.ptnr2_symmetry 
_struct_conn.pdbx_ptnr3_label_atom_id 
_struct_conn.pdbx_ptnr3_label_seq_id 
_struct_conn.pdbx_ptnr3_label_comp_id 
_struct_conn.pdbx_ptnr3_label_asym_id 
_struct_conn.pdbx_ptnr3_label_alt_id 
_struct_conn.pdbx_ptnr3_PDB_ins_code 
_struct_conn.details 
_struct_conn.pdbx_dist_value 
_struct_conn.pdbx_value_order 
_struct_conn.pdbx_role 
disulf1 disulf ?    ? A CYS 24  SG ? ? ? 1_555 A CYS 65  SG  ? ? A CYS 22  A CYS 63  1_555 ? ? ? ? ? ? ? 2.046 ? ? 
disulf2 disulf ?    ? A CYS 58  SG ? ? ? 1_555 A CYS 98  SG  ? ? A CYS 56  A CYS 96  1_555 ? ? ? ? ? ? ? 2.288 ? ? 
disulf3 disulf ?    ? A CYS 157 SG ? ? ? 1_555 A CYS 206 SG  ? ? A CYS 155 A CYS 204 1_555 ? ? ? ? ? ? ? 2.292 ? ? 
covale1 covale none ? A CYS 27  SG ? ? ? 1_555 B IHE .   C27 ? ? A CYS 25  A IHE 300 1_555 ? ? ? ? ? ? ? 1.767 ? ? 
# 
loop_
_struct_conn_type.id 
_struct_conn_type.criteria 
_struct_conn_type.reference 
disulf ? ? 
covale ? ? 
# 
loop_
_pdbx_modification_feature.ordinal 
_pdbx_modification_feature.label_comp_id 
_pdbx_modification_feature.label_asym_id 
_pdbx_modification_feature.label_seq_id 
_pdbx_modification_feature.label_alt_id 
_pdbx_modification_feature.modified_residue_label_comp_id 
_pdbx_modification_feature.modified_residue_label_asym_id 
_pdbx_modification_feature.modified_residue_label_seq_id 
_pdbx_modification_feature.modified_residue_label_alt_id 
_pdbx_modification_feature.auth_comp_id 
_pdbx_modification_feature.auth_asym_id 
_pdbx_modification_feature.auth_seq_id 
_pdbx_modification_feature.PDB_ins_code 
_pdbx_modification_feature.symmetry 
_pdbx_modification_feature.modified_residue_auth_comp_id 
_pdbx_modification_feature.modified_residue_auth_asym_id 
_pdbx_modification_feature.modified_residue_auth_seq_id 
_pdbx_modification_feature.modified_residue_PDB_ins_code 
_pdbx_modification_feature.modified_residue_symmetry 
_pdbx_modification_feature.comp_id_linking_atom 
_pdbx_modification_feature.modified_residue_id_linking_atom 
_pdbx_modification_feature.modified_residue_id 
_pdbx_modification_feature.ref_pcm_id 
_pdbx_modification_feature.ref_comp_id 
_pdbx_modification_feature.type 
_pdbx_modification_feature.category 
1 IHE B .   ? CYS A 27  ? IHE A 300 ? 1_555 CYS A 25  ? 1_555 C27 SG CYS 1 IHE None 'Covalent chemical modification' 
2 CYS A 24  ? CYS A 65  ? CYS A 22  ? 1_555 CYS A 63  ? 1_555 SG  SG .   . .   None 'Disulfide bridge'               
3 CYS A 58  ? CYS A 98  ? CYS A 56  ? 1_555 CYS A 96  ? 1_555 SG  SG .   . .   None 'Disulfide bridge'               
4 CYS A 157 ? CYS A 206 ? CYS A 155 ? 1_555 CYS A 204 ? 1_555 SG  SG .   . .   None 'Disulfide bridge'               
# 
loop_
_struct_sheet.id 
_struct_sheet.type 
_struct_sheet.number_strands 
_struct_sheet.details 
A ? 3 ? 
B ? 5 ? 
C ? 2 ? 
# 
loop_
_struct_sheet_order.sheet_id 
_struct_sheet_order.range_id_1 
_struct_sheet_order.range_id_2 
_struct_sheet_order.offset 
_struct_sheet_order.sense 
A 1 2 ? anti-parallel 
A 2 3 ? anti-parallel 
B 1 2 ? anti-parallel 
B 2 3 ? anti-parallel 
B 3 4 ? anti-parallel 
B 4 5 ? parallel      
C 1 2 ? anti-parallel 
# 
loop_
_struct_sheet_range.sheet_id 
_struct_sheet_range.id 
_struct_sheet_range.beg_label_comp_id 
_struct_sheet_range.beg_label_asym_id 
_struct_sheet_range.beg_label_seq_id 
_struct_sheet_range.pdbx_beg_PDB_ins_code 
_struct_sheet_range.end_label_comp_id 
_struct_sheet_range.end_label_asym_id 
_struct_sheet_range.end_label_seq_id 
_struct_sheet_range.pdbx_end_PDB_ins_code 
_struct_sheet_range.beg_auth_comp_id 
_struct_sheet_range.beg_auth_asym_id 
_struct_sheet_range.beg_auth_seq_id 
_struct_sheet_range.end_auth_comp_id 
_struct_sheet_range.end_auth_asym_id 
_struct_sheet_range.end_auth_seq_id 
A 1 VAL A 7   ? ASP A 8   ? VAL A 5   ASP A 6   
A 2 HIS A 164 ? GLN A 174 ? HIS A 162 GLN A 172 
A 3 VAL A 133 ? ILE A 137 ? VAL A 131 ILE A 135 
B 1 VAL A 7   ? ASP A 8   ? VAL A 5   ASP A 6   
B 2 HIS A 164 ? GLN A 174 ? HIS A 162 GLN A 172 
B 3 ASN A 177 ? LYS A 183 ? ASN A 175 LYS A 181 
B 4 TYR A 195 ? ALA A 199 ? TYR A 193 ALA A 197 
B 5 VAL A 151 ? TYR A 152 ? VAL A 149 TYR A 150 
C 1 TYR A 112 ? GLU A 114 ? TYR A 110 GLU A 112 
C 2 SER A 213 ? PRO A 215 ? SER A 211 PRO A 213 
# 
loop_
_pdbx_struct_sheet_hbond.sheet_id 
_pdbx_struct_sheet_hbond.range_id_1 
_pdbx_struct_sheet_hbond.range_id_2 
_pdbx_struct_sheet_hbond.range_1_label_atom_id 
_pdbx_struct_sheet_hbond.range_1_label_comp_id 
_pdbx_struct_sheet_hbond.range_1_label_asym_id 
_pdbx_struct_sheet_hbond.range_1_label_seq_id 
_pdbx_struct_sheet_hbond.range_1_PDB_ins_code 
_pdbx_struct_sheet_hbond.range_1_auth_atom_id 
_pdbx_struct_sheet_hbond.range_1_auth_comp_id 
_pdbx_struct_sheet_hbond.range_1_auth_asym_id 
_pdbx_struct_sheet_hbond.range_1_auth_seq_id 
_pdbx_struct_sheet_hbond.range_2_label_atom_id 
_pdbx_struct_sheet_hbond.range_2_label_comp_id 
_pdbx_struct_sheet_hbond.range_2_label_asym_id 
_pdbx_struct_sheet_hbond.range_2_label_seq_id 
_pdbx_struct_sheet_hbond.range_2_PDB_ins_code 
_pdbx_struct_sheet_hbond.range_2_auth_atom_id 
_pdbx_struct_sheet_hbond.range_2_auth_comp_id 
_pdbx_struct_sheet_hbond.range_2_auth_asym_id 
_pdbx_struct_sheet_hbond.range_2_auth_seq_id 
A 1 2 N VAL A 7   ? N VAL A 5   O TYR A 171 ? O TYR A 169 
A 2 3 O HIS A 164 ? O HIS A 162 N ILE A 137 ? N ILE A 135 
B 1 2 N VAL A 7   ? N VAL A 5   O TYR A 171 ? O TYR A 169 
B 2 3 N LEU A 167 ? N LEU A 165 O LYS A 183 ? O LYS A 181 
B 3 4 N ILE A 182 ? N ILE A 180 O ILE A 196 ? O ILE A 194 
B 4 5 O LEU A 197 ? O LEU A 195 N TYR A 152 ? N TYR A 150 
C 1 2 N ARG A 113 ? N ARG A 111 O PHE A 214 ? O PHE A 212 
# 
_struct_site.id                   AC1 
_struct_site.pdbx_evidence_code   Software 
_struct_site.pdbx_auth_asym_id    A 
_struct_site.pdbx_auth_comp_id    IHE 
_struct_site.pdbx_auth_seq_id     300 
_struct_site.pdbx_auth_ins_code   ? 
_struct_site.pdbx_num_residues    14 
_struct_site.details              'BINDING SITE FOR RESIDUE IHE A 300' 
# 
loop_
_struct_site_gen.id 
_struct_site_gen.site_id 
_struct_site_gen.pdbx_num_res 
_struct_site_gen.label_comp_id 
_struct_site_gen.label_asym_id 
_struct_site_gen.label_seq_id 
_struct_site_gen.pdbx_auth_ins_code 
_struct_site_gen.auth_comp_id 
_struct_site_gen.auth_asym_id 
_struct_site_gen.auth_seq_id 
_struct_site_gen.label_atom_id 
_struct_site_gen.label_alt_id 
_struct_site_gen.symmetry 
_struct_site_gen.details 
1  AC1 14 TYR A 14  ? TYR A 12  . ? 3_644 ? 
2  AC1 14 GLN A 21  ? GLN A 19  . ? 1_555 ? 
3  AC1 14 GLY A 25  ? GLY A 23  . ? 1_555 ? 
4  AC1 14 CYS A 27  ? CYS A 25  . ? 1_555 ? 
5  AC1 14 LYS A 42  ? LYS A 40  . ? 3_644 ? 
6  AC1 14 THR A 44  ? THR A 42  . ? 3_644 ? 
7  AC1 14 GLY A 45  ? GLY A 43  . ? 3_644 ? 
8  AC1 14 GLY A 66  ? GLY A 64  . ? 1_555 ? 
9  AC1 14 GLY A 68  ? GLY A 66  . ? 1_555 ? 
10 AC1 14 TYR A 69  ? TYR A 67  . ? 1_555 ? 
11 AC1 14 ALA A 136 ? ALA A 134 . ? 1_555 ? 
12 AC1 14 ASN A 163 ? ASN A 161 . ? 1_555 ? 
13 AC1 14 HIS A 164 ? HIS A 162 . ? 1_555 ? 
14 AC1 14 HOH C .   ? HOH A 650 . ? 1_555 ? 
# 
_pdbx_entry_details.entry_id                   1U9V 
_pdbx_entry_details.compound_details           ? 
_pdbx_entry_details.source_details             ? 
_pdbx_entry_details.nonpolymer_details         ? 
_pdbx_entry_details.sequence_details           ? 
_pdbx_entry_details.has_ligand_of_interest     ? 
_pdbx_entry_details.has_protein_modification   Y 
# 
loop_
_pdbx_validate_torsion.id 
_pdbx_validate_torsion.PDB_model_num 
_pdbx_validate_torsion.auth_comp_id 
_pdbx_validate_torsion.auth_asym_id 
_pdbx_validate_torsion.auth_seq_id 
_pdbx_validate_torsion.PDB_ins_code 
_pdbx_validate_torsion.label_alt_id 
_pdbx_validate_torsion.phi 
_pdbx_validate_torsion.psi 
1 1 GLN A 21  ? ? -95.33  38.26  
2 1 ARG A 79  ? ? 71.17   37.80  
3 1 THR A 101 ? ? -57.49  179.01 
4 1 SER A 146 ? ? -133.24 -39.85 
5 1 ASN A 159 ? ? -116.47 77.16  
6 1 LEU A 209 ? ? -143.93 57.05  
# 
loop_
_pdbx_unobs_or_zero_occ_residues.id 
_pdbx_unobs_or_zero_occ_residues.PDB_model_num 
_pdbx_unobs_or_zero_occ_residues.polymer_flag 
_pdbx_unobs_or_zero_occ_residues.occupancy_flag 
_pdbx_unobs_or_zero_occ_residues.auth_asym_id 
_pdbx_unobs_or_zero_occ_residues.auth_comp_id 
_pdbx_unobs_or_zero_occ_residues.auth_seq_id 
_pdbx_unobs_or_zero_occ_residues.PDB_ins_code 
_pdbx_unobs_or_zero_occ_residues.label_asym_id 
_pdbx_unobs_or_zero_occ_residues.label_comp_id 
_pdbx_unobs_or_zero_occ_residues.label_seq_id 
1 1 Y 1 A GLY -1 ? A GLY 1 
2 1 Y 1 A ARG 0  ? A ARG 2 
# 
loop_
_chem_comp_atom.comp_id 
_chem_comp_atom.atom_id 
_chem_comp_atom.type_symbol 
_chem_comp_atom.pdbx_aromatic_flag 
_chem_comp_atom.pdbx_stereo_config 
_chem_comp_atom.pdbx_ordinal 
ALA N    N N N 1   
ALA CA   C N S 2   
ALA C    C N N 3   
ALA O    O N N 4   
ALA CB   C N N 5   
ALA OXT  O N N 6   
ALA H    H N N 7   
ALA H2   H N N 8   
ALA HA   H N N 9   
ALA HB1  H N N 10  
ALA HB2  H N N 11  
ALA HB3  H N N 12  
ALA HXT  H N N 13  
ARG N    N N N 14  
ARG CA   C N S 15  
ARG C    C N N 16  
ARG O    O N N 17  
ARG CB   C N N 18  
ARG CG   C N N 19  
ARG CD   C N N 20  
ARG NE   N N N 21  
ARG CZ   C N N 22  
ARG NH1  N N N 23  
ARG NH2  N N N 24  
ARG OXT  O N N 25  
ARG H    H N N 26  
ARG H2   H N N 27  
ARG HA   H N N 28  
ARG HB2  H N N 29  
ARG HB3  H N N 30  
ARG HG2  H N N 31  
ARG HG3  H N N 32  
ARG HD2  H N N 33  
ARG HD3  H N N 34  
ARG HE   H N N 35  
ARG HH11 H N N 36  
ARG HH12 H N N 37  
ARG HH21 H N N 38  
ARG HH22 H N N 39  
ARG HXT  H N N 40  
ASN N    N N N 41  
ASN CA   C N S 42  
ASN C    C N N 43  
ASN O    O N N 44  
ASN CB   C N N 45  
ASN CG   C N N 46  
ASN OD1  O N N 47  
ASN ND2  N N N 48  
ASN OXT  O N N 49  
ASN H    H N N 50  
ASN H2   H N N 51  
ASN HA   H N N 52  
ASN HB2  H N N 53  
ASN HB3  H N N 54  
ASN HD21 H N N 55  
ASN HD22 H N N 56  
ASN HXT  H N N 57  
ASP N    N N N 58  
ASP CA   C N S 59  
ASP C    C N N 60  
ASP O    O N N 61  
ASP CB   C N N 62  
ASP CG   C N N 63  
ASP OD1  O N N 64  
ASP OD2  O N N 65  
ASP OXT  O N N 66  
ASP H    H N N 67  
ASP H2   H N N 68  
ASP HA   H N N 69  
ASP HB2  H N N 70  
ASP HB3  H N N 71  
ASP HD2  H N N 72  
ASP HXT  H N N 73  
CYS N    N N N 74  
CYS CA   C N R 75  
CYS C    C N N 76  
CYS O    O N N 77  
CYS CB   C N N 78  
CYS SG   S N N 79  
CYS OXT  O N N 80  
CYS H    H N N 81  
CYS H2   H N N 82  
CYS HA   H N N 83  
CYS HB2  H N N 84  
CYS HB3  H N N 85  
CYS HG   H N N 86  
CYS HXT  H N N 87  
GLN N    N N N 88  
GLN CA   C N S 89  
GLN C    C N N 90  
GLN O    O N N 91  
GLN CB   C N N 92  
GLN CG   C N N 93  
GLN CD   C N N 94  
GLN OE1  O N N 95  
GLN NE2  N N N 96  
GLN OXT  O N N 97  
GLN H    H N N 98  
GLN H2   H N N 99  
GLN HA   H N N 100 
GLN HB2  H N N 101 
GLN HB3  H N N 102 
GLN HG2  H N N 103 
GLN HG3  H N N 104 
GLN HE21 H N N 105 
GLN HE22 H N N 106 
GLN HXT  H N N 107 
GLU N    N N N 108 
GLU CA   C N S 109 
GLU C    C N N 110 
GLU O    O N N 111 
GLU CB   C N N 112 
GLU CG   C N N 113 
GLU CD   C N N 114 
GLU OE1  O N N 115 
GLU OE2  O N N 116 
GLU OXT  O N N 117 
GLU H    H N N 118 
GLU H2   H N N 119 
GLU HA   H N N 120 
GLU HB2  H N N 121 
GLU HB3  H N N 122 
GLU HG2  H N N 123 
GLU HG3  H N N 124 
GLU HE2  H N N 125 
GLU HXT  H N N 126 
GLY N    N N N 127 
GLY CA   C N N 128 
GLY C    C N N 129 
GLY O    O N N 130 
GLY OXT  O N N 131 
GLY H    H N N 132 
GLY H2   H N N 133 
GLY HA2  H N N 134 
GLY HA3  H N N 135 
GLY HXT  H N N 136 
HIS N    N N N 137 
HIS CA   C N S 138 
HIS C    C N N 139 
HIS O    O N N 140 
HIS CB   C N N 141 
HIS CG   C Y N 142 
HIS ND1  N Y N 143 
HIS CD2  C Y N 144 
HIS CE1  C Y N 145 
HIS NE2  N Y N 146 
HIS OXT  O N N 147 
HIS H    H N N 148 
HIS H2   H N N 149 
HIS HA   H N N 150 
HIS HB2  H N N 151 
HIS HB3  H N N 152 
HIS HD1  H N N 153 
HIS HD2  H N N 154 
HIS HE1  H N N 155 
HIS HE2  H N N 156 
HIS HXT  H N N 157 
HOH O    O N N 158 
HOH H1   H N N 159 
HOH H2   H N N 160 
IHE C01  C N N 161 
IHE C02  C N N 162 
IHE N03  N N N 163 
IHE C04  C N N 164 
IHE C05  C N N 165 
IHE N06  N N N 166 
IHE C15  C N N 167 
IHE C16  C N N 168 
IHE C17  C N N 169 
IHE N18  N Y N 170 
IHE C19  C Y N 171 
IHE N20  N Y N 172 
IHE C21  C Y N 173 
IHE N22  N Y N 174 
IHE C23  C Y N 175 
IHE N24  N Y N 176 
IHE C25  C Y N 177 
IHE C26  C Y N 178 
IHE N28  N N N 179 
IHE C29  C N N 180 
IHE C30  C N N 181 
IHE C31  C N N 182 
IHE C32  C N N 183 
IHE C33  C N N 184 
IHE C34  C N N 185 
IHE N35  N N N 186 
IHE C27  C N N 187 
IHE H011 H N N 188 
IHE H012 H N N 189 
IHE H021 H N N 190 
IHE H022 H N N 191 
IHE H041 H N N 192 
IHE H042 H N N 193 
IHE H051 H N N 194 
IHE H052 H N N 195 
IHE H151 H N N 196 
IHE H152 H N N 197 
IHE H153 H N N 198 
IHE H161 H N N 199 
IHE H162 H N N 200 
IHE H171 H N N 201 
IHE H172 H N N 202 
IHE H19  H N N 203 
IHE H28  H N N 204 
IHE H29  H N N 205 
IHE H301 H N N 206 
IHE H302 H N N 207 
IHE H311 H N N 208 
IHE H312 H N N 209 
IHE H321 H N N 210 
IHE H322 H N N 211 
IHE H331 H N N 212 
IHE H332 H N N 213 
IHE H341 H N N 214 
IHE H342 H N N 215 
ILE N    N N N 216 
ILE CA   C N S 217 
ILE C    C N N 218 
ILE O    O N N 219 
ILE CB   C N S 220 
ILE CG1  C N N 221 
ILE CG2  C N N 222 
ILE CD1  C N N 223 
ILE OXT  O N N 224 
ILE H    H N N 225 
ILE H2   H N N 226 
ILE HA   H N N 227 
ILE HB   H N N 228 
ILE HG12 H N N 229 
ILE HG13 H N N 230 
ILE HG21 H N N 231 
ILE HG22 H N N 232 
ILE HG23 H N N 233 
ILE HD11 H N N 234 
ILE HD12 H N N 235 
ILE HD13 H N N 236 
ILE HXT  H N N 237 
LEU N    N N N 238 
LEU CA   C N S 239 
LEU C    C N N 240 
LEU O    O N N 241 
LEU CB   C N N 242 
LEU CG   C N N 243 
LEU CD1  C N N 244 
LEU CD2  C N N 245 
LEU OXT  O N N 246 
LEU H    H N N 247 
LEU H2   H N N 248 
LEU HA   H N N 249 
LEU HB2  H N N 250 
LEU HB3  H N N 251 
LEU HG   H N N 252 
LEU HD11 H N N 253 
LEU HD12 H N N 254 
LEU HD13 H N N 255 
LEU HD21 H N N 256 
LEU HD22 H N N 257 
LEU HD23 H N N 258 
LEU HXT  H N N 259 
LYS N    N N N 260 
LYS CA   C N S 261 
LYS C    C N N 262 
LYS O    O N N 263 
LYS CB   C N N 264 
LYS CG   C N N 265 
LYS CD   C N N 266 
LYS CE   C N N 267 
LYS NZ   N N N 268 
LYS OXT  O N N 269 
LYS H    H N N 270 
LYS H2   H N N 271 
LYS HA   H N N 272 
LYS HB2  H N N 273 
LYS HB3  H N N 274 
LYS HG2  H N N 275 
LYS HG3  H N N 276 
LYS HD2  H N N 277 
LYS HD3  H N N 278 
LYS HE2  H N N 279 
LYS HE3  H N N 280 
LYS HZ1  H N N 281 
LYS HZ2  H N N 282 
LYS HZ3  H N N 283 
LYS HXT  H N N 284 
MET N    N N N 285 
MET CA   C N S 286 
MET C    C N N 287 
MET O    O N N 288 
MET CB   C N N 289 
MET CG   C N N 290 
MET SD   S N N 291 
MET CE   C N N 292 
MET OXT  O N N 293 
MET H    H N N 294 
MET H2   H N N 295 
MET HA   H N N 296 
MET HB2  H N N 297 
MET HB3  H N N 298 
MET HG2  H N N 299 
MET HG3  H N N 300 
MET HE1  H N N 301 
MET HE2  H N N 302 
MET HE3  H N N 303 
MET HXT  H N N 304 
PHE N    N N N 305 
PHE CA   C N S 306 
PHE C    C N N 307 
PHE O    O N N 308 
PHE CB   C N N 309 
PHE CG   C Y N 310 
PHE CD1  C Y N 311 
PHE CD2  C Y N 312 
PHE CE1  C Y N 313 
PHE CE2  C Y N 314 
PHE CZ   C Y N 315 
PHE OXT  O N N 316 
PHE H    H N N 317 
PHE H2   H N N 318 
PHE HA   H N N 319 
PHE HB2  H N N 320 
PHE HB3  H N N 321 
PHE HD1  H N N 322 
PHE HD2  H N N 323 
PHE HE1  H N N 324 
PHE HE2  H N N 325 
PHE HZ   H N N 326 
PHE HXT  H N N 327 
PRO N    N N N 328 
PRO CA   C N S 329 
PRO C    C N N 330 
PRO O    O N N 331 
PRO CB   C N N 332 
PRO CG   C N N 333 
PRO CD   C N N 334 
PRO OXT  O N N 335 
PRO H    H N N 336 
PRO HA   H N N 337 
PRO HB2  H N N 338 
PRO HB3  H N N 339 
PRO HG2  H N N 340 
PRO HG3  H N N 341 
PRO HD2  H N N 342 
PRO HD3  H N N 343 
PRO HXT  H N N 344 
SER N    N N N 345 
SER CA   C N S 346 
SER C    C N N 347 
SER O    O N N 348 
SER CB   C N N 349 
SER OG   O N N 350 
SER OXT  O N N 351 
SER H    H N N 352 
SER H2   H N N 353 
SER HA   H N N 354 
SER HB2  H N N 355 
SER HB3  H N N 356 
SER HG   H N N 357 
SER HXT  H N N 358 
THR N    N N N 359 
THR CA   C N S 360 
THR C    C N N 361 
THR O    O N N 362 
THR CB   C N R 363 
THR OG1  O N N 364 
THR CG2  C N N 365 
THR OXT  O N N 366 
THR H    H N N 367 
THR H2   H N N 368 
THR HA   H N N 369 
THR HB   H N N 370 
THR HG1  H N N 371 
THR HG21 H N N 372 
THR HG22 H N N 373 
THR HG23 H N N 374 
THR HXT  H N N 375 
TRP N    N N N 376 
TRP CA   C N S 377 
TRP C    C N N 378 
TRP O    O N N 379 
TRP CB   C N N 380 
TRP CG   C Y N 381 
TRP CD1  C Y N 382 
TRP CD2  C Y N 383 
TRP NE1  N Y N 384 
TRP CE2  C Y N 385 
TRP CE3  C Y N 386 
TRP CZ2  C Y N 387 
TRP CZ3  C Y N 388 
TRP CH2  C Y N 389 
TRP OXT  O N N 390 
TRP H    H N N 391 
TRP H2   H N N 392 
TRP HA   H N N 393 
TRP HB2  H N N 394 
TRP HB3  H N N 395 
TRP HD1  H N N 396 
TRP HE1  H N N 397 
TRP HE3  H N N 398 
TRP HZ2  H N N 399 
TRP HZ3  H N N 400 
TRP HH2  H N N 401 
TRP HXT  H N N 402 
TYR N    N N N 403 
TYR CA   C N S 404 
TYR C    C N N 405 
TYR O    O N N 406 
TYR CB   C N N 407 
TYR CG   C Y N 408 
TYR CD1  C Y N 409 
TYR CD2  C Y N 410 
TYR CE1  C Y N 411 
TYR CE2  C Y N 412 
TYR CZ   C Y N 413 
TYR OH   O N N 414 
TYR OXT  O N N 415 
TYR H    H N N 416 
TYR H2   H N N 417 
TYR HA   H N N 418 
TYR HB2  H N N 419 
TYR HB3  H N N 420 
TYR HD1  H N N 421 
TYR HD2  H N N 422 
TYR HE1  H N N 423 
TYR HE2  H N N 424 
TYR HH   H N N 425 
TYR HXT  H N N 426 
VAL N    N N N 427 
VAL CA   C N S 428 
VAL C    C N N 429 
VAL O    O N N 430 
VAL CB   C N N 431 
VAL CG1  C N N 432 
VAL CG2  C N N 433 
VAL OXT  O N N 434 
VAL H    H N N 435 
VAL H2   H N N 436 
VAL HA   H N N 437 
VAL HB   H N N 438 
VAL HG11 H N N 439 
VAL HG12 H N N 440 
VAL HG13 H N N 441 
VAL HG21 H N N 442 
VAL HG22 H N N 443 
VAL HG23 H N N 444 
VAL HXT  H N N 445 
# 
loop_
_chem_comp_bond.comp_id 
_chem_comp_bond.atom_id_1 
_chem_comp_bond.atom_id_2 
_chem_comp_bond.value_order 
_chem_comp_bond.pdbx_aromatic_flag 
_chem_comp_bond.pdbx_stereo_config 
_chem_comp_bond.pdbx_ordinal 
ALA N   CA   sing N N 1   
ALA N   H    sing N N 2   
ALA N   H2   sing N N 3   
ALA CA  C    sing N N 4   
ALA CA  CB   sing N N 5   
ALA CA  HA   sing N N 6   
ALA C   O    doub N N 7   
ALA C   OXT  sing N N 8   
ALA CB  HB1  sing N N 9   
ALA CB  HB2  sing N N 10  
ALA CB  HB3  sing N N 11  
ALA OXT HXT  sing N N 12  
ARG N   CA   sing N N 13  
ARG N   H    sing N N 14  
ARG N   H2   sing N N 15  
ARG CA  C    sing N N 16  
ARG CA  CB   sing N N 17  
ARG CA  HA   sing N N 18  
ARG C   O    doub N N 19  
ARG C   OXT  sing N N 20  
ARG CB  CG   sing N N 21  
ARG CB  HB2  sing N N 22  
ARG CB  HB3  sing N N 23  
ARG CG  CD   sing N N 24  
ARG CG  HG2  sing N N 25  
ARG CG  HG3  sing N N 26  
ARG CD  NE   sing N N 27  
ARG CD  HD2  sing N N 28  
ARG CD  HD3  sing N N 29  
ARG NE  CZ   sing N N 30  
ARG NE  HE   sing N N 31  
ARG CZ  NH1  sing N N 32  
ARG CZ  NH2  doub N N 33  
ARG NH1 HH11 sing N N 34  
ARG NH1 HH12 sing N N 35  
ARG NH2 HH21 sing N N 36  
ARG NH2 HH22 sing N N 37  
ARG OXT HXT  sing N N 38  
ASN N   CA   sing N N 39  
ASN N   H    sing N N 40  
ASN N   H2   sing N N 41  
ASN CA  C    sing N N 42  
ASN CA  CB   sing N N 43  
ASN CA  HA   sing N N 44  
ASN C   O    doub N N 45  
ASN C   OXT  sing N N 46  
ASN CB  CG   sing N N 47  
ASN CB  HB2  sing N N 48  
ASN CB  HB3  sing N N 49  
ASN CG  OD1  doub N N 50  
ASN CG  ND2  sing N N 51  
ASN ND2 HD21 sing N N 52  
ASN ND2 HD22 sing N N 53  
ASN OXT HXT  sing N N 54  
ASP N   CA   sing N N 55  
ASP N   H    sing N N 56  
ASP N   H2   sing N N 57  
ASP CA  C    sing N N 58  
ASP CA  CB   sing N N 59  
ASP CA  HA   sing N N 60  
ASP C   O    doub N N 61  
ASP C   OXT  sing N N 62  
ASP CB  CG   sing N N 63  
ASP CB  HB2  sing N N 64  
ASP CB  HB3  sing N N 65  
ASP CG  OD1  doub N N 66  
ASP CG  OD2  sing N N 67  
ASP OD2 HD2  sing N N 68  
ASP OXT HXT  sing N N 69  
CYS N   CA   sing N N 70  
CYS N   H    sing N N 71  
CYS N   H2   sing N N 72  
CYS CA  C    sing N N 73  
CYS CA  CB   sing N N 74  
CYS CA  HA   sing N N 75  
CYS C   O    doub N N 76  
CYS C   OXT  sing N N 77  
CYS CB  SG   sing N N 78  
CYS CB  HB2  sing N N 79  
CYS CB  HB3  sing N N 80  
CYS SG  HG   sing N N 81  
CYS OXT HXT  sing N N 82  
GLN N   CA   sing N N 83  
GLN N   H    sing N N 84  
GLN N   H2   sing N N 85  
GLN CA  C    sing N N 86  
GLN CA  CB   sing N N 87  
GLN CA  HA   sing N N 88  
GLN C   O    doub N N 89  
GLN C   OXT  sing N N 90  
GLN CB  CG   sing N N 91  
GLN CB  HB2  sing N N 92  
GLN CB  HB3  sing N N 93  
GLN CG  CD   sing N N 94  
GLN CG  HG2  sing N N 95  
GLN CG  HG3  sing N N 96  
GLN CD  OE1  doub N N 97  
GLN CD  NE2  sing N N 98  
GLN NE2 HE21 sing N N 99  
GLN NE2 HE22 sing N N 100 
GLN OXT HXT  sing N N 101 
GLU N   CA   sing N N 102 
GLU N   H    sing N N 103 
GLU N   H2   sing N N 104 
GLU CA  C    sing N N 105 
GLU CA  CB   sing N N 106 
GLU CA  HA   sing N N 107 
GLU C   O    doub N N 108 
GLU C   OXT  sing N N 109 
GLU CB  CG   sing N N 110 
GLU CB  HB2  sing N N 111 
GLU CB  HB3  sing N N 112 
GLU CG  CD   sing N N 113 
GLU CG  HG2  sing N N 114 
GLU CG  HG3  sing N N 115 
GLU CD  OE1  doub N N 116 
GLU CD  OE2  sing N N 117 
GLU OE2 HE2  sing N N 118 
GLU OXT HXT  sing N N 119 
GLY N   CA   sing N N 120 
GLY N   H    sing N N 121 
GLY N   H2   sing N N 122 
GLY CA  C    sing N N 123 
GLY CA  HA2  sing N N 124 
GLY CA  HA3  sing N N 125 
GLY C   O    doub N N 126 
GLY C   OXT  sing N N 127 
GLY OXT HXT  sing N N 128 
HIS N   CA   sing N N 129 
HIS N   H    sing N N 130 
HIS N   H2   sing N N 131 
HIS CA  C    sing N N 132 
HIS CA  CB   sing N N 133 
HIS CA  HA   sing N N 134 
HIS C   O    doub N N 135 
HIS C   OXT  sing N N 136 
HIS CB  CG   sing N N 137 
HIS CB  HB2  sing N N 138 
HIS CB  HB3  sing N N 139 
HIS CG  ND1  sing Y N 140 
HIS CG  CD2  doub Y N 141 
HIS ND1 CE1  doub Y N 142 
HIS ND1 HD1  sing N N 143 
HIS CD2 NE2  sing Y N 144 
HIS CD2 HD2  sing N N 145 
HIS CE1 NE2  sing Y N 146 
HIS CE1 HE1  sing N N 147 
HIS NE2 HE2  sing N N 148 
HIS OXT HXT  sing N N 149 
HOH O   H1   sing N N 150 
HOH O   H2   sing N N 151 
IHE C01 C04  sing N N 152 
IHE C01 N06  sing N N 153 
IHE C01 H011 sing N N 154 
IHE C01 H012 sing N N 155 
IHE C02 N03  sing N N 156 
IHE C02 C05  sing N N 157 
IHE C02 H021 sing N N 158 
IHE C02 H022 sing N N 159 
IHE N03 C04  sing N N 160 
IHE N03 C15  sing N N 161 
IHE C04 H041 sing N N 162 
IHE C04 H042 sing N N 163 
IHE C05 N06  sing N N 164 
IHE C05 H051 sing N N 165 
IHE C05 H052 sing N N 166 
IHE N06 C16  sing N N 167 
IHE C15 H151 sing N N 168 
IHE C15 H152 sing N N 169 
IHE C15 H153 sing N N 170 
IHE C16 C17  sing N N 171 
IHE C16 H161 sing N N 172 
IHE C16 H162 sing N N 173 
IHE C17 N18  sing N N 174 
IHE C17 H171 sing N N 175 
IHE C17 H172 sing N N 176 
IHE N18 C19  sing Y N 177 
IHE N18 C21  sing Y N 178 
IHE C19 N20  doub Y N 179 
IHE C19 H19  sing N N 180 
IHE N20 C26  sing Y N 181 
IHE C21 N22  doub Y N 182 
IHE C21 C26  sing Y N 183 
IHE N22 C23  sing Y N 184 
IHE C23 N24  doub Y N 185 
IHE C23 C27  sing N N 186 
IHE N24 C25  sing Y N 187 
IHE C25 C26  doub Y N 188 
IHE C25 N28  sing N N 189 
IHE N28 C29  sing N N 190 
IHE N28 H28  sing N N 191 
IHE C29 C30  sing N N 192 
IHE C29 C34  sing N N 193 
IHE C29 H29  sing N N 194 
IHE C30 C31  sing N N 195 
IHE C30 H301 sing N N 196 
IHE C30 H302 sing N N 197 
IHE C31 C32  sing N N 198 
IHE C31 H311 sing N N 199 
IHE C31 H312 sing N N 200 
IHE C32 C33  sing N N 201 
IHE C32 H321 sing N N 202 
IHE C32 H322 sing N N 203 
IHE C33 C34  sing N N 204 
IHE C33 H331 sing N N 205 
IHE C33 H332 sing N N 206 
IHE C34 H341 sing N N 207 
IHE C34 H342 sing N N 208 
IHE N35 C27  trip N N 209 
ILE N   CA   sing N N 210 
ILE N   H    sing N N 211 
ILE N   H2   sing N N 212 
ILE CA  C    sing N N 213 
ILE CA  CB   sing N N 214 
ILE CA  HA   sing N N 215 
ILE C   O    doub N N 216 
ILE C   OXT  sing N N 217 
ILE CB  CG1  sing N N 218 
ILE CB  CG2  sing N N 219 
ILE CB  HB   sing N N 220 
ILE CG1 CD1  sing N N 221 
ILE CG1 HG12 sing N N 222 
ILE CG1 HG13 sing N N 223 
ILE CG2 HG21 sing N N 224 
ILE CG2 HG22 sing N N 225 
ILE CG2 HG23 sing N N 226 
ILE CD1 HD11 sing N N 227 
ILE CD1 HD12 sing N N 228 
ILE CD1 HD13 sing N N 229 
ILE OXT HXT  sing N N 230 
LEU N   CA   sing N N 231 
LEU N   H    sing N N 232 
LEU N   H2   sing N N 233 
LEU CA  C    sing N N 234 
LEU CA  CB   sing N N 235 
LEU CA  HA   sing N N 236 
LEU C   O    doub N N 237 
LEU C   OXT  sing N N 238 
LEU CB  CG   sing N N 239 
LEU CB  HB2  sing N N 240 
LEU CB  HB3  sing N N 241 
LEU CG  CD1  sing N N 242 
LEU CG  CD2  sing N N 243 
LEU CG  HG   sing N N 244 
LEU CD1 HD11 sing N N 245 
LEU CD1 HD12 sing N N 246 
LEU CD1 HD13 sing N N 247 
LEU CD2 HD21 sing N N 248 
LEU CD2 HD22 sing N N 249 
LEU CD2 HD23 sing N N 250 
LEU OXT HXT  sing N N 251 
LYS N   CA   sing N N 252 
LYS N   H    sing N N 253 
LYS N   H2   sing N N 254 
LYS CA  C    sing N N 255 
LYS CA  CB   sing N N 256 
LYS CA  HA   sing N N 257 
LYS C   O    doub N N 258 
LYS C   OXT  sing N N 259 
LYS CB  CG   sing N N 260 
LYS CB  HB2  sing N N 261 
LYS CB  HB3  sing N N 262 
LYS CG  CD   sing N N 263 
LYS CG  HG2  sing N N 264 
LYS CG  HG3  sing N N 265 
LYS CD  CE   sing N N 266 
LYS CD  HD2  sing N N 267 
LYS CD  HD3  sing N N 268 
LYS CE  NZ   sing N N 269 
LYS CE  HE2  sing N N 270 
LYS CE  HE3  sing N N 271 
LYS NZ  HZ1  sing N N 272 
LYS NZ  HZ2  sing N N 273 
LYS NZ  HZ3  sing N N 274 
LYS OXT HXT  sing N N 275 
MET N   CA   sing N N 276 
MET N   H    sing N N 277 
MET N   H2   sing N N 278 
MET CA  C    sing N N 279 
MET CA  CB   sing N N 280 
MET CA  HA   sing N N 281 
MET C   O    doub N N 282 
MET C   OXT  sing N N 283 
MET CB  CG   sing N N 284 
MET CB  HB2  sing N N 285 
MET CB  HB3  sing N N 286 
MET CG  SD   sing N N 287 
MET CG  HG2  sing N N 288 
MET CG  HG3  sing N N 289 
MET SD  CE   sing N N 290 
MET CE  HE1  sing N N 291 
MET CE  HE2  sing N N 292 
MET CE  HE3  sing N N 293 
MET OXT HXT  sing N N 294 
PHE N   CA   sing N N 295 
PHE N   H    sing N N 296 
PHE N   H2   sing N N 297 
PHE CA  C    sing N N 298 
PHE CA  CB   sing N N 299 
PHE CA  HA   sing N N 300 
PHE C   O    doub N N 301 
PHE C   OXT  sing N N 302 
PHE CB  CG   sing N N 303 
PHE CB  HB2  sing N N 304 
PHE CB  HB3  sing N N 305 
PHE CG  CD1  doub Y N 306 
PHE CG  CD2  sing Y N 307 
PHE CD1 CE1  sing Y N 308 
PHE CD1 HD1  sing N N 309 
PHE CD2 CE2  doub Y N 310 
PHE CD2 HD2  sing N N 311 
PHE CE1 CZ   doub Y N 312 
PHE CE1 HE1  sing N N 313 
PHE CE2 CZ   sing Y N 314 
PHE CE2 HE2  sing N N 315 
PHE CZ  HZ   sing N N 316 
PHE OXT HXT  sing N N 317 
PRO N   CA   sing N N 318 
PRO N   CD   sing N N 319 
PRO N   H    sing N N 320 
PRO CA  C    sing N N 321 
PRO CA  CB   sing N N 322 
PRO CA  HA   sing N N 323 
PRO C   O    doub N N 324 
PRO C   OXT  sing N N 325 
PRO CB  CG   sing N N 326 
PRO CB  HB2  sing N N 327 
PRO CB  HB3  sing N N 328 
PRO CG  CD   sing N N 329 
PRO CG  HG2  sing N N 330 
PRO CG  HG3  sing N N 331 
PRO CD  HD2  sing N N 332 
PRO CD  HD3  sing N N 333 
PRO OXT HXT  sing N N 334 
SER N   CA   sing N N 335 
SER N   H    sing N N 336 
SER N   H2   sing N N 337 
SER CA  C    sing N N 338 
SER CA  CB   sing N N 339 
SER CA  HA   sing N N 340 
SER C   O    doub N N 341 
SER C   OXT  sing N N 342 
SER CB  OG   sing N N 343 
SER CB  HB2  sing N N 344 
SER CB  HB3  sing N N 345 
SER OG  HG   sing N N 346 
SER OXT HXT  sing N N 347 
THR N   CA   sing N N 348 
THR N   H    sing N N 349 
THR N   H2   sing N N 350 
THR CA  C    sing N N 351 
THR CA  CB   sing N N 352 
THR CA  HA   sing N N 353 
THR C   O    doub N N 354 
THR C   OXT  sing N N 355 
THR CB  OG1  sing N N 356 
THR CB  CG2  sing N N 357 
THR CB  HB   sing N N 358 
THR OG1 HG1  sing N N 359 
THR CG2 HG21 sing N N 360 
THR CG2 HG22 sing N N 361 
THR CG2 HG23 sing N N 362 
THR OXT HXT  sing N N 363 
TRP N   CA   sing N N 364 
TRP N   H    sing N N 365 
TRP N   H2   sing N N 366 
TRP CA  C    sing N N 367 
TRP CA  CB   sing N N 368 
TRP CA  HA   sing N N 369 
TRP C   O    doub N N 370 
TRP C   OXT  sing N N 371 
TRP CB  CG   sing N N 372 
TRP CB  HB2  sing N N 373 
TRP CB  HB3  sing N N 374 
TRP CG  CD1  doub Y N 375 
TRP CG  CD2  sing Y N 376 
TRP CD1 NE1  sing Y N 377 
TRP CD1 HD1  sing N N 378 
TRP CD2 CE2  doub Y N 379 
TRP CD2 CE3  sing Y N 380 
TRP NE1 CE2  sing Y N 381 
TRP NE1 HE1  sing N N 382 
TRP CE2 CZ2  sing Y N 383 
TRP CE3 CZ3  doub Y N 384 
TRP CE3 HE3  sing N N 385 
TRP CZ2 CH2  doub Y N 386 
TRP CZ2 HZ2  sing N N 387 
TRP CZ3 CH2  sing Y N 388 
TRP CZ3 HZ3  sing N N 389 
TRP CH2 HH2  sing N N 390 
TRP OXT HXT  sing N N 391 
TYR N   CA   sing N N 392 
TYR N   H    sing N N 393 
TYR N   H2   sing N N 394 
TYR CA  C    sing N N 395 
TYR CA  CB   sing N N 396 
TYR CA  HA   sing N N 397 
TYR C   O    doub N N 398 
TYR C   OXT  sing N N 399 
TYR CB  CG   sing N N 400 
TYR CB  HB2  sing N N 401 
TYR CB  HB3  sing N N 402 
TYR CG  CD1  doub Y N 403 
TYR CG  CD2  sing Y N 404 
TYR CD1 CE1  sing Y N 405 
TYR CD1 HD1  sing N N 406 
TYR CD2 CE2  doub Y N 407 
TYR CD2 HD2  sing N N 408 
TYR CE1 CZ   doub Y N 409 
TYR CE1 HE1  sing N N 410 
TYR CE2 CZ   sing Y N 411 
TYR CE2 HE2  sing N N 412 
TYR CZ  OH   sing N N 413 
TYR OH  HH   sing N N 414 
TYR OXT HXT  sing N N 415 
VAL N   CA   sing N N 416 
VAL N   H    sing N N 417 
VAL N   H2   sing N N 418 
VAL CA  C    sing N N 419 
VAL CA  CB   sing N N 420 
VAL CA  HA   sing N N 421 
VAL C   O    doub N N 422 
VAL C   OXT  sing N N 423 
VAL CB  CG1  sing N N 424 
VAL CB  CG2  sing N N 425 
VAL CB  HB   sing N N 426 
VAL CG1 HG11 sing N N 427 
VAL CG1 HG12 sing N N 428 
VAL CG1 HG13 sing N N 429 
VAL CG2 HG21 sing N N 430 
VAL CG2 HG22 sing N N 431 
VAL CG2 HG23 sing N N 432 
VAL OXT HXT  sing N N 433 
# 
_pdbx_initial_refinement_model.id               1 
_pdbx_initial_refinement_model.entity_id_list   ? 
_pdbx_initial_refinement_model.type             'experimental model' 
_pdbx_initial_refinement_model.source_name      PDB 
_pdbx_initial_refinement_model.accession_code   1MEM 
_pdbx_initial_refinement_model.details          'PDB ENTRY 1MEM' 
# 
_atom_sites.entry_id                    1U9V 
_atom_sites.fract_transf_matrix[1][1]   -0.00970343 
_atom_sites.fract_transf_matrix[1][2]   0.01247273 
_atom_sites.fract_transf_matrix[1][3]   -0.00080113 
_atom_sites.fract_transf_matrix[2][1]   0.00183498 
_atom_sites.fract_transf_matrix[2][2]   0.00041846 
_atom_sites.fract_transf_matrix[2][3]   -0.01571067 
_atom_sites.fract_transf_matrix[3][1]   -0.00686555 
_atom_sites.fract_transf_matrix[3][2]   -0.00540195 
_atom_sites.fract_transf_matrix[3][3]   -0.00094577 
_atom_sites.fract_transf_vector[1]      0.847926 
_atom_sites.fract_transf_vector[2]      0.339767 
_atom_sites.fract_transf_vector[3]      0.006836 
# 
loop_
_atom_type.symbol 
C 
N 
O 
S 
# 
loop_
_atom_site.group_PDB 
_atom_site.id 
_atom_site.type_symbol 
_atom_site.label_atom_id 
_atom_site.label_alt_id 
_atom_site.label_comp_id 
_atom_site.label_asym_id 
_atom_site.label_entity_id 
_atom_site.label_seq_id 
_atom_site.pdbx_PDB_ins_code 
_atom_site.Cartn_x 
_atom_site.Cartn_y 
_atom_site.Cartn_z 
_atom_site.occupancy 
_atom_site.B_iso_or_equiv 
_atom_site.pdbx_formal_charge 
_atom_site.auth_seq_id 
_atom_site.auth_comp_id 
_atom_site.auth_asym_id 
_atom_site.auth_atom_id 
_atom_site.pdbx_PDB_model_num 
ATOM   1    N N   . ALA A 1 3   ? 10.712  -19.421 -2.461  1.00 29.61 ? 1   ALA A N   1 
ATOM   2    C CA  . ALA A 1 3   ? 10.200  -18.113 -2.993  1.00 24.74 ? 1   ALA A CA  1 
ATOM   3    C C   . ALA A 1 3   ? 11.103  -17.698 -4.127  1.00 22.32 ? 1   ALA A C   1 
ATOM   4    O O   . ALA A 1 3   ? 12.335  -17.807 -4.049  1.00 21.28 ? 1   ALA A O   1 
ATOM   5    C CB  . ALA A 1 3   ? 10.202  -17.033 -1.912  1.00 25.47 ? 1   ALA A CB  1 
ATOM   6    N N   . PRO A 1 4   ? 10.503  -17.196 -5.199  1.00 19.54 ? 2   PRO A N   1 
ATOM   7    C CA  . PRO A 1 4   ? 11.329  -16.789 -6.330  1.00 19.14 ? 2   PRO A CA  1 
ATOM   8    C C   . PRO A 1 4   ? 12.295  -15.632 -6.038  1.00 18.08 ? 2   PRO A C   1 
ATOM   9    O O   . PRO A 1 4   ? 12.148  -14.902 -5.066  1.00 19.18 ? 2   PRO A O   1 
ATOM   10   C CB  . PRO A 1 4   ? 10.309  -16.445 -7.426  1.00 15.92 ? 2   PRO A CB  1 
ATOM   11   C CG  . PRO A 1 4   ? 8.951   -16.842 -6.869  1.00 17.79 ? 2   PRO A CG  1 
ATOM   12   C CD  . PRO A 1 4   ? 9.063   -16.946 -5.406  1.00 16.21 ? 2   PRO A CD  1 
ATOM   13   N N   . ASP A 1 5   ? 13.290  -15.506 -6.903  1.00 17.38 ? 3   ASP A N   1 
ATOM   14   C CA  . ASP A 1 5   ? 14.309  -14.469 -6.829  1.00 20.46 ? 3   ASP A CA  1 
ATOM   15   C C   . ASP A 1 5   ? 13.669  -13.121 -7.087  1.00 20.46 ? 3   ASP A C   1 
ATOM   16   O O   . ASP A 1 5   ? 14.049  -12.109 -6.521  1.00 20.90 ? 3   ASP A O   1 
ATOM   17   C CB  . ASP A 1 5   ? 15.332  -14.670 -7.951  1.00 19.41 ? 3   ASP A CB  1 
ATOM   18   C CG  . ASP A 1 5   ? 16.320  -15.757 -7.642  1.00 26.27 ? 3   ASP A CG  1 
ATOM   19   O OD1 . ASP A 1 5   ? 16.271  -16.300 -6.512  1.00 28.14 ? 3   ASP A OD1 1 
ATOM   20   O OD2 . ASP A 1 5   ? 17.142  -16.078 -8.529  1.00 26.39 ? 3   ASP A OD2 1 
ATOM   21   N N   . SER A 1 6   ? 12.707  -13.142 -7.995  1.00 22.20 ? 4   SER A N   1 
ATOM   22   C CA  . SER A 1 6   ? 12.028  -11.960 -8.476  1.00 22.11 ? 4   SER A CA  1 
ATOM   23   C C   . SER A 1 6   ? 10.515  -12.171 -8.577  1.00 21.72 ? 4   SER A C   1 
ATOM   24   O O   . SER A 1 6   ? 10.078  -13.247 -8.991  1.00 18.51 ? 4   SER A O   1 
ATOM   25   C CB  . SER A 1 6   ? 12.562  -11.670 -9.870  1.00 20.31 ? 4   SER A CB  1 
ATOM   26   O OG  . SER A 1 6   ? 13.213  -10.432 -9.910  1.00 33.85 ? 4   SER A OG  1 
ATOM   27   N N   . VAL A 1 7   ? 9.746   -11.131 -8.238  1.00 19.12 ? 5   VAL A N   1 
ATOM   28   C CA  . VAL A 1 7   ? 8.281   -11.140 -8.311  1.00 17.17 ? 5   VAL A CA  1 
ATOM   29   C C   . VAL A 1 7   ? 7.816   -9.704  -8.661  1.00 16.64 ? 5   VAL A C   1 
ATOM   30   O O   . VAL A 1 7   ? 8.213   -8.760  -8.011  1.00 16.33 ? 5   VAL A O   1 
ATOM   31   C CB  . VAL A 1 7   ? 7.660   -11.526 -6.943  1.00 18.22 ? 5   VAL A CB  1 
ATOM   32   C CG1 . VAL A 1 7   ? 6.184   -11.172 -6.910  1.00 17.63 ? 5   VAL A CG1 1 
ATOM   33   C CG2 . VAL A 1 7   ? 7.858   -12.998 -6.681  1.00 18.20 ? 5   VAL A CG2 1 
ATOM   34   N N   . ASP A 1 8   ? 6.986   -9.537  -9.684  1.00 14.06 ? 6   ASP A N   1 
ATOM   35   C CA  . ASP A 1 8   ? 6.486   -8.216  -10.031 1.00 14.30 ? 6   ASP A CA  1 
ATOM   36   C C   . ASP A 1 8   ? 5.009   -8.347  -10.398 1.00 15.31 ? 6   ASP A C   1 
ATOM   37   O O   . ASP A 1 8   ? 4.647   -8.758  -11.521 1.00 15.92 ? 6   ASP A O   1 
ATOM   38   C CB  . ASP A 1 8   ? 7.297   -7.596  -11.186 1.00 13.57 ? 6   ASP A CB  1 
ATOM   39   C CG  . ASP A 1 8   ? 6.829   -6.195  -11.534 1.00 18.04 ? 6   ASP A CG  1 
ATOM   40   O OD1 . ASP A 1 8   ? 5.793   -5.752  -10.992 1.00 18.10 ? 6   ASP A OD1 1 
ATOM   41   O OD2 . ASP A 1 8   ? 7.500   -5.521  -12.344 1.00 22.60 ? 6   ASP A OD2 1 
ATOM   42   N N   . TYR A 1 9   ? 4.145   -7.994  -9.451  1.00 13.17 ? 7   TYR A N   1 
ATOM   43   C CA  . TYR A 1 9   ? 2.723   -8.129  -9.691  1.00 13.25 ? 7   TYR A CA  1 
ATOM   44   C C   . TYR A 1 9   ? 2.178   -7.198  -10.763 1.00 13.30 ? 7   TYR A C   1 
ATOM   45   O O   . TYR A 1 9   ? 1.062   -7.384  -11.210 1.00 14.94 ? 7   TYR A O   1 
ATOM   46   C CB  . TYR A 1 9   ? 1.959   -7.966  -8.387  1.00 11.87 ? 7   TYR A CB  1 
ATOM   47   C CG  . TYR A 1 9   ? 2.045   -9.197  -7.534  1.00 13.96 ? 7   TYR A CG  1 
ATOM   48   C CD1 . TYR A 1 9   ? 1.285   -10.342 -7.834  1.00 17.06 ? 7   TYR A CD1 1 
ATOM   49   C CD2 . TYR A 1 9   ? 2.919   -9.250  -6.452  1.00 12.14 ? 7   TYR A CD2 1 
ATOM   50   C CE1 . TYR A 1 9   ? 1.415   -11.522 -7.065  1.00 14.78 ? 7   TYR A CE1 1 
ATOM   51   C CE2 . TYR A 1 9   ? 3.055   -10.392 -5.688  1.00 13.69 ? 7   TYR A CE2 1 
ATOM   52   C CZ  . TYR A 1 9   ? 2.305   -11.533 -5.994  1.00 16.90 ? 7   TYR A CZ  1 
ATOM   53   O OH  . TYR A 1 9   ? 2.470   -12.667 -5.225  1.00 17.79 ? 7   TYR A OH  1 
ATOM   54   N N   . ARG A 1 10  ? 2.939   -6.199  -11.188 1.00 13.66 ? 8   ARG A N   1 
ATOM   55   C CA  . ARG A 1 10  ? 2.435   -5.330  -12.252 1.00 16.47 ? 8   ARG A CA  1 
ATOM   56   C C   . ARG A 1 10  ? 2.362   -6.119  -13.567 1.00 20.02 ? 8   ARG A C   1 
ATOM   57   O O   . ARG A 1 10  ? 1.490   -5.861  -14.393 1.00 20.05 ? 8   ARG A O   1 
ATOM   58   C CB  . ARG A 1 10  ? 3.342   -4.111  -12.455 1.00 16.89 ? 8   ARG A CB  1 
ATOM   59   C CG  . ARG A 1 10  ? 3.406   -3.175  -11.235 1.00 19.02 ? 8   ARG A CG  1 
ATOM   60   C CD  . ARG A 1 10  ? 4.499   -2.126  -11.394 1.00 18.73 ? 8   ARG A CD  1 
ATOM   61   N NE  . ARG A 1 10  ? 5.811   -2.728  -11.589 1.00 15.93 ? 8   ARG A NE  1 
ATOM   62   C CZ  . ARG A 1 10  ? 6.921   -2.017  -11.760 1.00 21.70 ? 8   ARG A CZ  1 
ATOM   63   N NH1 . ARG A 1 10  ? 6.857   -0.681  -11.752 1.00 19.31 ? 8   ARG A NH1 1 
ATOM   64   N NH2 . ARG A 1 10  ? 8.092   -2.630  -11.939 1.00 18.44 ? 8   ARG A NH2 1 
ATOM   65   N N   . LYS A 1 11  ? 3.270   -7.083  -13.749 1.00 20.35 ? 9   LYS A N   1 
ATOM   66   C CA  . LYS A 1 11  ? 3.312   -7.907  -14.962 1.00 22.13 ? 9   LYS A CA  1 
ATOM   67   C C   . LYS A 1 11  ? 2.188   -8.935  -15.042 1.00 22.62 ? 9   LYS A C   1 
ATOM   68   O O   . LYS A 1 11  ? 1.853   -9.392  -16.124 1.00 22.14 ? 9   LYS A O   1 
ATOM   69   C CB  . LYS A 1 11  ? 4.648   -8.662  -15.073 1.00 24.28 ? 9   LYS A CB  1 
ATOM   70   C CG  . LYS A 1 11  ? 5.901   -7.831  -14.851 1.00 28.20 ? 9   LYS A CG  1 
ATOM   71   C CD  . LYS A 1 11  ? 6.886   -8.016  -16.006 1.00 35.72 ? 9   LYS A CD  1 
ATOM   72   C CE  . LYS A 1 11  ? 8.288   -7.459  -15.683 1.00 39.28 ? 9   LYS A CE  1 
ATOM   73   N NZ  . LYS A 1 11  ? 9.275   -8.534  -15.343 1.00 42.36 ? 9   LYS A NZ  1 
ATOM   74   N N   . LYS A 1 12  ? 1.638   -9.323  -13.896 1.00 25.36 ? 10  LYS A N   1 
ATOM   75   C CA  . LYS A 1 12  ? 0.543   -10.303 -13.844 1.00 25.76 ? 10  LYS A CA  1 
ATOM   76   C C   . LYS A 1 12  ? -0.807  -9.609  -13.912 1.00 23.28 ? 10  LYS A C   1 
ATOM   77   O O   . LYS A 1 12  ? -1.829  -10.273 -13.949 1.00 26.66 ? 10  LYS A O   1 
ATOM   78   C CB  . LYS A 1 12  ? 0.560   -11.089 -12.530 1.00 27.96 ? 10  LYS A CB  1 
ATOM   79   C CG  . LYS A 1 12  ? 1.827   -11.807 -12.193 1.00 33.53 ? 10  LYS A CG  1 
ATOM   80   C CD  . LYS A 1 12  ? 1.458   -13.107 -11.493 1.00 40.19 ? 10  LYS A CD  1 
ATOM   81   C CE  . LYS A 1 12  ? 2.554   -13.603 -10.560 1.00 44.45 ? 10  LYS A CE  1 
ATOM   82   N NZ  . LYS A 1 12  ? 2.077   -14.774 -9.737  1.00 47.74 ? 10  LYS A NZ  1 
ATOM   83   N N   . GLY A 1 13  ? -0.823  -8.281  -13.878 1.00 21.96 ? 11  GLY A N   1 
ATOM   84   C CA  . GLY A 1 13  ? -2.091  -7.577  -13.922 1.00 18.32 ? 11  GLY A CA  1 
ATOM   85   C C   . GLY A 1 13  ? -2.785  -7.502  -12.565 1.00 18.53 ? 11  GLY A C   1 
ATOM   86   O O   . GLY A 1 13  ? -4.016  -7.413  -12.488 1.00 17.40 ? 11  GLY A O   1 
ATOM   87   N N   . TYR A 1 14  ? -2.001  -7.509  -11.485 1.00 16.96 ? 12  TYR A N   1 
ATOM   88   C CA  . TYR A 1 14  ? -2.571  -7.457  -10.143 1.00 16.40 ? 12  TYR A CA  1 
ATOM   89   C C   . TYR A 1 14  ? -2.521  -6.090  -9.484  1.00 15.70 ? 12  TYR A C   1 
ATOM   90   O O   . TYR A 1 14  ? -2.867  -5.952  -8.312  1.00 14.07 ? 12  TYR A O   1 
ATOM   91   C CB  . TYR A 1 14  ? -1.848  -8.445  -9.227  1.00 18.00 ? 12  TYR A CB  1 
ATOM   92   C CG  . TYR A 1 14  ? -2.302  -9.879  -9.372  1.00 19.06 ? 12  TYR A CG  1 
ATOM   93   C CD1 . TYR A 1 14  ? -2.531  -10.444 -10.629 1.00 19.04 ? 12  TYR A CD1 1 
ATOM   94   C CD2 . TYR A 1 14  ? -2.470  -10.677 -8.248  1.00 19.67 ? 12  TYR A CD2 1 
ATOM   95   C CE1 . TYR A 1 14  ? -2.912  -11.781 -10.756 1.00 22.86 ? 12  TYR A CE1 1 
ATOM   96   C CE2 . TYR A 1 14  ? -2.850  -12.006 -8.359  1.00 24.78 ? 12  TYR A CE2 1 
ATOM   97   C CZ  . TYR A 1 14  ? -3.064  -12.553 -9.614  1.00 25.14 ? 12  TYR A CZ  1 
ATOM   98   O OH  . TYR A 1 14  ? -3.389  -13.884 -9.699  1.00 30.04 ? 12  TYR A OH  1 
ATOM   99   N N   . VAL A 1 15  ? -2.107  -5.083  -10.236 1.00 14.15 ? 13  VAL A N   1 
ATOM   100  C CA  . VAL A 1 15  ? -1.968  -3.733  -9.703  1.00 11.05 ? 13  VAL A CA  1 
ATOM   101  C C   . VAL A 1 15  ? -2.713  -2.705  -10.536 1.00 11.22 ? 13  VAL A C   1 
ATOM   102  O O   . VAL A 1 15  ? -2.554  -2.649  -11.752 1.00 6.13  ? 13  VAL A O   1 
ATOM   103  C CB  . VAL A 1 15  ? -0.444  -3.326  -9.624  1.00 10.61 ? 13  VAL A CB  1 
ATOM   104  C CG1 . VAL A 1 15  ? -0.280  -1.974  -8.931  1.00 7.46  ? 13  VAL A CG1 1 
ATOM   105  C CG2 . VAL A 1 15  ? 0.344   -4.401  -8.855  1.00 8.41  ? 13  VAL A CG2 1 
ATOM   106  N N   . THR A 1 16  ? -3.527  -1.884  -9.873  1.00 10.63 ? 14  THR A N   1 
ATOM   107  C CA  . THR A 1 16  ? -4.267  -0.848  -10.574 1.00 12.24 ? 14  THR A CA  1 
ATOM   108  C C   . THR A 1 16  ? -3.368  0.376   -10.858 1.00 14.32 ? 14  THR A C   1 
ATOM   109  O O   . THR A 1 16  ? -2.271  0.494   -10.328 1.00 13.71 ? 14  THR A O   1 
ATOM   110  C CB  . THR A 1 16  ? -5.502  -0.379  -9.745  1.00 13.28 ? 14  THR A CB  1 
ATOM   111  O OG1 . THR A 1 16  ? -5.047  0.175   -8.508  1.00 13.65 ? 14  THR A OG1 1 
ATOM   112  C CG2 . THR A 1 16  ? -6.456  -1.571  -9.444  1.00 10.52 ? 14  THR A CG2 1 
ATOM   113  N N   . PRO A 1 17  ? -3.817  1.272   -11.749 1.00 14.22 ? 15  PRO A N   1 
ATOM   114  C CA  . PRO A 1 17  ? -3.048  2.477   -12.086 1.00 14.18 ? 15  PRO A CA  1 
ATOM   115  C C   . PRO A 1 17  ? -2.691  3.327   -10.859 1.00 13.77 ? 15  PRO A C   1 
ATOM   116  O O   . PRO A 1 17  ? -3.431  3.351   -9.858  1.00 12.07 ? 15  PRO A O   1 
ATOM   117  C CB  . PRO A 1 17  ? -3.978  3.239   -13.046 1.00 13.31 ? 15  PRO A CB  1 
ATOM   118  C CG  . PRO A 1 17  ? -4.827  2.152   -13.676 1.00 15.66 ? 15  PRO A CG  1 
ATOM   119  C CD  . PRO A 1 17  ? -5.063  1.174   -12.537 1.00 14.72 ? 15  PRO A CD  1 
ATOM   120  N N   . VAL A 1 18  ? -1.561  4.024   -10.944 1.00 13.38 ? 16  VAL A N   1 
ATOM   121  C CA  . VAL A 1 18  ? -1.097  4.892   -9.855  1.00 15.99 ? 16  VAL A CA  1 
ATOM   122  C C   . VAL A 1 18  ? -2.107  6.026   -9.619  1.00 13.70 ? 16  VAL A C   1 
ATOM   123  O O   . VAL A 1 18  ? -2.650  6.587   -10.563 1.00 14.71 ? 16  VAL A O   1 
ATOM   124  C CB  . VAL A 1 18  ? 0.302   5.499   -10.196 1.00 17.38 ? 16  VAL A CB  1 
ATOM   125  C CG1 . VAL A 1 18  ? 0.715   6.550   -9.138  1.00 21.11 ? 16  VAL A CG1 1 
ATOM   126  C CG2 . VAL A 1 18  ? 1.340   4.382   -10.264 1.00 15.07 ? 16  VAL A CG2 1 
ATOM   127  N N   . LYS A 1 19  ? -2.401  6.327   -8.367  1.00 10.82 ? 17  LYS A N   1 
ATOM   128  C CA  . LYS A 1 19  ? -3.334  7.406   -8.081  1.00 11.80 ? 17  LYS A CA  1 
ATOM   129  C C   . LYS A 1 19  ? -2.603  8.569   -7.419  1.00 12.98 ? 17  LYS A C   1 
ATOM   130  O O   . LYS A 1 19  ? -1.414  8.487   -7.114  1.00 11.82 ? 17  LYS A O   1 
ATOM   131  C CB  . LYS A 1 19  ? -4.445  6.948   -7.138  1.00 11.16 ? 17  LYS A CB  1 
ATOM   132  C CG  . LYS A 1 19  ? -5.052  5.560   -7.464  1.00 13.57 ? 17  LYS A CG  1 
ATOM   133  C CD  . LYS A 1 19  ? -5.865  5.595   -8.752  1.00 11.73 ? 17  LYS A CD  1 
ATOM   134  C CE  . LYS A 1 19  ? -6.772  4.344   -8.848  1.00 10.88 ? 17  LYS A CE  1 
ATOM   135  N NZ  . LYS A 1 19  ? -5.991  3.043   -8.956  1.00 11.17 ? 17  LYS A NZ  1 
ATOM   136  N N   . ASN A 1 20  ? -3.350  9.634   -7.183  1.00 13.52 ? 18  ASN A N   1 
ATOM   137  C CA  . ASN A 1 20  ? -2.842  10.834  -6.518  1.00 15.99 ? 18  ASN A CA  1 
ATOM   138  C C   . ASN A 1 20  ? -3.748  11.137  -5.325  1.00 14.89 ? 18  ASN A C   1 
ATOM   139  O O   . ASN A 1 20  ? -4.920  11.458  -5.518  1.00 14.94 ? 18  ASN A O   1 
ATOM   140  C CB  . ASN A 1 20  ? -2.885  12.034  -7.474  1.00 16.42 ? 18  ASN A CB  1 
ATOM   141  C CG  . ASN A 1 20  ? -2.019  13.198  -6.994  1.00 22.06 ? 18  ASN A CG  1 
ATOM   142  O OD1 . ASN A 1 20  ? -1.401  13.891  -7.807  1.00 26.65 ? 18  ASN A OD1 1 
ATOM   143  N ND2 . ASN A 1 20  ? -1.950  13.404  -5.677  1.00 19.05 ? 18  ASN A ND2 1 
ATOM   144  N N   . GLN A 1 21  ? -3.224  11.055  -4.102  1.00 15.49 ? 19  GLN A N   1 
ATOM   145  C CA  . GLN A 1 21  ? -4.059  11.337  -2.931  1.00 15.72 ? 19  GLN A CA  1 
ATOM   146  C C   . GLN A 1 21  ? -4.454  12.820  -2.839  1.00 15.81 ? 19  GLN A C   1 
ATOM   147  O O   . GLN A 1 21  ? -5.208  13.209  -1.968  1.00 14.64 ? 19  GLN A O   1 
ATOM   148  C CB  . GLN A 1 21  ? -3.350  10.899  -1.638  1.00 17.71 ? 19  GLN A CB  1 
ATOM   149  C CG  . GLN A 1 21  ? -2.031  11.598  -1.384  1.00 16.56 ? 19  GLN A CG  1 
ATOM   150  C CD  . GLN A 1 21  ? -1.225  10.942  -0.270  1.00 18.00 ? 19  GLN A CD  1 
ATOM   151  O OE1 . GLN A 1 21  ? -0.716  9.840   -0.428  1.00 16.26 ? 19  GLN A OE1 1 
ATOM   152  N NE2 . GLN A 1 21  ? -1.110  11.624  0.864   1.00 14.06 ? 19  GLN A NE2 1 
ATOM   153  N N   . GLY A 1 22  ? -3.936  13.652  -3.737  1.00 17.22 ? 20  GLY A N   1 
ATOM   154  C CA  . GLY A 1 22  ? -4.322  15.057  -3.712  1.00 17.30 ? 20  GLY A CA  1 
ATOM   155  C C   . GLY A 1 22  ? -3.839  15.854  -2.508  1.00 20.91 ? 20  GLY A C   1 
ATOM   156  O O   . GLY A 1 22  ? -2.709  15.687  -2.063  1.00 20.01 ? 20  GLY A O   1 
ATOM   157  N N   . GLN A 1 23  ? -4.714  16.704  -1.972  1.00 22.11 ? 21  GLN A N   1 
ATOM   158  C CA  . GLN A 1 23  ? -4.410  17.578  -0.837  1.00 24.43 ? 21  GLN A CA  1 
ATOM   159  C C   . GLN A 1 23  ? -4.838  16.972  0.481   1.00 23.38 ? 21  GLN A C   1 
ATOM   160  O O   . GLN A 1 23  ? -5.277  17.673  1.392   1.00 27.06 ? 21  GLN A O   1 
ATOM   161  C CB  . GLN A 1 23  ? -5.115  18.936  -1.028  1.00 28.15 ? 21  GLN A CB  1 
ATOM   162  C CG  . GLN A 1 23  ? -4.312  19.970  -1.883  1.00 37.48 ? 21  GLN A CG  1 
ATOM   163  C CD  . GLN A 1 23  ? -4.021  21.280  -1.132  1.00 43.31 ? 21  GLN A CD  1 
ATOM   164  O OE1 . GLN A 1 23  ? -4.373  21.442  0.043   1.00 48.83 ? 21  GLN A OE1 1 
ATOM   165  N NE2 . GLN A 1 23  ? -3.381  22.218  -1.809  1.00 48.12 ? 21  GLN A NE2 1 
ATOM   166  N N   . CYS A 1 24  ? -4.664  15.674  0.615   1.00 20.59 ? 22  CYS A N   1 
ATOM   167  C CA  . CYS A 1 24  ? -5.126  14.992  1.815   1.00 17.88 ? 22  CYS A CA  1 
ATOM   168  C C   . CYS A 1 24  ? -4.062  13.968  2.262   1.00 16.81 ? 22  CYS A C   1 
ATOM   169  O O   . CYS A 1 24  ? -3.409  13.352  1.416   1.00 15.87 ? 22  CYS A O   1 
ATOM   170  C CB  . CYS A 1 24  ? -6.476  14.320  1.453   1.00 16.00 ? 22  CYS A CB  1 
ATOM   171  S SG  . CYS A 1 24  ? -7.133  13.101  2.632   1.00 16.70 ? 22  CYS A SG  1 
ATOM   172  N N   . GLY A 1 25  ? -3.868  13.808  3.571   1.00 13.25 ? 23  GLY A N   1 
ATOM   173  C CA  . GLY A 1 25  ? -2.882  12.847  4.055   1.00 14.47 ? 23  GLY A CA  1 
ATOM   174  C C   . GLY A 1 25  ? -3.515  11.450  4.254   1.00 15.61 ? 23  GLY A C   1 
ATOM   175  O O   . GLY A 1 25  ? -3.502  10.875  5.359   1.00 14.24 ? 23  GLY A O   1 
ATOM   176  N N   . SER A 1 26  ? -4.043  10.907  3.157   1.00 14.43 ? 24  SER A N   1 
ATOM   177  C CA  . SER A 1 26  ? -4.721  9.615   3.128   1.00 13.73 ? 24  SER A CA  1 
ATOM   178  C C   . SER A 1 26  ? -3.837  8.507   2.527   1.00 13.23 ? 24  SER A C   1 
ATOM   179  O O   . SER A 1 26  ? -4.339  7.530   1.986   1.00 12.84 ? 24  SER A O   1 
ATOM   180  C CB  . SER A 1 26  ? -5.976  9.768   2.290   1.00 12.13 ? 24  SER A CB  1 
ATOM   181  O OG  . SER A 1 26  ? -5.657  10.370  1.048   1.00 11.64 ? 24  SER A OG  1 
ATOM   182  N N   . CYS A 1 27  ? -2.524  8.661   2.611   1.00 11.20 ? 25  CYS A N   1 
ATOM   183  C CA  . CYS A 1 27  ? -1.636  7.646   2.064   1.00 12.61 ? 25  CYS A CA  1 
ATOM   184  C C   . CYS A 1 27  ? -2.055  6.241   2.561   1.00 11.94 ? 25  CYS A C   1 
ATOM   185  O O   . CYS A 1 27  ? -2.036  5.283   1.792   1.00 13.77 ? 25  CYS A O   1 
ATOM   186  C CB  . CYS A 1 27  ? -0.204  7.887   2.474   1.00 12.27 ? 25  CYS A CB  1 
ATOM   187  S SG  . CYS A 1 27  ? -0.002  7.988   4.293   1.00 14.80 ? 25  CYS A SG  1 
ATOM   188  N N   . TRP A 1 28  ? -2.432  6.146   3.835   1.00 9.98  ? 26  TRP A N   1 
ATOM   189  C CA  . TRP A 1 28  ? -2.828  4.879   4.456   1.00 11.51 ? 26  TRP A CA  1 
ATOM   190  C C   . TRP A 1 28  ? -4.055  4.241   3.803   1.00 12.79 ? 26  TRP A C   1 
ATOM   191  O O   . TRP A 1 28  ? -4.179  3.020   3.781   1.00 14.08 ? 26  TRP A O   1 
ATOM   192  C CB  . TRP A 1 28  ? -3.110  5.098   5.960   1.00 11.63 ? 26  TRP A CB  1 
ATOM   193  C CG  . TRP A 1 28  ? -4.242  6.054   6.221   1.00 14.11 ? 26  TRP A CG  1 
ATOM   194  C CD1 . TRP A 1 28  ? -4.154  7.416   6.367   1.00 13.05 ? 26  TRP A CD1 1 
ATOM   195  C CD2 . TRP A 1 28  ? -5.644  5.727   6.348   1.00 12.96 ? 26  TRP A CD2 1 
ATOM   196  N NE1 . TRP A 1 28  ? -5.409  7.951   6.574   1.00 13.07 ? 26  TRP A NE1 1 
ATOM   197  C CE2 . TRP A 1 28  ? -6.339  6.943   6.564   1.00 12.68 ? 26  TRP A CE2 1 
ATOM   198  C CE3 . TRP A 1 28  ? -6.372  4.526   6.299   1.00 10.01 ? 26  TRP A CE3 1 
ATOM   199  C CZ2 . TRP A 1 28  ? -7.745  6.996   6.734   1.00 13.24 ? 26  TRP A CZ2 1 
ATOM   200  C CZ3 . TRP A 1 28  ? -7.780  4.579   6.465   1.00 12.87 ? 26  TRP A CZ3 1 
ATOM   201  C CH2 . TRP A 1 28  ? -8.442  5.803   6.679   1.00 10.58 ? 26  TRP A CH2 1 
ATOM   202  N N   . ALA A 1 29  ? -4.970  5.065   3.302   1.00 10.16 ? 27  ALA A N   1 
ATOM   203  C CA  . ALA A 1 29  ? -6.159  4.553   2.646   1.00 11.84 ? 27  ALA A CA  1 
ATOM   204  C C   . ALA A 1 29  ? -5.752  3.981   1.283   1.00 11.65 ? 27  ALA A C   1 
ATOM   205  O O   . ALA A 1 29  ? -6.249  2.934   0.848   1.00 10.74 ? 27  ALA A O   1 
ATOM   206  C CB  . ALA A 1 29  ? -7.204  5.674   2.463   1.00 5.34  ? 27  ALA A CB  1 
ATOM   207  N N   . PHE A 1 30  ? -4.859  4.671   0.589   1.00 11.09 ? 28  PHE A N   1 
ATOM   208  C CA  . PHE A 1 30  ? -4.429  4.160   -0.694  1.00 9.51  ? 28  PHE A CA  1 
ATOM   209  C C   . PHE A 1 30  ? -3.632  2.868   -0.566  1.00 10.42 ? 28  PHE A C   1 
ATOM   210  O O   . PHE A 1 30  ? -3.781  1.967   -1.403  1.00 11.99 ? 28  PHE A O   1 
ATOM   211  C CB  . PHE A 1 30  ? -3.630  5.206   -1.439  1.00 9.49  ? 28  PHE A CB  1 
ATOM   212  C CG  . PHE A 1 30  ? -4.486  6.242   -2.074  1.00 12.83 ? 28  PHE A CG  1 
ATOM   213  C CD1 . PHE A 1 30  ? -4.828  7.398   -1.383  1.00 11.96 ? 28  PHE A CD1 1 
ATOM   214  C CD2 . PHE A 1 30  ? -5.003  6.043   -3.346  1.00 12.13 ? 28  PHE A CD2 1 
ATOM   215  C CE1 . PHE A 1 30  ? -5.678  8.337   -1.954  1.00 12.99 ? 28  PHE A CE1 1 
ATOM   216  C CE2 . PHE A 1 30  ? -5.848  6.976   -3.914  1.00 12.60 ? 28  PHE A CE2 1 
ATOM   217  C CZ  . PHE A 1 30  ? -6.186  8.122   -3.221  1.00 12.20 ? 28  PHE A CZ  1 
ATOM   218  N N   . SER A 1 31  ? -2.804  2.768   0.473   1.00 10.67 ? 29  SER A N   1 
ATOM   219  C CA  . SER A 1 31  ? -1.990  1.574   0.714   1.00 12.60 ? 29  SER A CA  1 
ATOM   220  C C   . SER A 1 31  ? -2.934  0.372   1.012   1.00 13.50 ? 29  SER A C   1 
ATOM   221  O O   . SER A 1 31  ? -2.710  -0.758  0.554   1.00 11.21 ? 29  SER A O   1 
ATOM   222  C CB  . SER A 1 31  ? -1.048  1.813   1.917   1.00 12.56 ? 29  SER A CB  1 
ATOM   223  O OG  . SER A 1 31  ? -0.319  0.632   2.281   1.00 9.93  ? 29  SER A OG  1 
ATOM   224  N N   . SER A 1 32  ? -3.974  0.629   1.796   1.00 13.08 ? 30  SER A N   1 
ATOM   225  C CA  . SER A 1 32  ? -4.944  -0.409  2.152   1.00 12.42 ? 30  SER A CA  1 
ATOM   226  C C   . SER A 1 32  ? -5.756  -0.885  0.933   1.00 11.76 ? 30  SER A C   1 
ATOM   227  O O   . SER A 1 32  ? -5.883  -2.100  0.698   1.00 10.01 ? 30  SER A O   1 
ATOM   228  C CB  . SER A 1 32  ? -5.900  0.117   3.228   1.00 14.08 ? 30  SER A CB  1 
ATOM   229  O OG  . SER A 1 32  ? -5.235  0.248   4.458   1.00 18.50 ? 30  SER A OG  1 
ATOM   230  N N   . VAL A 1 33  ? -6.293  0.040   0.140   1.00 11.88 ? 31  VAL A N   1 
ATOM   231  C CA  . VAL A 1 33  ? -7.052  -0.416  -1.011  1.00 14.02 ? 31  VAL A CA  1 
ATOM   232  C C   . VAL A 1 33  ? -6.168  -1.166  -2.032  1.00 13.77 ? 31  VAL A C   1 
ATOM   233  O O   . VAL A 1 33  ? -6.620  -2.133  -2.661  1.00 14.35 ? 31  VAL A O   1 
ATOM   234  C CB  . VAL A 1 33  ? -7.877  0.740   -1.711  1.00 15.58 ? 31  VAL A CB  1 
ATOM   235  C CG1 . VAL A 1 33  ? -8.633  1.539   -0.688  1.00 13.86 ? 31  VAL A CG1 1 
ATOM   236  C CG2 . VAL A 1 33  ? -7.013  1.605   -2.568  1.00 19.58 ? 31  VAL A CG2 1 
ATOM   237  N N   . GLY A 1 34  ? -4.911  -0.753  -2.175  1.00 10.73 ? 32  GLY A N   1 
ATOM   238  C CA  . GLY A 1 34  ? -4.017  -1.431  -3.108  1.00 9.13  ? 32  GLY A CA  1 
ATOM   239  C C   . GLY A 1 34  ? -3.831  -2.908  -2.781  1.00 11.22 ? 32  GLY A C   1 
ATOM   240  O O   . GLY A 1 34  ? -3.764  -3.770  -3.660  1.00 10.45 ? 32  GLY A O   1 
ATOM   241  N N   . ALA A 1 35  ? -3.744  -3.212  -1.495  1.00 11.91 ? 33  ALA A N   1 
ATOM   242  C CA  . ALA A 1 35  ? -3.575  -4.587  -1.066  1.00 12.27 ? 33  ALA A CA  1 
ATOM   243  C C   . ALA A 1 35  ? -4.904  -5.357  -1.263  1.00 12.94 ? 33  ALA A C   1 
ATOM   244  O O   . ALA A 1 35  ? -4.901  -6.530  -1.635  1.00 13.25 ? 33  ALA A O   1 
ATOM   245  C CB  . ALA A 1 35  ? -3.150  -4.609  0.390   1.00 10.09 ? 33  ALA A CB  1 
ATOM   246  N N   . LEU A 1 36  ? -6.036  -4.706  -1.009  1.00 10.99 ? 34  LEU A N   1 
ATOM   247  C CA  . LEU A 1 36  ? -7.333  -5.376  -1.204  1.00 11.30 ? 34  LEU A CA  1 
ATOM   248  C C   . LEU A 1 36  ? -7.580  -5.630  -2.706  1.00 11.05 ? 34  LEU A C   1 
ATOM   249  O O   . LEU A 1 36  ? -8.157  -6.650  -3.086  1.00 13.60 ? 34  LEU A O   1 
ATOM   250  C CB  . LEU A 1 36  ? -8.462  -4.532  -0.617  1.00 8.40  ? 34  LEU A CB  1 
ATOM   251  C CG  . LEU A 1 36  ? -8.444  -4.486  0.910   1.00 11.46 ? 34  LEU A CG  1 
ATOM   252  C CD1 . LEU A 1 36  ? -9.192  -3.247  1.406   1.00 12.69 ? 34  LEU A CD1 1 
ATOM   253  C CD2 . LEU A 1 36  ? -9.085  -5.763  1.461   1.00 12.32 ? 34  LEU A CD2 1 
ATOM   254  N N   . GLU A 1 37  ? -7.125  -4.712  -3.559  1.00 10.08 ? 35  GLU A N   1 
ATOM   255  C CA  . GLU A 1 37  ? -7.293  -4.861  -5.014  1.00 10.71 ? 35  GLU A CA  1 
ATOM   256  C C   . GLU A 1 37  ? -6.520  -6.095  -5.494  1.00 12.69 ? 35  GLU A C   1 
ATOM   257  O O   . GLU A 1 37  ? -6.983  -6.838  -6.378  1.00 11.70 ? 35  GLU A O   1 
ATOM   258  C CB  . GLU A 1 37  ? -6.788  -3.590  -5.755  1.00 10.30 ? 35  GLU A CB  1 
ATOM   259  C CG  . GLU A 1 37  ? -7.736  -2.366  -5.613  1.00 9.40  ? 35  GLU A CG  1 
ATOM   260  C CD  . GLU A 1 37  ? -7.085  -1.009  -5.937  1.00 13.08 ? 35  GLU A CD  1 
ATOM   261  O OE1 . GLU A 1 37  ? -5.840  -0.907  -6.156  1.00 10.87 ? 35  GLU A OE1 1 
ATOM   262  O OE2 . GLU A 1 37  ? -7.835  -0.019  -5.962  1.00 13.73 ? 35  GLU A OE2 1 
ATOM   263  N N   . GLY A 1 38  ? -5.336  -6.297  -4.912  1.00 10.03 ? 36  GLY A N   1 
ATOM   264  C CA  . GLY A 1 38  ? -4.504  -7.427  -5.269  1.00 11.42 ? 36  GLY A CA  1 
ATOM   265  C C   . GLY A 1 38  ? -5.219  -8.757  -4.952  1.00 14.44 ? 36  GLY A C   1 
ATOM   266  O O   . GLY A 1 38  ? -5.236  -9.680  -5.804  1.00 8.64  ? 36  GLY A O   1 
ATOM   267  N N   . GLN A 1 39  ? -5.787  -8.859  -3.744  1.00 11.01 ? 37  GLN A N   1 
ATOM   268  C CA  . GLN A 1 39  ? -6.499  -10.075 -3.328  1.00 15.06 ? 37  GLN A CA  1 
ATOM   269  C C   . GLN A 1 39  ? -7.769  -10.293 -4.154  1.00 15.36 ? 37  GLN A C   1 
ATOM   270  O O   . GLN A 1 39  ? -8.075  -11.415 -4.517  1.00 17.25 ? 37  GLN A O   1 
ATOM   271  C CB  . GLN A 1 39  ? -6.861  -10.011 -1.838  1.00 13.45 ? 37  GLN A CB  1 
ATOM   272  C CG  . GLN A 1 39  ? -5.628  -10.066 -0.948  1.00 17.96 ? 37  GLN A CG  1 
ATOM   273  C CD  . GLN A 1 39  ? -4.660  -11.157 -1.381  1.00 19.49 ? 37  GLN A CD  1 
ATOM   274  O OE1 . GLN A 1 39  ? -4.920  -12.341 -1.189  1.00 19.02 ? 37  GLN A OE1 1 
ATOM   275  N NE2 . GLN A 1 39  ? -3.548  -10.762 -1.980  1.00 17.84 ? 37  GLN A NE2 1 
ATOM   276  N N   . LEU A 1 40  ? -8.501  -9.224  -4.450  1.00 13.82 ? 38  LEU A N   1 
ATOM   277  C CA  . LEU A 1 40  ? -9.714  -9.371  -5.241  1.00 15.19 ? 38  LEU A CA  1 
ATOM   278  C C   . LEU A 1 40  ? -9.384  -9.941  -6.608  1.00 16.84 ? 38  LEU A C   1 
ATOM   279  O O   . LEU A 1 40  ? -10.092 -10.820 -7.137  1.00 14.19 ? 38  LEU A O   1 
ATOM   280  C CB  . LEU A 1 40  ? -10.417 -8.027  -5.420  1.00 13.95 ? 38  LEU A CB  1 
ATOM   281  C CG  . LEU A 1 40  ? -11.660 -8.081  -6.328  1.00 18.00 ? 38  LEU A CG  1 
ATOM   282  C CD1 . LEU A 1 40  ? -12.747 -8.967  -5.686  1.00 15.21 ? 38  LEU A CD1 1 
ATOM   283  C CD2 . LEU A 1 40  ? -12.191 -6.667  -6.573  1.00 15.90 ? 38  LEU A CD2 1 
ATOM   284  N N   . LYS A 1 41  ? -8.298  -9.433  -7.186  1.00 16.34 ? 39  LYS A N   1 
ATOM   285  C CA  . LYS A 1 41  ? -7.875  -9.889  -8.498  1.00 14.55 ? 39  LYS A CA  1 
ATOM   286  C C   . LYS A 1 41  ? -7.492  -11.345 -8.395  1.00 17.03 ? 39  LYS A C   1 
ATOM   287  O O   . LYS A 1 41  ? -7.869  -12.150 -9.235  1.00 15.73 ? 39  LYS A O   1 
ATOM   288  C CB  . LYS A 1 41  ? -6.681  -9.057  -9.022  1.00 12.53 ? 39  LYS A CB  1 
ATOM   289  C CG  . LYS A 1 41  ? -5.972  -9.634  -10.247 1.00 9.59  ? 39  LYS A CG  1 
ATOM   290  C CD  . LYS A 1 41  ? -6.837  -9.612  -11.501 1.00 7.77  ? 39  LYS A CD  1 
ATOM   291  C CE  . LYS A 1 41  ? -6.181  -10.431 -12.628 1.00 11.72 ? 39  LYS A CE  1 
ATOM   292  N NZ  . LYS A 1 41  ? -6.787  -10.192 -13.988 1.00 6.67  ? 39  LYS A NZ  1 
ATOM   293  N N   . LYS A 1 42  ? -6.740  -11.680 -7.358  1.00 18.47 ? 40  LYS A N   1 
ATOM   294  C CA  . LYS A 1 42  ? -6.291  -13.044 -7.174  1.00 19.27 ? 40  LYS A CA  1 
ATOM   295  C C   . LYS A 1 42  ? -7.464  -14.028 -7.101  1.00 22.22 ? 40  LYS A C   1 
ATOM   296  O O   . LYS A 1 42  ? -7.434  -15.090 -7.723  1.00 22.25 ? 40  LYS A O   1 
ATOM   297  C CB  . LYS A 1 42  ? -5.481  -13.154 -5.893  1.00 18.40 ? 40  LYS A CB  1 
ATOM   298  C CG  . LYS A 1 42  ? -4.751  -14.484 -5.755  1.00 20.91 ? 40  LYS A CG  1 
ATOM   299  C CD  . LYS A 1 42  ? -3.842  -14.499 -4.534  1.00 19.78 ? 40  LYS A CD  1 
ATOM   300  C CE  . LYS A 1 42  ? -2.874  -15.673 -4.583  1.00 17.10 ? 40  LYS A CE  1 
ATOM   301  N NZ  . LYS A 1 42  ? -2.097  -15.674 -3.317  1.00 23.41 ? 40  LYS A NZ  1 
ATOM   302  N N   . LYS A 1 43  ? -8.492  -13.662 -6.343  1.00 20.71 ? 41  LYS A N   1 
ATOM   303  C CA  . LYS A 1 43  ? -9.648  -14.524 -6.157  1.00 23.30 ? 41  LYS A CA  1 
ATOM   304  C C   . LYS A 1 43  ? -10.689 -14.551 -7.284  1.00 23.68 ? 41  LYS A C   1 
ATOM   305  O O   . LYS A 1 43  ? -11.378 -15.560 -7.465  1.00 26.58 ? 41  LYS A O   1 
ATOM   306  C CB  . LYS A 1 43  ? -10.347 -14.160 -4.836  1.00 21.86 ? 41  LYS A CB  1 
ATOM   307  N N   . THR A 1 44  ? -10.784 -13.487 -8.071  1.00 19.15 ? 42  THR A N   1 
ATOM   308  C CA  . THR A 1 44  ? -11.819 -13.445 -9.077  1.00 17.41 ? 42  THR A CA  1 
ATOM   309  C C   . THR A 1 44  ? -11.372 -13.241 -10.485 1.00 17.56 ? 42  THR A C   1 
ATOM   310  O O   . THR A 1 44  ? -12.109 -13.582 -11.399 1.00 20.25 ? 42  THR A O   1 
ATOM   311  C CB  . THR A 1 44  ? -12.829 -12.313 -8.787  1.00 16.82 ? 42  THR A CB  1 
ATOM   312  O OG1 . THR A 1 44  ? -12.182 -11.038 -8.982  1.00 18.88 ? 42  THR A OG1 1 
ATOM   313  C CG2 . THR A 1 44  ? -13.343 -12.406 -7.359  1.00 16.24 ? 42  THR A CG2 1 
ATOM   314  N N   . GLY A 1 45  ? -10.186 -12.671 -10.676 1.00 14.72 ? 43  GLY A N   1 
ATOM   315  C CA  . GLY A 1 45  ? -9.727  -12.393 -12.015 1.00 11.59 ? 43  GLY A CA  1 
ATOM   316  C C   . GLY A 1 45  ? -10.034 -10.951 -12.419 1.00 14.43 ? 43  GLY A C   1 
ATOM   317  O O   . GLY A 1 45  ? -9.561  -10.480 -13.453 1.00 13.42 ? 43  GLY A O   1 
ATOM   318  N N   . LYS A 1 46  ? -10.843 -10.224 -11.656 1.00 14.68 ? 44  LYS A N   1 
ATOM   319  C CA  . LYS A 1 46  ? -11.083 -8.836  -12.072 1.00 18.21 ? 44  LYS A CA  1 
ATOM   320  C C   . LYS A 1 46  ? -10.226 -7.845  -11.321 1.00 15.67 ? 44  LYS A C   1 
ATOM   321  O O   . LYS A 1 46  ? -9.995  -8.001  -10.121 1.00 14.03 ? 44  LYS A O   1 
ATOM   322  C CB  . LYS A 1 46  ? -12.544 -8.414  -11.942 1.00 22.02 ? 44  LYS A CB  1 
ATOM   323  C CG  . LYS A 1 46  ? -13.210 -8.802  -10.683 1.00 28.40 ? 44  LYS A CG  1 
ATOM   324  C CD  . LYS A 1 46  ? -14.734 -8.717  -10.862 1.00 29.83 ? 44  LYS A CD  1 
ATOM   325  C CE  . LYS A 1 46  ? -15.457 -9.610  -9.848  1.00 28.51 ? 44  LYS A CE  1 
ATOM   326  N NZ  . LYS A 1 46  ? -16.859 -9.162  -9.606  1.00 27.39 ? 44  LYS A NZ  1 
ATOM   327  N N   . LEU A 1 47  ? -9.708  -6.866  -12.062 1.00 13.83 ? 45  LEU A N   1 
ATOM   328  C CA  . LEU A 1 47  ? -8.885  -5.815  -11.490 1.00 16.34 ? 45  LEU A CA  1 
ATOM   329  C C   . LEU A 1 47  ? -9.800  -4.590  -11.436 1.00 15.85 ? 45  LEU A C   1 
ATOM   330  O O   . LEU A 1 47  ? -10.215 -4.075  -12.464 1.00 17.74 ? 45  LEU A O   1 
ATOM   331  C CB  . LEU A 1 47  ? -7.654  -5.533  -12.371 1.00 14.55 ? 45  LEU A CB  1 
ATOM   332  C CG  . LEU A 1 47  ? -6.704  -4.439  -11.843 1.00 15.37 ? 45  LEU A CG  1 
ATOM   333  C CD1 . LEU A 1 47  ? -5.897  -4.964  -10.665 1.00 12.23 ? 45  LEU A CD1 1 
ATOM   334  C CD2 . LEU A 1 47  ? -5.773  -3.997  -12.955 1.00 16.84 ? 45  LEU A CD2 1 
ATOM   335  N N   . LEU A 1 48  ? -10.084 -4.120  -10.233 1.00 15.55 ? 46  LEU A N   1 
ATOM   336  C CA  . LEU A 1 48  ? -10.981 -2.998  -10.028 1.00 18.18 ? 46  LEU A CA  1 
ATOM   337  C C   . LEU A 1 48  ? -10.434 -1.961  -9.025  1.00 17.74 ? 46  LEU A C   1 
ATOM   338  O O   . LEU A 1 48  ? -9.754  -2.324  -8.067  1.00 18.55 ? 46  LEU A O   1 
ATOM   339  C CB  . LEU A 1 48  ? -12.294 -3.585  -9.505  1.00 22.53 ? 46  LEU A CB  1 
ATOM   340  C CG  . LEU A 1 48  ? -13.506 -2.757  -9.116  1.00 27.56 ? 46  LEU A CG  1 
ATOM   341  C CD1 . LEU A 1 48  ? -14.297 -2.455  -10.369 1.00 29.49 ? 46  LEU A CD1 1 
ATOM   342  C CD2 . LEU A 1 48  ? -14.388 -3.539  -8.145  1.00 29.42 ? 46  LEU A CD2 1 
ATOM   343  N N   . ASN A 1 49  ? -10.714 -0.681  -9.248  1.00 16.13 ? 47  ASN A N   1 
ATOM   344  C CA  . ASN A 1 49  ? -10.291 0.359   -8.300  1.00 16.63 ? 47  ASN A CA  1 
ATOM   345  C C   . ASN A 1 49  ? -11.261 0.359   -7.131  1.00 14.94 ? 47  ASN A C   1 
ATOM   346  O O   . ASN A 1 49  ? -12.451 0.593   -7.327  1.00 15.62 ? 47  ASN A O   1 
ATOM   347  C CB  . ASN A 1 49  ? -10.351 1.752   -8.922  1.00 13.45 ? 47  ASN A CB  1 
ATOM   348  C CG  . ASN A 1 49  ? -9.267  1.987   -9.950  1.00 16.45 ? 47  ASN A CG  1 
ATOM   349  O OD1 . ASN A 1 49  ? -8.127  1.497   -9.824  1.00 11.72 ? 47  ASN A OD1 1 
ATOM   350  N ND2 . ASN A 1 49  ? -9.612  2.749   -10.981 1.00 11.78 ? 47  ASN A ND2 1 
ATOM   351  N N   . LEU A 1 50  ? -10.763 0.099   -5.924  1.00 14.10 ? 48  LEU A N   1 
ATOM   352  C CA  . LEU A 1 50  ? -11.616 0.104   -4.729  1.00 13.65 ? 48  LEU A CA  1 
ATOM   353  C C   . LEU A 1 50  ? -11.594 1.543   -4.136  1.00 15.01 ? 48  LEU A C   1 
ATOM   354  O O   . LEU A 1 50  ? -10.751 2.356   -4.527  1.00 13.02 ? 48  LEU A O   1 
ATOM   355  C CB  . LEU A 1 50  ? -11.120 -0.946  -3.724  1.00 12.96 ? 48  LEU A CB  1 
ATOM   356  C CG  . LEU A 1 50  ? -11.244 -2.398  -4.214  1.00 13.52 ? 48  LEU A CG  1 
ATOM   357  C CD1 . LEU A 1 50  ? -10.751 -3.381  -3.154  1.00 9.10  ? 48  LEU A CD1 1 
ATOM   358  C CD2 . LEU A 1 50  ? -12.711 -2.685  -4.540  1.00 15.25 ? 48  LEU A CD2 1 
ATOM   359  N N   . SER A 1 51  ? -12.495 1.841   -3.197  1.00 14.20 ? 49  SER A N   1 
ATOM   360  C CA  . SER A 1 51  ? -12.643 3.201   -2.656  1.00 14.76 ? 49  SER A CA  1 
ATOM   361  C C   . SER A 1 51  ? -11.827 3.717   -1.470  1.00 14.83 ? 49  SER A C   1 
ATOM   362  O O   . SER A 1 51  ? -12.118 3.347   -0.323  1.00 13.31 ? 49  SER A O   1 
ATOM   363  C CB  . SER A 1 51  ? -14.132 3.449   -2.316  1.00 17.87 ? 49  SER A CB  1 
ATOM   364  O OG  . SER A 1 51  ? -14.386 4.769   -1.822  1.00 16.52 ? 49  SER A OG  1 
ATOM   365  N N   . PRO A 1 52  ? -10.754 4.508   -1.726  1.00 12.89 ? 50  PRO A N   1 
ATOM   366  C CA  . PRO A 1 52  ? -10.028 5.024   -0.556  1.00 14.37 ? 50  PRO A CA  1 
ATOM   367  C C   . PRO A 1 52  ? -10.986 5.988   0.187   1.00 13.13 ? 50  PRO A C   1 
ATOM   368  O O   . PRO A 1 52  ? -10.941 6.093   1.395   1.00 14.29 ? 50  PRO A O   1 
ATOM   369  C CB  . PRO A 1 52  ? -8.855  5.803   -1.148  1.00 13.63 ? 50  PRO A CB  1 
ATOM   370  C CG  . PRO A 1 52  ? -9.270  6.077   -2.594  1.00 14.57 ? 50  PRO A CG  1 
ATOM   371  C CD  . PRO A 1 52  ? -10.096 4.882   -2.991  1.00 12.13 ? 50  PRO A CD  1 
ATOM   372  N N   . GLN A 1 53  ? -11.843 6.694   -0.546  1.00 12.77 ? 51  GLN A N   1 
ATOM   373  C CA  . GLN A 1 53  ? -12.766 7.645   0.103   1.00 15.58 ? 51  GLN A CA  1 
ATOM   374  C C   . GLN A 1 53  ? -13.666 6.945   1.145   1.00 16.42 ? 51  GLN A C   1 
ATOM   375  O O   . GLN A 1 53  ? -13.914 7.477   2.229   1.00 17.85 ? 51  GLN A O   1 
ATOM   376  C CB  . GLN A 1 53  ? -13.615 8.388   -0.941  1.00 14.28 ? 51  GLN A CB  1 
ATOM   377  C CG  . GLN A 1 53  ? -14.325 9.637   -0.380  1.00 16.15 ? 51  GLN A CG  1 
ATOM   378  C CD  . GLN A 1 53  ? -13.359 10.750  0.068   1.00 15.75 ? 51  GLN A CD  1 
ATOM   379  O OE1 . GLN A 1 53  ? -13.428 11.224  1.206   1.00 18.19 ? 51  GLN A OE1 1 
ATOM   380  N NE2 . GLN A 1 53  ? -12.481 11.176  -0.825  1.00 11.29 ? 51  GLN A NE2 1 
ATOM   381  N N   . ASN A 1 54  ? -14.117 5.735   0.830   1.00 18.03 ? 52  ASN A N   1 
ATOM   382  C CA  . ASN A 1 54  ? -14.937 4.954   1.751   1.00 15.21 ? 52  ASN A CA  1 
ATOM   383  C C   . ASN A 1 54  ? -14.175 4.849   3.090   1.00 17.79 ? 52  ASN A C   1 
ATOM   384  O O   . ASN A 1 54  ? -14.758 5.015   4.174   1.00 18.46 ? 52  ASN A O   1 
ATOM   385  C CB  . ASN A 1 54  ? -15.174 3.550   1.155   1.00 16.09 ? 52  ASN A CB  1 
ATOM   386  C CG  . ASN A 1 54  ? -16.197 2.710   1.954   1.00 20.37 ? 52  ASN A CG  1 
ATOM   387  O OD1 . ASN A 1 54  ? -16.610 3.076   3.066   1.00 19.91 ? 52  ASN A OD1 1 
ATOM   388  N ND2 . ASN A 1 54  ? -16.613 1.589   1.376   1.00 10.96 ? 52  ASN A ND2 1 
ATOM   389  N N   . LEU A 1 55  ? -12.868 4.592   3.031   1.00 15.40 ? 53  LEU A N   1 
ATOM   390  C CA  . LEU A 1 55  ? -12.087 4.445   4.250   1.00 14.18 ? 53  LEU A CA  1 
ATOM   391  C C   . LEU A 1 55  ? -11.823 5.768   4.971   1.00 15.62 ? 53  LEU A C   1 
ATOM   392  O O   . LEU A 1 55  ? -11.908 5.852   6.211   1.00 14.60 ? 53  LEU A O   1 
ATOM   393  C CB  . LEU A 1 55  ? -10.761 3.751   3.929   1.00 16.57 ? 53  LEU A CB  1 
ATOM   394  C CG  . LEU A 1 55  ? -10.880 2.362   3.251   1.00 15.82 ? 53  LEU A CG  1 
ATOM   395  C CD1 . LEU A 1 55  ? -9.500  1.836   2.911   1.00 11.77 ? 53  LEU A CD1 1 
ATOM   396  C CD2 . LEU A 1 55  ? -11.615 1.385   4.204   1.00 10.94 ? 53  LEU A CD2 1 
ATOM   397  N N   . VAL A 1 56  ? -11.505 6.798   4.194   1.00 14.03 ? 54  VAL A N   1 
ATOM   398  C CA  . VAL A 1 56  ? -11.219 8.107   4.751   1.00 14.92 ? 54  VAL A CA  1 
ATOM   399  C C   . VAL A 1 56  ? -12.424 8.594   5.579   1.00 16.79 ? 54  VAL A C   1 
ATOM   400  O O   . VAL A 1 56  ? -12.277 8.970   6.746   1.00 15.92 ? 54  VAL A O   1 
ATOM   401  C CB  . VAL A 1 56  ? -10.904 9.101   3.611   1.00 15.08 ? 54  VAL A CB  1 
ATOM   402  C CG1 . VAL A 1 56  ? -11.059 10.546  4.106   1.00 15.16 ? 54  VAL A CG1 1 
ATOM   403  C CG2 . VAL A 1 56  ? -9.495  8.830   3.081   1.00 12.64 ? 54  VAL A CG2 1 
ATOM   404  N N   . ASP A 1 57  ? -13.609 8.542   4.971   1.00 15.89 ? 55  ASP A N   1 
ATOM   405  C CA  . ASP A 1 57  ? -14.845 8.971   5.618   1.00 17.70 ? 55  ASP A CA  1 
ATOM   406  C C   . ASP A 1 57  ? -15.320 8.107   6.788   1.00 18.86 ? 55  ASP A C   1 
ATOM   407  O O   . ASP A 1 57  ? -15.829 8.642   7.765   1.00 20.15 ? 55  ASP A O   1 
ATOM   408  C CB  . ASP A 1 57  ? -15.990 9.044   4.587   1.00 16.32 ? 55  ASP A CB  1 
ATOM   409  C CG  . ASP A 1 57  ? -15.803 10.141  3.578   1.00 17.45 ? 55  ASP A CG  1 
ATOM   410  O OD1 . ASP A 1 57  ? -14.852 10.922  3.715   1.00 16.95 ? 55  ASP A OD1 1 
ATOM   411  O OD2 . ASP A 1 57  ? -16.603 10.230  2.635   1.00 18.95 ? 55  ASP A OD2 1 
ATOM   412  N N   . CYS A 1 58  ? -15.151 6.786   6.705   1.00 18.59 ? 56  CYS A N   1 
ATOM   413  C CA  . CYS A 1 58  ? -15.666 5.883   7.739   1.00 17.14 ? 56  CYS A CA  1 
ATOM   414  C C   . CYS A 1 58  ? -14.781 5.197   8.774   1.00 19.10 ? 56  CYS A C   1 
ATOM   415  O O   . CYS A 1 58  ? -15.311 4.717   9.771   1.00 18.62 ? 56  CYS A O   1 
ATOM   416  C CB  . CYS A 1 58  ? -16.506 4.787   7.080   1.00 17.22 ? 56  CYS A CB  1 
ATOM   417  S SG  . CYS A 1 58  ? -17.434 5.331   5.636   1.00 23.01 ? 56  CYS A SG  1 
ATOM   418  N N   . VAL A 1 59  ? -13.469 5.095   8.574   1.00 19.53 ? 57  VAL A N   1 
ATOM   419  C CA  . VAL A 1 59  ? -12.670 4.434   9.608   1.00 19.26 ? 57  VAL A CA  1 
ATOM   420  C C   . VAL A 1 59  ? -12.505 5.449   10.736  1.00 22.26 ? 57  VAL A C   1 
ATOM   421  O O   . VAL A 1 59  ? -11.561 6.247   10.752  1.00 20.33 ? 57  VAL A O   1 
ATOM   422  C CB  . VAL A 1 59  ? -11.300 3.965   9.068   1.00 18.57 ? 57  VAL A CB  1 
ATOM   423  C CG1 . VAL A 1 59  ? -10.512 3.205   10.175  1.00 12.86 ? 57  VAL A CG1 1 
ATOM   424  C CG2 . VAL A 1 59  ? -11.528 3.045   7.877   1.00 16.14 ? 57  VAL A CG2 1 
ATOM   425  N N   . SER A 1 60  ? -13.436 5.409   11.686  1.00 22.07 ? 58  SER A N   1 
ATOM   426  C CA  . SER A 1 60  ? -13.423 6.374   12.782  1.00 26.03 ? 58  SER A CA  1 
ATOM   427  C C   . SER A 1 60  ? -12.237 6.216   13.716  1.00 25.39 ? 58  SER A C   1 
ATOM   428  O O   . SER A 1 60  ? -11.853 7.152   14.402  1.00 25.58 ? 58  SER A O   1 
ATOM   429  C CB  . SER A 1 60  ? -14.758 6.335   13.546  1.00 24.23 ? 58  SER A CB  1 
ATOM   430  O OG  . SER A 1 60  ? -14.830 5.167   14.335  1.00 31.21 ? 58  SER A OG  1 
ATOM   431  N N   . GLU A 1 61  ? -11.639 5.035   13.723  1.00 29.79 ? 59  GLU A N   1 
ATOM   432  C CA  . GLU A 1 61  ? -10.469 4.809   14.557  1.00 30.08 ? 59  GLU A CA  1 
ATOM   433  C C   . GLU A 1 61  ? -9.255  5.522   13.935  1.00 30.02 ? 59  GLU A C   1 
ATOM   434  O O   . GLU A 1 61  ? -8.216  5.638   14.562  1.00 30.45 ? 59  GLU A O   1 
ATOM   435  C CB  . GLU A 1 61  ? -10.181 3.309   14.658  1.00 36.61 ? 59  GLU A CB  1 
ATOM   436  C CG  . GLU A 1 61  ? -11.239 2.512   15.388  1.00 44.57 ? 59  GLU A CG  1 
ATOM   437  C CD  . GLU A 1 61  ? -11.412 2.987   16.830  1.00 52.47 ? 59  GLU A CD  1 
ATOM   438  O OE1 . GLU A 1 61  ? -10.383 3.119   17.539  1.00 54.25 ? 59  GLU A OE1 1 
ATOM   439  O OE2 . GLU A 1 61  ? -12.574 3.232   17.250  1.00 56.03 ? 59  GLU A OE2 1 
ATOM   440  N N   . ASN A 1 62  ? -9.374  5.976   12.690  1.00 27.99 ? 60  ASN A N   1 
ATOM   441  C CA  . ASN A 1 62  ? -8.261  6.665   12.028  1.00 24.81 ? 60  ASN A CA  1 
ATOM   442  C C   . ASN A 1 62  ? -8.562  8.171   11.991  1.00 24.56 ? 60  ASN A C   1 
ATOM   443  O O   . ASN A 1 62  ? -9.628  8.597   12.437  1.00 24.15 ? 60  ASN A O   1 
ATOM   444  C CB  . ASN A 1 62  ? -8.075  6.137   10.600  1.00 21.59 ? 60  ASN A CB  1 
ATOM   445  C CG  . ASN A 1 62  ? -7.193  4.898   10.528  1.00 18.53 ? 60  ASN A CG  1 
ATOM   446  O OD1 . ASN A 1 62  ? -6.558  4.503   11.502  1.00 15.61 ? 60  ASN A OD1 1 
ATOM   447  N ND2 . ASN A 1 62  ? -7.154  4.282   9.357   1.00 14.97 ? 60  ASN A ND2 1 
ATOM   448  N N   . ASP A 1 63  ? -7.650  8.961   11.428  1.00 22.20 ? 61  ASP A N   1 
ATOM   449  C CA  . ASP A 1 63  ? -7.814  10.412  11.374  1.00 23.57 ? 61  ASP A CA  1 
ATOM   450  C C   . ASP A 1 63  ? -8.068  11.047  10.011  1.00 22.84 ? 61  ASP A C   1 
ATOM   451  O O   . ASP A 1 63  ? -7.610  12.172  9.751   1.00 21.29 ? 61  ASP A O   1 
ATOM   452  C CB  . ASP A 1 63  ? -6.589  11.093  11.991  1.00 29.57 ? 61  ASP A CB  1 
ATOM   453  C CG  . ASP A 1 63  ? -6.600  11.032  13.499  1.00 35.97 ? 61  ASP A CG  1 
ATOM   454  O OD1 . ASP A 1 63  ? -7.662  11.352  14.068  1.00 40.28 ? 61  ASP A OD1 1 
ATOM   455  O OD2 . ASP A 1 63  ? -5.564  10.661  14.109  1.00 37.94 ? 61  ASP A OD2 1 
ATOM   456  N N   . GLY A 1 64  ? -8.787  10.340  9.148   1.00 19.24 ? 62  GLY A N   1 
ATOM   457  C CA  . GLY A 1 64  ? -9.080  10.867  7.833   1.00 19.31 ? 62  GLY A CA  1 
ATOM   458  C C   . GLY A 1 64  ? -7.861  11.371  7.067   1.00 20.38 ? 62  GLY A C   1 
ATOM   459  O O   . GLY A 1 64  ? -6.934  10.597  6.781   1.00 19.02 ? 62  GLY A O   1 
ATOM   460  N N   . CYS A 1 65  ? -7.868  12.668  6.742   1.00 17.99 ? 63  CYS A N   1 
ATOM   461  C CA  . CYS A 1 65  ? -6.792  13.299  5.986   1.00 19.81 ? 63  CYS A CA  1 
ATOM   462  C C   . CYS A 1 65  ? -5.608  13.643  6.870   1.00 20.00 ? 63  CYS A C   1 
ATOM   463  O O   . CYS A 1 65  ? -4.607  14.173  6.388   1.00 20.42 ? 63  CYS A O   1 
ATOM   464  C CB  . CYS A 1 65  ? -7.295  14.562  5.307   1.00 16.06 ? 63  CYS A CB  1 
ATOM   465  S SG  . CYS A 1 65  ? -8.345  14.191  3.869   1.00 21.15 ? 63  CYS A SG  1 
ATOM   466  N N   . GLY A 1 66  ? -5.734  13.326  8.154   1.00 18.47 ? 64  GLY A N   1 
ATOM   467  C CA  . GLY A 1 66  ? -4.677  13.598  9.108   1.00 18.57 ? 64  GLY A CA  1 
ATOM   468  C C   . GLY A 1 66  ? -3.840  12.367  9.410   1.00 20.96 ? 64  GLY A C   1 
ATOM   469  O O   . GLY A 1 66  ? -2.976  12.413  10.276  1.00 22.50 ? 64  GLY A O   1 
ATOM   470  N N   . GLY A 1 67  ? -4.088  11.262  8.706   1.00 20.37 ? 65  GLY A N   1 
ATOM   471  C CA  . GLY A 1 67  ? -3.287  10.066  8.924   1.00 18.97 ? 65  GLY A CA  1 
ATOM   472  C C   . GLY A 1 67  ? -4.085  8.904   9.468   1.00 17.58 ? 65  GLY A C   1 
ATOM   473  O O   . GLY A 1 67  ? -5.225  9.080   9.854   1.00 16.76 ? 65  GLY A O   1 
ATOM   474  N N   . GLY A 1 68  ? -3.491  7.718   9.491   1.00 17.34 ? 66  GLY A N   1 
ATOM   475  C CA  . GLY A 1 68  ? -4.204  6.558   9.999   1.00 17.42 ? 66  GLY A CA  1 
ATOM   476  C C   . GLY A 1 68  ? -3.414  5.287   9.778   1.00 17.57 ? 66  GLY A C   1 
ATOM   477  O O   . GLY A 1 68  ? -2.357  5.324   9.144   1.00 16.52 ? 66  GLY A O   1 
ATOM   478  N N   . TYR A 1 69  ? -3.916  4.169   10.293  1.00 16.69 ? 67  TYR A N   1 
ATOM   479  C CA  . TYR A 1 69  ? -3.240  2.892   10.140  1.00 18.23 ? 67  TYR A CA  1 
ATOM   480  C C   . TYR A 1 69  ? -3.953  1.953   9.189   1.00 16.34 ? 67  TYR A C   1 
ATOM   481  O O   . TYR A 1 69  ? -5.178  1.909   9.146   1.00 16.45 ? 67  TYR A O   1 
ATOM   482  C CB  . TYR A 1 69  ? -3.105  2.190   11.493  1.00 21.64 ? 67  TYR A CB  1 
ATOM   483  C CG  . TYR A 1 69  ? -2.207  2.925   12.428  1.00 27.16 ? 67  TYR A CG  1 
ATOM   484  C CD1 . TYR A 1 69  ? -0.836  2.703   12.413  1.00 29.60 ? 67  TYR A CD1 1 
ATOM   485  C CD2 . TYR A 1 69  ? -2.719  3.897   13.293  1.00 31.74 ? 67  TYR A CD2 1 
ATOM   486  C CE1 . TYR A 1 69  ? 0.026   3.435   13.239  1.00 34.32 ? 67  TYR A CE1 1 
ATOM   487  C CE2 . TYR A 1 69  ? -1.869  4.639   14.127  1.00 35.50 ? 67  TYR A CE2 1 
ATOM   488  C CZ  . TYR A 1 69  ? -0.495  4.400   14.092  1.00 36.02 ? 67  TYR A CZ  1 
ATOM   489  O OH  . TYR A 1 69  ? 0.353   5.118   14.907  1.00 39.03 ? 67  TYR A OH  1 
ATOM   490  N N   . MET A 1 70  ? -3.168  1.173   8.464   1.00 15.79 ? 68  MET A N   1 
ATOM   491  C CA  . MET A 1 70  ? -3.730  0.206   7.533   1.00 17.09 ? 68  MET A CA  1 
ATOM   492  C C   . MET A 1 70  ? -4.429  -0.934  8.295   1.00 16.43 ? 68  MET A C   1 
ATOM   493  O O   . MET A 1 70  ? -5.451  -1.403  7.836   1.00 14.99 ? 68  MET A O   1 
ATOM   494  C CB  . MET A 1 70  ? -2.642  -0.368  6.630   1.00 12.96 ? 68  MET A CB  1 
ATOM   495  C CG  . MET A 1 70  ? -2.070  0.642   5.644   1.00 16.35 ? 68  MET A CG  1 
ATOM   496  S SD  . MET A 1 70  ? -0.789  1.666   6.452   1.00 15.67 ? 68  MET A SD  1 
ATOM   497  C CE  . MET A 1 70  ? 0.633   0.624   6.399   1.00 12.33 ? 68  MET A CE  1 
ATOM   498  N N   . THR A 1 71  ? -3.884  -1.386  9.435   1.00 16.98 ? 69  THR A N   1 
ATOM   499  C CA  . THR A 1 71  ? -4.549  -2.469  10.176  1.00 18.63 ? 69  THR A CA  1 
ATOM   500  C C   . THR A 1 71  ? -5.977  -2.050  10.535  1.00 18.40 ? 69  THR A C   1 
ATOM   501  O O   . THR A 1 71  ? -6.888  -2.854  10.406  1.00 18.22 ? 69  THR A O   1 
ATOM   502  C CB  . THR A 1 71  ? -3.810  -2.875  11.486  1.00 19.57 ? 69  THR A CB  1 
ATOM   503  O OG1 . THR A 1 71  ? -3.391  -1.698  12.182  1.00 22.73 ? 69  THR A OG1 1 
ATOM   504  C CG2 . THR A 1 71  ? -2.596  -3.772  11.171  1.00 21.26 ? 69  THR A CG2 1 
ATOM   505  N N   . ASN A 1 72  ? -6.168  -0.809  10.983  1.00 17.33 ? 70  ASN A N   1 
ATOM   506  C CA  . ASN A 1 72  ? -7.507  -0.315  11.316  1.00 19.61 ? 70  ASN A CA  1 
ATOM   507  C C   . ASN A 1 72  ? -8.432  -0.376  10.102  1.00 21.81 ? 70  ASN A C   1 
ATOM   508  O O   . ASN A 1 72  ? -9.619  -0.709  10.240  1.00 22.77 ? 70  ASN A O   1 
ATOM   509  C CB  . ASN A 1 72  ? -7.483  1.139   11.790  1.00 18.40 ? 70  ASN A CB  1 
ATOM   510  C CG  . ASN A 1 72  ? -6.912  1.297   13.181  1.00 22.72 ? 70  ASN A CG  1 
ATOM   511  O OD1 . ASN A 1 72  ? -6.562  2.416   13.591  1.00 24.51 ? 70  ASN A OD1 1 
ATOM   512  N ND2 . ASN A 1 72  ? -6.808  0.204   13.917  1.00 16.86 ? 70  ASN A ND2 1 
ATOM   513  N N   . ALA A 1 73  ? -7.904  -0.014  8.929   1.00 15.87 ? 71  ALA A N   1 
ATOM   514  C CA  . ALA A 1 73  ? -8.708  -0.050  7.724   1.00 16.49 ? 71  ALA A CA  1 
ATOM   515  C C   . ALA A 1 73  ? -9.141  -1.477  7.370   1.00 14.29 ? 71  ALA A C   1 
ATOM   516  O O   . ALA A 1 73  ? -10.274 -1.677  6.954   1.00 12.46 ? 71  ALA A O   1 
ATOM   517  C CB  . ALA A 1 73  ? -7.943  0.583   6.531   1.00 13.39 ? 71  ALA A CB  1 
ATOM   518  N N   . PHE A 1 74  ? -8.255  -2.463  7.524   1.00 14.52 ? 72  PHE A N   1 
ATOM   519  C CA  . PHE A 1 74  ? -8.630  -3.846  7.195   1.00 16.33 ? 72  PHE A CA  1 
ATOM   520  C C   . PHE A 1 74  ? -9.699  -4.350  8.188   1.00 18.76 ? 72  PHE A C   1 
ATOM   521  O O   . PHE A 1 74  ? -10.609 -5.088  7.814   1.00 17.30 ? 72  PHE A O   1 
ATOM   522  C CB  . PHE A 1 74  ? -7.402  -4.784  7.213   1.00 14.82 ? 72  PHE A CB  1 
ATOM   523  C CG  . PHE A 1 74  ? -6.331  -4.444  6.175   1.00 12.85 ? 72  PHE A CG  1 
ATOM   524  C CD1 . PHE A 1 74  ? -6.675  -4.151  4.864   1.00 10.47 ? 72  PHE A CD1 1 
ATOM   525  C CD2 . PHE A 1 74  ? -4.984  -4.433  6.520   1.00 11.06 ? 72  PHE A CD2 1 
ATOM   526  C CE1 . PHE A 1 74  ? -5.697  -3.850  3.904   1.00 12.81 ? 72  PHE A CE1 1 
ATOM   527  C CE2 . PHE A 1 74  ? -3.988  -4.126  5.552   1.00 12.00 ? 72  PHE A CE2 1 
ATOM   528  C CZ  . PHE A 1 74  ? -4.354  -3.835  4.252   1.00 7.80  ? 72  PHE A CZ  1 
ATOM   529  N N   . GLN A 1 75  ? -9.585  -3.949  9.456   1.00 21.64 ? 73  GLN A N   1 
ATOM   530  C CA  . GLN A 1 75  ? -10.562 -4.373  10.453  1.00 23.23 ? 73  GLN A CA  1 
ATOM   531  C C   . GLN A 1 75  ? -11.925 -3.767  10.156  1.00 21.67 ? 73  GLN A C   1 
ATOM   532  O O   . GLN A 1 75  ? -12.950 -4.421  10.295  1.00 19.44 ? 73  GLN A O   1 
ATOM   533  C CB  . GLN A 1 75  ? -10.121 -3.997  11.865  1.00 26.60 ? 73  GLN A CB  1 
ATOM   534  C CG  . GLN A 1 75  ? -10.922 -4.746  12.919  1.00 37.95 ? 73  GLN A CG  1 
ATOM   535  C CD  . GLN A 1 75  ? -10.559 -4.344  14.331  1.00 45.01 ? 73  GLN A CD  1 
ATOM   536  O OE1 . GLN A 1 75  ? -9.375  -4.207  14.673  1.00 48.45 ? 73  GLN A OE1 1 
ATOM   537  N NE2 . GLN A 1 75  ? -11.575 -4.150  15.170  1.00 47.51 ? 73  GLN A NE2 1 
ATOM   538  N N   . TYR A 1 76  ? -11.938 -2.515  9.717   1.00 21.21 ? 74  TYR A N   1 
ATOM   539  C CA  . TYR A 1 76  ? -13.198 -1.888  9.381   1.00 19.98 ? 74  TYR A CA  1 
ATOM   540  C C   . TYR A 1 76  ? -13.876 -2.599  8.202   1.00 20.73 ? 74  TYR A C   1 
ATOM   541  O O   . TYR A 1 76  ? -15.096 -2.796  8.207   1.00 19.35 ? 74  TYR A O   1 
ATOM   542  C CB  . TYR A 1 76  ? -12.990 -0.418  9.023   1.00 19.55 ? 74  TYR A CB  1 
ATOM   543  C CG  . TYR A 1 76  ? -14.214 0.174   8.362   1.00 20.71 ? 74  TYR A CG  1 
ATOM   544  C CD1 . TYR A 1 76  ? -15.227 0.783   9.124   1.00 22.12 ? 74  TYR A CD1 1 
ATOM   545  C CD2 . TYR A 1 76  ? -14.381 0.102   6.985   1.00 20.13 ? 74  TYR A CD2 1 
ATOM   546  C CE1 . TYR A 1 76  ? -16.378 1.304   8.512   1.00 24.71 ? 74  TYR A CE1 1 
ATOM   547  C CE2 . TYR A 1 76  ? -15.516 0.614   6.365   1.00 23.09 ? 74  TYR A CE2 1 
ATOM   548  C CZ  . TYR A 1 76  ? -16.511 1.213   7.127   1.00 27.23 ? 74  TYR A CZ  1 
ATOM   549  O OH  . TYR A 1 76  ? -17.638 1.713   6.482   1.00 35.93 ? 74  TYR A OH  1 
ATOM   550  N N   . VAL A 1 77  ? -13.109 -2.970  7.176   1.00 19.87 ? 75  VAL A N   1 
ATOM   551  C CA  . VAL A 1 77  ? -13.717 -3.631  6.021   1.00 20.86 ? 75  VAL A CA  1 
ATOM   552  C C   . VAL A 1 77  ? -14.321 -4.990  6.430   1.00 22.11 ? 75  VAL A C   1 
ATOM   553  O O   . VAL A 1 77  ? -15.396 -5.379  5.967   1.00 22.73 ? 75  VAL A O   1 
ATOM   554  C CB  . VAL A 1 77  ? -12.683 -3.838  4.891   1.00 20.47 ? 75  VAL A CB  1 
ATOM   555  C CG1 . VAL A 1 77  ? -13.257 -4.761  3.809   1.00 17.28 ? 75  VAL A CG1 1 
ATOM   556  C CG2 . VAL A 1 77  ? -12.298 -2.481  4.296   1.00 20.84 ? 75  VAL A CG2 1 
ATOM   557  N N   . GLN A 1 78  ? -13.615 -5.702  7.295   1.00 22.62 ? 76  GLN A N   1 
ATOM   558  C CA  . GLN A 1 78  ? -14.068 -6.988  7.794   1.00 24.94 ? 76  GLN A CA  1 
ATOM   559  C C   . GLN A 1 78  ? -15.382 -6.846  8.578   1.00 26.35 ? 76  GLN A C   1 
ATOM   560  O O   . GLN A 1 78  ? -16.341 -7.546  8.297   1.00 28.54 ? 76  GLN A O   1 
ATOM   561  C CB  . GLN A 1 78  ? -12.978 -7.598  8.688   1.00 26.81 ? 76  GLN A CB  1 
ATOM   562  C CG  . GLN A 1 78  ? -13.431 -8.739  9.599   1.00 32.54 ? 76  GLN A CG  1 
ATOM   563  C CD  . GLN A 1 78  ? -12.274 -9.415  10.332  1.00 37.01 ? 76  GLN A CD  1 
ATOM   564  O OE1 . GLN A 1 78  ? -12.166 -10.649 10.344  1.00 41.55 ? 76  GLN A OE1 1 
ATOM   565  N NE2 . GLN A 1 78  ? -11.399 -8.611  10.945  1.00 40.27 ? 76  GLN A NE2 1 
ATOM   566  N N   . LYS A 1 79  ? -15.435 -5.925  9.537   1.00 27.12 ? 77  LYS A N   1 
ATOM   567  C CA  . LYS A 1 79  ? -16.627 -5.746  10.365  1.00 29.41 ? 77  LYS A CA  1 
ATOM   568  C C   . LYS A 1 79  ? -17.792 -5.073  9.641   1.00 31.12 ? 77  LYS A C   1 
ATOM   569  O O   . LYS A 1 79  ? -18.947 -5.195  10.049  1.00 30.65 ? 77  LYS A O   1 
ATOM   570  C CB  . LYS A 1 79  ? -16.287 -4.941  11.639  1.00 27.96 ? 77  LYS A CB  1 
ATOM   571  N N   . ASN A 1 80  ? -17.498 -4.378  8.559   1.00 31.03 ? 78  ASN A N   1 
ATOM   572  C CA  . ASN A 1 80  ? -18.539 -3.678  7.832   1.00 32.02 ? 78  ASN A CA  1 
ATOM   573  C C   . ASN A 1 80  ? -19.068 -4.493  6.666   1.00 31.22 ? 78  ASN A C   1 
ATOM   574  O O   . ASN A 1 80  ? -19.978 -4.088  5.952   1.00 29.43 ? 78  ASN A O   1 
ATOM   575  C CB  . ASN A 1 80  ? -17.978 -2.363  7.343   1.00 37.30 ? 78  ASN A CB  1 
ATOM   576  C CG  . ASN A 1 80  ? -19.021 -1.491  6.718   1.00 43.04 ? 78  ASN A CG  1 
ATOM   577  O OD1 . ASN A 1 80  ? -19.126 -1.408  5.485   1.00 46.09 ? 78  ASN A OD1 1 
ATOM   578  N ND2 . ASN A 1 80  ? -19.805 -0.818  7.559   1.00 46.57 ? 78  ASN A ND2 1 
ATOM   579  N N   . ARG A 1 81  ? -18.473 -5.651  6.456   1.00 33.77 ? 79  ARG A N   1 
ATOM   580  C CA  . ARG A 1 81  ? -18.907 -6.503  5.369   1.00 35.03 ? 79  ARG A CA  1 
ATOM   581  C C   . ARG A 1 81  ? -18.552 -5.990  3.978   1.00 32.03 ? 79  ARG A C   1 
ATOM   582  O O   . ARG A 1 81  ? -19.345 -6.123  3.048   1.00 30.96 ? 79  ARG A O   1 
ATOM   583  C CB  . ARG A 1 81  ? -20.420 -6.731  5.479   1.00 40.90 ? 79  ARG A CB  1 
ATOM   584  C CG  . ARG A 1 81  ? -20.842 -7.259  6.862   1.00 47.68 ? 79  ARG A CG  1 
ATOM   585  C CD  . ARG A 1 81  ? -19.764 -8.155  7.503   1.00 53.07 ? 79  ARG A CD  1 
ATOM   586  N NE  . ARG A 1 81  ? -20.306 -8.981  8.586   1.00 61.05 ? 79  ARG A NE  1 
ATOM   587  C CZ  . ARG A 1 81  ? -20.554 -10.290 8.494   1.00 64.38 ? 79  ARG A CZ  1 
ATOM   588  N NH1 . ARG A 1 81  ? -20.308 -10.947 7.358   1.00 66.47 ? 79  ARG A NH1 1 
ATOM   589  N NH2 . ARG A 1 81  ? -21.055 -10.944 9.539   1.00 63.93 ? 79  ARG A NH2 1 
ATOM   590  N N   . GLY A 1 82  ? -17.366 -5.392  3.838   1.00 29.10 ? 80  GLY A N   1 
ATOM   591  C CA  . GLY A 1 82  ? -16.946 -4.939  2.525   1.00 23.45 ? 80  GLY A CA  1 
ATOM   592  C C   . GLY A 1 82  ? -16.601 -3.478  2.375   1.00 22.23 ? 80  GLY A C   1 
ATOM   593  O O   . GLY A 1 82  ? -16.809 -2.688  3.279   1.00 21.96 ? 80  GLY A O   1 
ATOM   594  N N   . ILE A 1 83  ? -16.077 -3.138  1.202   1.00 20.16 ? 81  ILE A N   1 
ATOM   595  C CA  . ILE A 1 83  ? -15.666 -1.787  0.863   1.00 18.24 ? 81  ILE A CA  1 
ATOM   596  C C   . ILE A 1 83  ? -16.244 -1.543  -0.519  1.00 19.57 ? 81  ILE A C   1 
ATOM   597  O O   . ILE A 1 83  ? -16.383 -2.485  -1.299  1.00 17.38 ? 81  ILE A O   1 
ATOM   598  C CB  . ILE A 1 83  ? -14.101 -1.690  0.817   1.00 18.59 ? 81  ILE A CB  1 
ATOM   599  C CG1 . ILE A 1 83  ? -13.654 -0.294  0.404   1.00 16.18 ? 81  ILE A CG1 1 
ATOM   600  C CG2 . ILE A 1 83  ? -13.515 -2.723  -0.180  1.00 18.93 ? 81  ILE A CG2 1 
ATOM   601  C CD1 . ILE A 1 83  ? -12.167 -0.113  0.585   1.00 15.46 ? 81  ILE A CD1 1 
ATOM   602  N N   . ASP A 1 84  ? -16.596 -0.293  -0.812  1.00 17.78 ? 82  ASP A N   1 
ATOM   603  C CA  . ASP A 1 84  ? -17.157 0.075   -2.107  1.00 18.87 ? 82  ASP A CA  1 
ATOM   604  C C   . ASP A 1 84  ? -16.072 0.221   -3.145  1.00 19.42 ? 82  ASP A C   1 
ATOM   605  O O   . ASP A 1 84  ? -14.878 0.305   -2.820  1.00 18.08 ? 82  ASP A O   1 
ATOM   606  C CB  . ASP A 1 84  ? -17.888 1.413   -2.016  1.00 22.05 ? 82  ASP A CB  1 
ATOM   607  C CG  . ASP A 1 84  ? -19.228 1.314   -1.269  1.00 27.44 ? 82  ASP A CG  1 
ATOM   608  O OD1 . ASP A 1 84  ? -19.630 0.188   -0.905  1.00 30.03 ? 82  ASP A OD1 1 
ATOM   609  O OD2 . ASP A 1 84  ? -19.868 2.365   -1.033  1.00 26.13 ? 82  ASP A OD2 1 
ATOM   610  N N   . SER A 1 85  ? -16.498 0.245   -4.404  1.00 18.28 ? 83  SER A N   1 
ATOM   611  C CA  . SER A 1 85  ? -15.593 0.444   -5.520  1.00 17.12 ? 83  SER A CA  1 
ATOM   612  C C   . SER A 1 85  ? -15.408 1.964   -5.624  1.00 17.24 ? 83  SER A C   1 
ATOM   613  O O   . SER A 1 85  ? -16.175 2.743   -5.025  1.00 14.12 ? 83  SER A O   1 
ATOM   614  C CB  . SER A 1 85  ? -16.225 -0.062  -6.810  1.00 18.14 ? 83  SER A CB  1 
ATOM   615  O OG  . SER A 1 85  ? -17.315 0.764   -7.161  1.00 20.02 ? 83  SER A OG  1 
ATOM   616  N N   . GLU A 1 86  ? -14.401 2.382   -6.380  1.00 16.95 ? 84  GLU A N   1 
ATOM   617  C CA  . GLU A 1 86  ? -14.139 3.814   -6.564  1.00 19.36 ? 84  GLU A CA  1 
ATOM   618  C C   . GLU A 1 86  ? -15.348 4.448   -7.290  1.00 22.77 ? 84  GLU A C   1 
ATOM   619  O O   . GLU A 1 86  ? -15.743 5.575   -6.974  1.00 24.01 ? 84  GLU A O   1 
ATOM   620  C CB  . GLU A 1 86  ? -12.837 4.013   -7.374  1.00 13.60 ? 84  GLU A CB  1 
ATOM   621  C CG  . GLU A 1 86  ? -12.658 5.396   -8.021  1.00 16.84 ? 84  GLU A CG  1 
ATOM   622  C CD  . GLU A 1 86  ? -12.348 6.497   -6.994  1.00 19.03 ? 84  GLU A CD  1 
ATOM   623  O OE1 . GLU A 1 86  ? -11.845 6.173   -5.902  1.00 20.23 ? 84  GLU A OE1 1 
ATOM   624  O OE2 . GLU A 1 86  ? -12.629 7.685   -7.271  1.00 23.05 ? 84  GLU A OE2 1 
ATOM   625  N N   . ASP A 1 87  ? -15.945 3.717   -8.236  1.00 22.97 ? 85  ASP A N   1 
ATOM   626  C CA  . ASP A 1 87  ? -17.115 4.218   -8.982  1.00 25.32 ? 85  ASP A CA  1 
ATOM   627  C C   . ASP A 1 87  ? -18.320 4.495   -8.069  1.00 23.09 ? 85  ASP A C   1 
ATOM   628  O O   . ASP A 1 87  ? -19.039 5.446   -8.283  1.00 23.67 ? 85  ASP A O   1 
ATOM   629  C CB  . ASP A 1 87  ? -17.564 3.215   -10.062 1.00 30.20 ? 85  ASP A CB  1 
ATOM   630  C CG  . ASP A 1 87  ? -16.531 3.029   -11.174 1.00 37.33 ? 85  ASP A CG  1 
ATOM   631  O OD1 . ASP A 1 87  ? -16.021 4.038   -11.705 1.00 38.42 ? 85  ASP A OD1 1 
ATOM   632  O OD2 . ASP A 1 87  ? -16.231 1.859   -11.521 1.00 42.71 ? 85  ASP A OD2 1 
ATOM   633  N N   . ALA A 1 88  ? -18.526 3.655   -7.061  1.00 21.32 ? 86  ALA A N   1 
ATOM   634  C CA  . ALA A 1 88  ? -19.636 3.795   -6.122  1.00 20.73 ? 86  ALA A CA  1 
ATOM   635  C C   . ALA A 1 88  ? -19.395 4.806   -4.994  1.00 23.46 ? 86  ALA A C   1 
ATOM   636  O O   . ALA A 1 88  ? -20.359 5.304   -4.400  1.00 21.13 ? 86  ALA A O   1 
ATOM   637  C CB  . ALA A 1 88  ? -19.964 2.420   -5.496  1.00 19.67 ? 86  ALA A CB  1 
ATOM   638  N N   . TYR A 1 89  ? -18.122 5.084   -4.683  1.00 21.04 ? 87  TYR A N   1 
ATOM   639  C CA  . TYR A 1 89  ? -17.770 5.996   -3.589  1.00 18.68 ? 87  TYR A CA  1 
ATOM   640  C C   . TYR A 1 89  ? -16.458 6.665   -4.030  1.00 19.02 ? 87  TYR A C   1 
ATOM   641  O O   . TYR A 1 89  ? -15.375 6.336   -3.547  1.00 16.03 ? 87  TYR A O   1 
ATOM   642  C CB  . TYR A 1 89  ? -17.590 5.159   -2.323  1.00 18.81 ? 87  TYR A CB  1 
ATOM   643  C CG  . TYR A 1 89  ? -17.738 5.906   -1.026  1.00 18.57 ? 87  TYR A CG  1 
ATOM   644  C CD1 . TYR A 1 89  ? -17.323 7.239   -0.904  1.00 18.81 ? 87  TYR A CD1 1 
ATOM   645  C CD2 . TYR A 1 89  ? -18.292 5.276   0.088   1.00 18.29 ? 87  TYR A CD2 1 
ATOM   646  C CE1 . TYR A 1 89  ? -17.461 7.932   0.308   1.00 20.36 ? 87  TYR A CE1 1 
ATOM   647  C CE2 . TYR A 1 89  ? -18.437 5.951   1.302   1.00 22.40 ? 87  TYR A CE2 1 
ATOM   648  C CZ  . TYR A 1 89  ? -18.021 7.288   1.410   1.00 22.50 ? 87  TYR A CZ  1 
ATOM   649  O OH  . TYR A 1 89  ? -18.186 7.962   2.613   1.00 20.40 ? 87  TYR A OH  1 
ATOM   650  N N   . PRO A 1 90  ? -16.572 7.669   -4.908  1.00 17.99 ? 88  PRO A N   1 
ATOM   651  C CA  . PRO A 1 90  ? -15.466 8.428   -5.493  1.00 19.30 ? 88  PRO A CA  1 
ATOM   652  C C   . PRO A 1 90  ? -14.620 9.263   -4.548  1.00 19.53 ? 88  PRO A C   1 
ATOM   653  O O   . PRO A 1 90  ? -15.092 9.758   -3.522  1.00 17.73 ? 88  PRO A O   1 
ATOM   654  C CB  . PRO A 1 90  ? -16.116 9.257   -6.611  1.00 17.26 ? 88  PRO A CB  1 
ATOM   655  C CG  . PRO A 1 90  ? -17.584 9.062   -6.475  1.00 20.94 ? 88  PRO A CG  1 
ATOM   656  C CD  . PRO A 1 90  ? -17.882 8.237   -5.260  1.00 17.95 ? 88  PRO A CD  1 
ATOM   657  N N   . TYR A 1 91  ? -13.347 9.371   -4.916  1.00 20.74 ? 89  TYR A N   1 
ATOM   658  C CA  . TYR A 1 91  ? -12.375 10.097  -4.129  1.00 22.32 ? 89  TYR A CA  1 
ATOM   659  C C   . TYR A 1 91  ? -12.540 11.584  -4.326  1.00 20.66 ? 89  TYR A C   1 
ATOM   660  O O   . TYR A 1 91  ? -12.515 12.062  -5.447  1.00 21.85 ? 89  TYR A O   1 
ATOM   661  C CB  . TYR A 1 91  ? -10.959 9.673   -4.531  1.00 18.12 ? 89  TYR A CB  1 
ATOM   662  C CG  . TYR A 1 91  ? -9.929  10.200  -3.574  1.00 19.91 ? 89  TYR A CG  1 
ATOM   663  C CD1 . TYR A 1 91  ? -9.911  9.768   -2.238  1.00 16.04 ? 89  TYR A CD1 1 
ATOM   664  C CD2 . TYR A 1 91  ? -8.994  11.168  -3.980  1.00 17.63 ? 89  TYR A CD2 1 
ATOM   665  C CE1 . TYR A 1 91  ? -8.986  10.287  -1.327  1.00 17.13 ? 89  TYR A CE1 1 
ATOM   666  C CE2 . TYR A 1 91  ? -8.059  11.693  -3.069  1.00 15.52 ? 89  TYR A CE2 1 
ATOM   667  C CZ  . TYR A 1 91  ? -8.059  11.245  -1.751  1.00 15.51 ? 89  TYR A CZ  1 
ATOM   668  O OH  . TYR A 1 91  ? -7.101  11.698  -0.867  1.00 13.72 ? 89  TYR A OH  1 
ATOM   669  N N   . VAL A 1 92  ? -12.728 12.315  -3.237  1.00 24.11 ? 90  VAL A N   1 
ATOM   670  C CA  . VAL A 1 92  ? -12.872 13.763  -3.332  1.00 25.59 ? 90  VAL A CA  1 
ATOM   671  C C   . VAL A 1 92  ? -11.721 14.517  -2.624  1.00 26.98 ? 90  VAL A C   1 
ATOM   672  O O   . VAL A 1 92  ? -11.579 15.733  -2.747  1.00 28.12 ? 90  VAL A O   1 
ATOM   673  C CB  . VAL A 1 92  ? -14.271 14.227  -2.799  1.00 26.58 ? 90  VAL A CB  1 
ATOM   674  C CG1 . VAL A 1 92  ? -15.369 13.644  -3.684  1.00 25.23 ? 90  VAL A CG1 1 
ATOM   675  C CG2 . VAL A 1 92  ? -14.479 13.806  -1.376  1.00 24.12 ? 90  VAL A CG2 1 
ATOM   676  N N   . GLY A 1 93  ? -10.907 13.796  -1.862  1.00 28.07 ? 91  GLY A N   1 
ATOM   677  C CA  . GLY A 1 93  ? -9.761  14.430  -1.227  1.00 28.67 ? 91  GLY A CA  1 
ATOM   678  C C   . GLY A 1 93  ? -9.952  15.284  0.015   1.00 28.86 ? 91  GLY A C   1 
ATOM   679  O O   . GLY A 1 93  ? -9.146  16.163  0.286   1.00 28.69 ? 91  GLY A O   1 
ATOM   680  N N   . GLN A 1 94  ? -11.013 15.024  0.761   1.00 28.52 ? 92  GLN A N   1 
ATOM   681  C CA  . GLN A 1 94  ? -11.305 15.721  2.004   1.00 29.18 ? 92  GLN A CA  1 
ATOM   682  C C   . GLN A 1 94  ? -12.226 14.758  2.724   1.00 27.73 ? 92  GLN A C   1 
ATOM   683  O O   . GLN A 1 94  ? -12.861 13.930  2.067   1.00 25.40 ? 92  GLN A O   1 
ATOM   684  C CB  . GLN A 1 94  ? -12.037 17.049  1.758   1.00 32.61 ? 92  GLN A CB  1 
ATOM   685  C CG  . GLN A 1 94  ? -12.829 17.119  0.468   1.00 42.65 ? 92  GLN A CG  1 
ATOM   686  C CD  . GLN A 1 94  ? -13.494 18.484  0.244   1.00 48.73 ? 92  GLN A CD  1 
ATOM   687  O OE1 . GLN A 1 94  ? -14.700 18.650  0.487   1.00 51.88 ? 92  GLN A OE1 1 
ATOM   688  N NE2 . GLN A 1 94  ? -12.711 19.462  -0.227  1.00 50.03 ? 92  GLN A NE2 1 
ATOM   689  N N   . GLU A 1 95  ? -12.284 14.849  4.052   1.00 24.06 ? 93  GLU A N   1 
ATOM   690  C CA  . GLU A 1 95  ? -13.150 13.983  4.841   1.00 28.23 ? 93  GLU A CA  1 
ATOM   691  C C   . GLU A 1 95  ? -14.580 14.484  4.786   1.00 27.93 ? 93  GLU A C   1 
ATOM   692  O O   . GLU A 1 95  ? -14.836 15.678  4.915   1.00 28.65 ? 93  GLU A O   1 
ATOM   693  C CB  . GLU A 1 95  ? -12.704 13.935  6.307   1.00 28.20 ? 93  GLU A CB  1 
ATOM   694  C CG  . GLU A 1 95  ? -11.288 14.371  6.520   1.00 33.58 ? 93  GLU A CG  1 
ATOM   695  C CD  . GLU A 1 95  ? -10.814 14.193  7.951   1.00 37.49 ? 93  GLU A CD  1 
ATOM   696  O OE1 . GLU A 1 95  ? -11.621 13.719  8.813   1.00 39.89 ? 93  GLU A OE1 1 
ATOM   697  O OE2 . GLU A 1 95  ? -9.629  14.532  8.194   1.00 32.01 ? 93  GLU A OE2 1 
ATOM   698  N N   . GLU A 1 96  ? -15.511 13.563  4.581   1.00 28.88 ? 94  GLU A N   1 
ATOM   699  C CA  . GLU A 1 96  ? -16.918 13.908  4.514   1.00 26.53 ? 94  GLU A CA  1 
ATOM   700  C C   . GLU A 1 96  ? -17.594 12.925  5.412   1.00 26.03 ? 94  GLU A C   1 
ATOM   701  O O   . GLU A 1 96  ? -16.938 12.085  6.027   1.00 25.54 ? 94  GLU A O   1 
ATOM   702  C CB  . GLU A 1 96  ? -17.442 13.804  3.080   1.00 26.42 ? 94  GLU A CB  1 
ATOM   703  C CG  . GLU A 1 96  ? -16.803 14.850  2.152   1.00 30.67 ? 94  GLU A CG  1 
ATOM   704  C CD  . GLU A 1 96  ? -17.536 15.020  0.825   1.00 33.99 ? 94  GLU A CD  1 
ATOM   705  O OE1 . GLU A 1 96  ? -18.111 14.029  0.325   1.00 34.08 ? 94  GLU A OE1 1 
ATOM   706  O OE2 . GLU A 1 96  ? -17.537 16.148  0.276   1.00 36.71 ? 94  GLU A OE2 1 
ATOM   707  N N   . SER A 1 97  ? -18.906 13.028  5.528   1.00 26.69 ? 95  SER A N   1 
ATOM   708  C CA  . SER A 1 97  ? -19.602 12.089  6.386   1.00 27.44 ? 95  SER A CA  1 
ATOM   709  C C   . SER A 1 97  ? -19.589 10.721  5.684   1.00 24.79 ? 95  SER A C   1 
ATOM   710  O O   . SER A 1 97  ? -19.566 10.619  4.445   1.00 23.03 ? 95  SER A O   1 
ATOM   711  C CB  . SER A 1 97  ? -21.036 12.554  6.621   1.00 27.26 ? 95  SER A CB  1 
ATOM   712  O OG  . SER A 1 97  ? -21.747 12.432  5.407   1.00 34.65 ? 95  SER A OG  1 
ATOM   713  N N   . CYS A 1 98  ? -19.591 9.682   6.501   1.00 24.14 ? 96  CYS A N   1 
ATOM   714  C CA  . CYS A 1 98  ? -19.570 8.307   6.038   1.00 24.39 ? 96  CYS A CA  1 
ATOM   715  C C   . CYS A 1 98  ? -20.897 7.978   5.355   1.00 27.04 ? 96  CYS A C   1 
ATOM   716  O O   . CYS A 1 98  ? -21.946 7.922   6.006   1.00 27.83 ? 96  CYS A O   1 
ATOM   717  C CB  . CYS A 1 98  ? -19.352 7.381   7.227   1.00 22.14 ? 96  CYS A CB  1 
ATOM   718  S SG  . CYS A 1 98  ? -19.382 5.634   6.798   1.00 23.55 ? 96  CYS A SG  1 
ATOM   719  N N   . MET A 1 99  ? -20.830 7.762   4.045   1.00 27.01 ? 97  MET A N   1 
ATOM   720  C CA  . MET A 1 99  ? -21.983 7.450   3.215   1.00 30.17 ? 97  MET A CA  1 
ATOM   721  C C   . MET A 1 99  ? -22.270 5.937   3.178   1.00 29.17 ? 97  MET A C   1 
ATOM   722  O O   . MET A 1 99  ? -21.357 5.112   3.189   1.00 29.96 ? 97  MET A O   1 
ATOM   723  C CB  . MET A 1 99  ? -21.723 8.006   1.808   1.00 33.45 ? 97  MET A CB  1 
ATOM   724  C CG  . MET A 1 99  ? -22.533 7.378   0.684   1.00 46.25 ? 97  MET A CG  1 
ATOM   725  S SD  . MET A 1 99  ? -22.177 8.136   -0.953  1.00 56.59 ? 97  MET A SD  1 
ATOM   726  C CE  . MET A 1 99  ? -21.385 9.808   -0.445  1.00 53.71 ? 97  MET A CE  1 
ATOM   727  N N   . TYR A 1 100 ? -23.546 5.581   3.151   1.00 27.41 ? 98  TYR A N   1 
ATOM   728  C CA  . TYR A 1 100 ? -23.948 4.181   3.115   1.00 27.97 ? 98  TYR A CA  1 
ATOM   729  C C   . TYR A 1 100 ? -24.583 3.887   1.772   1.00 27.22 ? 98  TYR A C   1 
ATOM   730  O O   . TYR A 1 100 ? -25.571 4.510   1.400   1.00 27.08 ? 98  TYR A O   1 
ATOM   731  C CB  . TYR A 1 100 ? -24.948 3.895   4.246   1.00 26.99 ? 98  TYR A CB  1 
ATOM   732  C CG  . TYR A 1 100 ? -25.423 2.474   4.292   1.00 28.96 ? 98  TYR A CG  1 
ATOM   733  C CD1 . TYR A 1 100 ? -24.600 1.467   4.771   1.00 29.64 ? 98  TYR A CD1 1 
ATOM   734  C CD2 . TYR A 1 100 ? -26.675 2.125   3.786   1.00 30.15 ? 98  TYR A CD2 1 
ATOM   735  C CE1 . TYR A 1 100 ? -25.003 0.137   4.733   1.00 36.45 ? 98  TYR A CE1 1 
ATOM   736  C CE2 . TYR A 1 100 ? -27.093 0.806   3.742   1.00 33.30 ? 98  TYR A CE2 1 
ATOM   737  C CZ  . TYR A 1 100 ? -26.255 -0.184  4.208   1.00 36.97 ? 98  TYR A CZ  1 
ATOM   738  O OH  . TYR A 1 100 ? -26.643 -1.492  4.108   1.00 39.37 ? 98  TYR A OH  1 
ATOM   739  N N   . ASN A 1 101 ? -24.005 2.957   1.030   1.00 29.18 ? 99  ASN A N   1 
ATOM   740  C CA  . ASN A 1 101 ? -24.542 2.598   -0.273  1.00 35.48 ? 99  ASN A CA  1 
ATOM   741  C C   . ASN A 1 101 ? -25.179 1.254   -0.053  1.00 37.25 ? 99  ASN A C   1 
ATOM   742  O O   . ASN A 1 101 ? -24.475 0.267   0.116   1.00 37.79 ? 99  ASN A O   1 
ATOM   743  C CB  . ASN A 1 101 ? -23.432 2.491   -1.317  1.00 39.62 ? 99  ASN A CB  1 
ATOM   744  C CG  . ASN A 1 101 ? -23.020 3.851   -1.869  1.00 44.91 ? 99  ASN A CG  1 
ATOM   745  O OD1 . ASN A 1 101 ? -23.878 4.684   -2.205  1.00 49.30 ? 99  ASN A OD1 1 
ATOM   746  N ND2 . ASN A 1 101 ? -21.709 4.090   -1.957  1.00 44.13 ? 99  ASN A ND2 1 
ATOM   747  N N   . PRO A 1 102 ? -26.525 1.199   -0.081  1.00 38.14 ? 100 PRO A N   1 
ATOM   748  C CA  . PRO A 1 102 ? -27.291 -0.033  0.136   1.00 40.76 ? 100 PRO A CA  1 
ATOM   749  C C   . PRO A 1 102 ? -26.909 -1.143  -0.824  1.00 42.93 ? 100 PRO A C   1 
ATOM   750  O O   . PRO A 1 102 ? -27.104 -2.315  -0.536  1.00 46.85 ? 100 PRO A O   1 
ATOM   751  C CB  . PRO A 1 102 ? -28.752 0.405   -0.019  1.00 38.41 ? 100 PRO A CB  1 
ATOM   752  C CG  . PRO A 1 102 ? -28.704 1.667   -0.760  1.00 38.10 ? 100 PRO A CG  1 
ATOM   753  C CD  . PRO A 1 102 ? -27.397 2.332   -0.425  1.00 37.38 ? 100 PRO A CD  1 
ATOM   754  N N   . THR A 1 103 ? -26.345 -0.755  -1.956  1.00 45.21 ? 101 THR A N   1 
ATOM   755  C CA  . THR A 1 103 ? -25.907 -1.682  -2.983  1.00 46.20 ? 101 THR A CA  1 
ATOM   756  C C   . THR A 1 103 ? -24.896 -2.680  -2.412  1.00 48.84 ? 101 THR A C   1 
ATOM   757  O O   . THR A 1 103 ? -24.548 -2.631  -1.223  1.00 49.71 ? 101 THR A O   1 
ATOM   758  C CB  . THR A 1 103 ? -25.277 -0.876  -4.150  1.00 46.47 ? 101 THR A CB  1 
ATOM   759  O OG1 . THR A 1 103 ? -26.139 -0.964  -5.285  1.00 46.18 ? 101 THR A OG1 1 
ATOM   760  C CG2 . THR A 1 103 ? -23.851 -1.365  -4.503  1.00 45.24 ? 101 THR A CG2 1 
ATOM   761  N N   . GLY A 1 104 ? -24.433 -3.598  -3.256  1.00 48.54 ? 102 GLY A N   1 
ATOM   762  C CA  . GLY A 1 104 ? -23.450 -4.563  -2.806  1.00 47.35 ? 102 GLY A CA  1 
ATOM   763  C C   . GLY A 1 104 ? -22.067 -3.930  -2.706  1.00 45.53 ? 102 GLY A C   1 
ATOM   764  O O   . GLY A 1 104 ? -21.731 -2.945  -3.378  1.00 47.68 ? 102 GLY A O   1 
ATOM   765  N N   . LYS A 1 105 ? -21.258 -4.487  -1.829  1.00 42.80 ? 103 LYS A N   1 
ATOM   766  C CA  . LYS A 1 105 ? -19.919 -3.993  -1.658  1.00 39.48 ? 103 LYS A CA  1 
ATOM   767  C C   . LYS A 1 105 ? -19.124 -4.664  -2.763  1.00 35.68 ? 103 LYS A C   1 
ATOM   768  O O   . LYS A 1 105 ? -19.499 -5.736  -3.229  1.00 37.14 ? 103 LYS A O   1 
ATOM   769  C CB  . LYS A 1 105 ? -19.397 -4.411  -0.288  1.00 40.35 ? 103 LYS A CB  1 
ATOM   770  C CG  . LYS A 1 105 ? -20.105 -3.729  0.870   1.00 43.01 ? 103 LYS A CG  1 
ATOM   771  C CD  . LYS A 1 105 ? -20.881 -2.509  0.413   1.00 44.39 ? 103 LYS A CD  1 
ATOM   772  C CE  . LYS A 1 105 ? -20.803 -1.398  1.435   1.00 45.23 ? 103 LYS A CE  1 
ATOM   773  N NZ  . LYS A 1 105 ? -21.683 -0.279  1.015   1.00 45.91 ? 103 LYS A NZ  1 
ATOM   774  N N   . ALA A 1 106 ? -18.030 -4.053  -3.180  1.00 29.27 ? 104 ALA A N   1 
ATOM   775  C CA  . ALA A 1 106 ? -17.218 -4.639  -4.226  1.00 25.17 ? 104 ALA A CA  1 
ATOM   776  C C   . ALA A 1 106 ? -16.185 -5.671  -3.743  1.00 24.42 ? 104 ALA A C   1 
ATOM   777  O O   . ALA A 1 106 ? -15.742 -6.510  -4.519  1.00 22.08 ? 104 ALA A O   1 
ATOM   778  C CB  . ALA A 1 106 ? -16.540 -3.547  -5.000  1.00 23.23 ? 104 ALA A CB  1 
ATOM   779  N N   . ALA A 1 107 ? -15.785 -5.622  -2.478  1.00 23.47 ? 105 ALA A N   1 
ATOM   780  C CA  . ALA A 1 107 ? -14.788 -6.584  -1.992  1.00 23.95 ? 105 ALA A CA  1 
ATOM   781  C C   . ALA A 1 107 ? -14.966 -6.839  -0.504  1.00 23.89 ? 105 ALA A C   1 
ATOM   782  O O   . ALA A 1 107 ? -15.526 -6.003  0.199   1.00 25.46 ? 105 ALA A O   1 
ATOM   783  C CB  . ALA A 1 107 ? -13.360 -6.059  -2.280  1.00 19.64 ? 105 ALA A CB  1 
ATOM   784  N N   . LYS A 1 108 ? -14.487 -7.976  -0.025  1.00 22.27 ? 106 LYS A N   1 
ATOM   785  C CA  . LYS A 1 108 ? -14.623 -8.316  1.382   1.00 26.52 ? 106 LYS A CA  1 
ATOM   786  C C   . LYS A 1 108 ? -13.312 -8.854  1.927   1.00 25.19 ? 106 LYS A C   1 
ATOM   787  O O   . LYS A 1 108 ? -12.425 -9.241  1.177   1.00 24.39 ? 106 LYS A O   1 
ATOM   788  C CB  . LYS A 1 108 ? -15.688 -9.409  1.569   1.00 30.23 ? 106 LYS A CB  1 
ATOM   789  C CG  . LYS A 1 108 ? -17.127 -8.946  1.391   1.00 39.07 ? 106 LYS A CG  1 
ATOM   790  C CD  . LYS A 1 108 ? -18.112 -10.122 1.360   1.00 42.17 ? 106 LYS A CD  1 
ATOM   791  C CE  . LYS A 1 108 ? -19.421 -9.733  0.648   1.00 47.12 ? 106 LYS A CE  1 
ATOM   792  N NZ  . LYS A 1 108 ? -20.373 -8.998  1.559   1.00 50.57 ? 106 LYS A NZ  1 
ATOM   793  N N   . CYS A 1 109 ? -13.178 -8.878  3.234   1.00 22.76 ? 107 CYS A N   1 
ATOM   794  C CA  . CYS A 1 109 ? -11.979 -9.465  3.776   1.00 26.24 ? 107 CYS A CA  1 
ATOM   795  C C   . CYS A 1 109 ? -12.294 -10.090 5.129   1.00 25.66 ? 107 CYS A C   1 
ATOM   796  O O   . CYS A 1 109 ? -13.250 -9.696  5.805   1.00 24.60 ? 107 CYS A O   1 
ATOM   797  C CB  . CYS A 1 109 ? -10.831 -8.439  3.806   1.00 25.23 ? 107 CYS A CB  1 
ATOM   798  S SG  . CYS A 1 109 ? -10.526 -7.608  5.316   1.00 26.30 ? 107 CYS A SG  1 
ATOM   799  N N   . ARG A 1 110 ? -11.502 -11.098 5.480   1.00 27.84 ? 108 ARG A N   1 
ATOM   800  C CA  . ARG A 1 110 ? -11.666 -11.865 6.704   1.00 29.76 ? 108 ARG A CA  1 
ATOM   801  C C   . ARG A 1 110 ? -10.641 -11.519 7.763   1.00 29.42 ? 108 ARG A C   1 
ATOM   802  O O   . ARG A 1 110 ? -10.274 -12.348 8.587   1.00 30.82 ? 108 ARG A O   1 
ATOM   803  C CB  . ARG A 1 110 ? -11.589 -13.350 6.365   1.00 32.76 ? 108 ARG A CB  1 
ATOM   804  C CG  . ARG A 1 110 ? -12.966 -13.988 6.273   1.00 40.08 ? 108 ARG A CG  1 
ATOM   805  C CD  . ARG A 1 110 ? -13.074 -15.013 5.161   1.00 45.80 ? 108 ARG A CD  1 
ATOM   806  N NE  . ARG A 1 110 ? -11.970 -15.975 5.160   1.00 50.65 ? 108 ARG A NE  1 
ATOM   807  C CZ  . ARG A 1 110 ? -11.911 -17.070 5.915   1.00 53.07 ? 108 ARG A CZ  1 
ATOM   808  N NH1 . ARG A 1 110 ? -12.897 -17.370 6.759   1.00 51.24 ? 108 ARG A NH1 1 
ATOM   809  N NH2 . ARG A 1 110 ? -10.862 -17.880 5.813   1.00 51.79 ? 108 ARG A NH2 1 
ATOM   810  N N   . GLY A 1 111 ? -10.188 -10.278 7.749   1.00 26.52 ? 109 GLY A N   1 
ATOM   811  C CA  . GLY A 1 111 ? -9.195  -9.882  8.721   1.00 27.64 ? 109 GLY A CA  1 
ATOM   812  C C   . GLY A 1 111 ? -7.867  -9.576  8.054   1.00 24.20 ? 109 GLY A C   1 
ATOM   813  O O   . GLY A 1 111 ? -7.810  -9.313  6.849   1.00 22.29 ? 109 GLY A O   1 
ATOM   814  N N   . TYR A 1 112 ? -6.792  -9.626  8.833   1.00 23.20 ? 110 TYR A N   1 
ATOM   815  C CA  . TYR A 1 112 ? -5.468  -9.322  8.309   1.00 22.14 ? 110 TYR A CA  1 
ATOM   816  C C   . TYR A 1 112 ? -4.383  -10.042 9.094   1.00 21.81 ? 110 TYR A C   1 
ATOM   817  O O   . TYR A 1 112 ? -4.669  -10.690 10.098  1.00 18.84 ? 110 TYR A O   1 
ATOM   818  C CB  . TYR A 1 112 ? -5.236  -7.806  8.374   1.00 22.36 ? 110 TYR A CB  1 
ATOM   819  C CG  . TYR A 1 112 ? -5.248  -7.276  9.786   1.00 26.40 ? 110 TYR A CG  1 
ATOM   820  C CD1 . TYR A 1 112 ? -4.064  -7.134  10.502  1.00 28.87 ? 110 TYR A CD1 1 
ATOM   821  C CD2 . TYR A 1 112 ? -6.438  -6.936  10.421  1.00 28.42 ? 110 TYR A CD2 1 
ATOM   822  C CE1 . TYR A 1 112 ? -4.054  -6.662  11.813  1.00 28.28 ? 110 TYR A CE1 1 
ATOM   823  C CE2 . TYR A 1 112 ? -6.442  -6.460  11.743  1.00 29.42 ? 110 TYR A CE2 1 
ATOM   824  C CZ  . TYR A 1 112 ? -5.239  -6.320  12.425  1.00 29.66 ? 110 TYR A CZ  1 
ATOM   825  O OH  . TYR A 1 112 ? -5.198  -5.770  13.696  1.00 31.98 ? 110 TYR A OH  1 
ATOM   826  N N   . ARG A 1 113 ? -3.143  -9.917  8.618   1.00 21.07 ? 111 ARG A N   1 
ATOM   827  C CA  . ARG A 1 113 ? -1.970  -10.522 9.247   1.00 22.49 ? 111 ARG A CA  1 
ATOM   828  C C   . ARG A 1 113 ? -0.868  -9.464  9.219   1.00 22.82 ? 111 ARG A C   1 
ATOM   829  O O   . ARG A 1 113 ? -0.727  -8.725  8.243   1.00 22.21 ? 111 ARG A O   1 
ATOM   830  C CB  . ARG A 1 113 ? -1.453  -11.720 8.446   1.00 26.59 ? 111 ARG A CB  1 
ATOM   831  C CG  . ARG A 1 113 ? -2.081  -13.071 8.701   1.00 35.06 ? 111 ARG A CG  1 
ATOM   832  C CD  . ARG A 1 113 ? -2.423  -13.319 10.149  1.00 41.98 ? 111 ARG A CD  1 
ATOM   833  N NE  . ARG A 1 113 ? -3.702  -14.009 10.210  1.00 51.15 ? 111 ARG A NE  1 
ATOM   834  C CZ  . ARG A 1 113 ? -4.149  -14.684 11.260  1.00 55.09 ? 111 ARG A CZ  1 
ATOM   835  N NH1 . ARG A 1 113 ? -3.411  -14.762 12.360  1.00 57.02 ? 111 ARG A NH1 1 
ATOM   836  N NH2 . ARG A 1 113 ? -5.329  -15.295 11.202  1.00 57.31 ? 111 ARG A NH2 1 
ATOM   837  N N   . GLU A 1 114 ? -0.074  -9.424  10.274  1.00 21.23 ? 112 GLU A N   1 
ATOM   838  C CA  . GLU A 1 114 ? 1.037   -8.502  10.385  1.00 22.15 ? 112 GLU A CA  1 
ATOM   839  C C   . GLU A 1 114 ? 2.314   -9.284  10.140  1.00 23.12 ? 112 GLU A C   1 
ATOM   840  O O   . GLU A 1 114 ? 2.418   -10.444 10.525  1.00 23.65 ? 112 GLU A O   1 
ATOM   841  C CB  . GLU A 1 114 ? 1.050   -7.888  11.781  1.00 22.91 ? 112 GLU A CB  1 
ATOM   842  C CG  . GLU A 1 114 ? -0.184  -7.063  12.034  1.00 29.00 ? 112 GLU A CG  1 
ATOM   843  C CD  . GLU A 1 114 ? -0.139  -6.271  13.336  1.00 34.33 ? 112 GLU A CD  1 
ATOM   844  O OE1 . GLU A 1 114 ? 0.434   -5.154  13.326  1.00 36.09 ? 112 GLU A OE1 1 
ATOM   845  O OE2 . GLU A 1 114 ? -0.692  -6.750  14.353  1.00 36.25 ? 112 GLU A OE2 1 
ATOM   846  N N   . ILE A 1 115 ? 3.281   -8.675  9.463   1.00 22.82 ? 113 ILE A N   1 
ATOM   847  C CA  . ILE A 1 115 ? 4.526   -9.365  9.227   1.00 20.97 ? 113 ILE A CA  1 
ATOM   848  C C   . ILE A 1 115 ? 5.390   -9.068  10.456  1.00 20.04 ? 113 ILE A C   1 
ATOM   849  O O   . ILE A 1 115 ? 5.360   -7.970  10.981  1.00 18.15 ? 113 ILE A O   1 
ATOM   850  C CB  . ILE A 1 115 ? 5.213   -8.870  7.915   1.00 21.91 ? 113 ILE A CB  1 
ATOM   851  C CG1 . ILE A 1 115 ? 4.764   -9.740  6.730   1.00 22.30 ? 113 ILE A CG1 1 
ATOM   852  C CG2 . ILE A 1 115 ? 6.729   -9.044  8.012   1.00 18.84 ? 113 ILE A CG2 1 
ATOM   853  C CD1 . ILE A 1 115 ? 3.518   -9.275  6.069   1.00 22.35 ? 113 ILE A CD1 1 
ATOM   854  N N   . PRO A 1 116 ? 6.122   -10.067 10.972  1.00 21.07 ? 114 PRO A N   1 
ATOM   855  C CA  . PRO A 1 116 ? 6.963   -9.805  12.144  1.00 19.81 ? 114 PRO A CA  1 
ATOM   856  C C   . PRO A 1 116 ? 7.914   -8.603  11.925  1.00 20.46 ? 114 PRO A C   1 
ATOM   857  O O   . PRO A 1 116 ? 8.617   -8.494  10.914  1.00 16.29 ? 114 PRO A O   1 
ATOM   858  C CB  . PRO A 1 116 ? 7.707   -11.121 12.366  1.00 19.03 ? 114 PRO A CB  1 
ATOM   859  C CG  . PRO A 1 116 ? 7.435   -11.950 11.171  1.00 20.79 ? 114 PRO A CG  1 
ATOM   860  C CD  . PRO A 1 116 ? 6.175   -11.478 10.550  1.00 20.83 ? 114 PRO A CD  1 
ATOM   861  N N   . GLU A 1 117 ? 7.894   -7.706  12.900  1.00 19.38 ? 115 GLU A N   1 
ATOM   862  C CA  . GLU A 1 117 ? 8.653   -6.464  12.884  1.00 20.98 ? 115 GLU A CA  1 
ATOM   863  C C   . GLU A 1 117 ? 10.096  -6.553  12.444  1.00 18.51 ? 115 GLU A C   1 
ATOM   864  O O   . GLU A 1 117 ? 10.865  -7.301  13.020  1.00 20.87 ? 115 GLU A O   1 
ATOM   865  C CB  . GLU A 1 117 ? 8.594   -5.848  14.273  1.00 22.09 ? 115 GLU A CB  1 
ATOM   866  C CG  . GLU A 1 117 ? 9.021   -4.403  14.330  1.00 30.05 ? 115 GLU A CG  1 
ATOM   867  C CD  . GLU A 1 117 ? 8.794   -3.810  15.704  1.00 35.14 ? 115 GLU A CD  1 
ATOM   868  O OE1 . GLU A 1 117 ? 7.965   -4.367  16.463  1.00 42.44 ? 115 GLU A OE1 1 
ATOM   869  O OE2 . GLU A 1 117 ? 9.439   -2.793  16.029  1.00 39.64 ? 115 GLU A OE2 1 
ATOM   870  N N   . GLY A 1 118 ? 10.470  -5.788  11.426  1.00 18.44 ? 116 GLY A N   1 
ATOM   871  C CA  . GLY A 1 118 ? 11.857  -5.793  10.968  1.00 17.66 ? 116 GLY A CA  1 
ATOM   872  C C   . GLY A 1 118 ? 12.318  -6.996  10.147  1.00 19.98 ? 116 GLY A C   1 
ATOM   873  O O   . GLY A 1 118 ? 13.448  -7.028  9.661   1.00 22.22 ? 116 GLY A O   1 
ATOM   874  N N   . ASN A 1 119 ? 11.460  -7.986  9.948   1.00 19.09 ? 117 ASN A N   1 
ATOM   875  C CA  . ASN A 1 119 ? 11.887  -9.159  9.207   1.00 16.53 ? 117 ASN A CA  1 
ATOM   876  C C   . ASN A 1 119 ? 11.639  -9.053  7.716   1.00 17.48 ? 117 ASN A C   1 
ATOM   877  O O   . ASN A 1 119 ? 10.547  -9.359  7.237   1.00 16.34 ? 117 ASN A O   1 
ATOM   878  C CB  . ASN A 1 119 ? 11.197  -10.394 9.782   1.00 18.28 ? 117 ASN A CB  1 
ATOM   879  C CG  . ASN A 1 119 ? 11.827  -11.696 9.296   1.00 20.93 ? 117 ASN A CG  1 
ATOM   880  O OD1 . ASN A 1 119 ? 12.511  -11.725 8.276   1.00 23.00 ? 117 ASN A OD1 1 
ATOM   881  N ND2 . ASN A 1 119 ? 11.602  -12.773 10.035  1.00 19.78 ? 117 ASN A ND2 1 
ATOM   882  N N   . GLU A 1 120 ? 12.666  -8.655  6.966   1.00 18.59 ? 118 GLU A N   1 
ATOM   883  C CA  . GLU A 1 120 ? 12.505  -8.499  5.531   1.00 18.63 ? 118 GLU A CA  1 
ATOM   884  C C   . GLU A 1 120 ? 12.356  -9.820  4.811   1.00 19.61 ? 118 GLU A C   1 
ATOM   885  O O   . GLU A 1 120 ? 11.796  -9.870  3.717   1.00 18.62 ? 118 GLU A O   1 
ATOM   886  C CB  . GLU A 1 120 ? 13.690  -7.747  4.933   1.00 16.42 ? 118 GLU A CB  1 
ATOM   887  C CG  . GLU A 1 120 ? 13.614  -6.241  5.111   1.00 19.11 ? 118 GLU A CG  1 
ATOM   888  C CD  . GLU A 1 120 ? 14.790  -5.550  4.451   1.00 15.84 ? 118 GLU A CD  1 
ATOM   889  O OE1 . GLU A 1 120 ? 14.688  -5.198  3.266   1.00 14.96 ? 118 GLU A OE1 1 
ATOM   890  O OE2 . GLU A 1 120 ? 15.820  -5.390  5.116   1.00 18.49 ? 118 GLU A OE2 1 
ATOM   891  N N   . LYS A 1 121 ? 12.872  -10.891 5.406   1.00 20.31 ? 119 LYS A N   1 
ATOM   892  C CA  . LYS A 1 121 ? 12.769  -12.182 4.744   1.00 20.25 ? 119 LYS A CA  1 
ATOM   893  C C   . LYS A 1 121 ? 11.315  -12.662 4.806   1.00 18.46 ? 119 LYS A C   1 
ATOM   894  O O   . LYS A 1 121 ? 10.820  -13.214 3.831   1.00 17.62 ? 119 LYS A O   1 
ATOM   895  C CB  . LYS A 1 121 ? 13.735  -13.216 5.368   1.00 24.73 ? 119 LYS A CB  1 
ATOM   896  N N   . ALA A 1 122 ? 10.634  -12.442 5.934   1.00 16.28 ? 120 ALA A N   1 
ATOM   897  C CA  . ALA A 1 122 ? 9.213   -12.827 6.053   1.00 15.75 ? 120 ALA A CA  1 
ATOM   898  C C   . ALA A 1 122 ? 8.410   -11.930 5.101   1.00 15.98 ? 120 ALA A C   1 
ATOM   899  O O   . ALA A 1 122 ? 7.473   -12.390 4.454   1.00 18.79 ? 120 ALA A O   1 
ATOM   900  C CB  . ALA A 1 122 ? 8.695   -12.651 7.524   1.00 13.05 ? 120 ALA A CB  1 
ATOM   901  N N   . LEU A 1 123 ? 8.786   -10.656 4.990   1.00 15.77 ? 121 LEU A N   1 
ATOM   902  C CA  . LEU A 1 123 ? 8.068   -9.759  4.080   1.00 13.74 ? 121 LEU A CA  1 
ATOM   903  C C   . LEU A 1 123 ? 8.180   -10.287 2.648   1.00 13.82 ? 121 LEU A C   1 
ATOM   904  O O   . LEU A 1 123 ? 7.218   -10.277 1.891   1.00 14.31 ? 121 LEU A O   1 
ATOM   905  C CB  . LEU A 1 123 ? 8.630   -8.321  4.143   1.00 11.85 ? 121 LEU A CB  1 
ATOM   906  C CG  . LEU A 1 123 ? 7.973   -7.331  3.145   1.00 13.79 ? 121 LEU A CG  1 
ATOM   907  C CD1 . LEU A 1 123 ? 6.472   -7.262  3.396   1.00 8.85  ? 121 LEU A CD1 1 
ATOM   908  C CD2 . LEU A 1 123 ? 8.557   -5.904  3.292   1.00 12.09 ? 121 LEU A CD2 1 
ATOM   909  N N   . LYS A 1 124 ? 9.369   -10.734 2.272   1.00 14.52 ? 122 LYS A N   1 
ATOM   910  C CA  . LYS A 1 124 ? 9.581   -11.256 0.923   1.00 15.25 ? 122 LYS A CA  1 
ATOM   911  C C   . LYS A 1 124 ? 8.688   -12.477 0.673   1.00 14.34 ? 122 LYS A C   1 
ATOM   912  O O   . LYS A 1 124 ? 8.058   -12.611 -0.367  1.00 14.03 ? 122 LYS A O   1 
ATOM   913  C CB  . LYS A 1 124 ? 11.062  -11.649 0.724   1.00 13.49 ? 122 LYS A CB  1 
ATOM   914  C CG  . LYS A 1 124 ? 11.339  -12.451 -0.551  1.00 15.11 ? 122 LYS A CG  1 
ATOM   915  C CD  . LYS A 1 124 ? 12.782  -12.922 -0.669  1.00 18.47 ? 122 LYS A CD  1 
ATOM   916  C CE  . LYS A 1 124 ? 12.969  -13.776 -1.932  1.00 25.12 ? 122 LYS A CE  1 
ATOM   917  N NZ  . LYS A 1 124 ? 14.307  -14.452 -2.016  1.00 25.32 ? 122 LYS A NZ  1 
ATOM   918  N N   . ARG A 1 125 ? 8.621   -13.366 1.644   1.00 16.35 ? 123 ARG A N   1 
ATOM   919  C CA  . ARG A 1 125 ? 7.816   -14.563 1.461   1.00 17.72 ? 123 ARG A CA  1 
ATOM   920  C C   . ARG A 1 125 ? 6.344   -14.231 1.359   1.00 18.32 ? 123 ARG A C   1 
ATOM   921  O O   . ARG A 1 125 ? 5.616   -14.843 0.573   1.00 14.94 ? 123 ARG A O   1 
ATOM   922  C CB  . ARG A 1 125 ? 8.033   -15.514 2.613   1.00 19.43 ? 123 ARG A CB  1 
ATOM   923  C CG  . ARG A 1 125 ? 9.286   -16.337 2.457   1.00 21.26 ? 123 ARG A CG  1 
ATOM   924  C CD  . ARG A 1 125 ? 9.388   -17.224 3.652   1.00 29.41 ? 123 ARG A CD  1 
ATOM   925  N NE  . ARG A 1 125 ? 10.726  -17.236 4.229   1.00 41.28 ? 123 ARG A NE  1 
ATOM   926  C CZ  . ARG A 1 125 ? 10.999  -16.867 5.481   1.00 45.89 ? 123 ARG A CZ  1 
ATOM   927  N NH1 . ARG A 1 125 ? 10.018  -16.451 6.289   1.00 44.51 ? 123 ARG A NH1 1 
ATOM   928  N NH2 . ARG A 1 125 ? 12.249  -16.944 5.937   1.00 47.98 ? 123 ARG A NH2 1 
ATOM   929  N N   . ALA A 1 126 ? 5.905   -13.263 2.158   1.00 14.44 ? 124 ALA A N   1 
ATOM   930  C CA  . ALA A 1 126 ? 4.509   -12.888 2.102   1.00 16.71 ? 124 ALA A CA  1 
ATOM   931  C C   . ALA A 1 126 ? 4.192   -12.262 0.733   1.00 16.80 ? 124 ALA A C   1 
ATOM   932  O O   . ALA A 1 126 ? 3.128   -12.533 0.166   1.00 18.02 ? 124 ALA A O   1 
ATOM   933  C CB  . ALA A 1 126 ? 4.149   -11.912 3.266   1.00 13.21 ? 124 ALA A CB  1 
ATOM   934  N N   . VAL A 1 127 ? 5.089   -11.430 0.193   1.00 15.38 ? 125 VAL A N   1 
ATOM   935  C CA  . VAL A 1 127 ? 4.815   -10.834 -1.117  1.00 13.14 ? 125 VAL A CA  1 
ATOM   936  C C   . VAL A 1 127 ? 4.701   -11.942 -2.186  1.00 14.57 ? 125 VAL A C   1 
ATOM   937  O O   . VAL A 1 127 ? 3.802   -11.919 -3.030  1.00 12.79 ? 125 VAL A O   1 
ATOM   938  C CB  . VAL A 1 127 ? 5.922   -9.822  -1.531  1.00 15.52 ? 125 VAL A CB  1 
ATOM   939  C CG1 . VAL A 1 127 ? 5.794   -9.445  -3.044  1.00 12.64 ? 125 VAL A CG1 1 
ATOM   940  C CG2 . VAL A 1 127 ? 5.789   -8.542  -0.679  1.00 15.77 ? 125 VAL A CG2 1 
ATOM   941  N N   . ALA A 1 128 ? 5.595   -12.922 -2.122  1.00 14.53 ? 126 ALA A N   1 
ATOM   942  C CA  . ALA A 1 128 ? 5.604   -14.020 -3.081  1.00 16.76 ? 126 ALA A CA  1 
ATOM   943  C C   . ALA A 1 128 ? 4.353   -14.906 -3.009  1.00 17.11 ? 126 ALA A C   1 
ATOM   944  O O   . ALA A 1 128 ? 3.726   -15.190 -4.036  1.00 18.09 ? 126 ALA A O   1 
ATOM   945  C CB  . ALA A 1 128 ? 6.860   -14.877 -2.869  1.00 14.24 ? 126 ALA A CB  1 
ATOM   946  N N   . ARG A 1 129 ? 3.971   -15.303 -1.799  1.00 15.36 ? 127 ARG A N   1 
ATOM   947  C CA  . ARG A 1 129 ? 2.840   -16.197 -1.612  1.00 15.42 ? 127 ARG A CA  1 
ATOM   948  C C   . ARG A 1 129 ? 1.454   -15.555 -1.564  1.00 17.19 ? 127 ARG A C   1 
ATOM   949  O O   . ARG A 1 129 ? 0.497   -16.112 -2.092  1.00 15.64 ? 127 ARG A O   1 
ATOM   950  C CB  . ARG A 1 129 ? 3.067   -17.033 -0.346  1.00 16.56 ? 127 ARG A CB  1 
ATOM   951  N N   . VAL A 1 130 ? 1.344   -14.387 -0.945  1.00 12.70 ? 128 VAL A N   1 
ATOM   952  C CA  . VAL A 1 130 ? 0.072   -13.704 -0.804  1.00 13.37 ? 128 VAL A CA  1 
ATOM   953  C C   . VAL A 1 130 ? -0.303  -12.728 -1.914  1.00 14.44 ? 128 VAL A C   1 
ATOM   954  O O   . VAL A 1 130 ? -1.362  -12.872 -2.541  1.00 13.62 ? 128 VAL A O   1 
ATOM   955  C CB  . VAL A 1 130 ? 0.027   -12.941 0.537   1.00 16.39 ? 128 VAL A CB  1 
ATOM   956  C CG1 . VAL A 1 130 ? -1.260  -12.152 0.664   1.00 15.31 ? 128 VAL A CG1 1 
ATOM   957  C CG2 . VAL A 1 130 ? 0.157   -13.905 1.672   1.00 17.99 ? 128 VAL A CG2 1 
ATOM   958  N N   . GLY A 1 131 ? 0.548   -11.727 -2.125  1.00 14.16 ? 129 GLY A N   1 
ATOM   959  C CA  . GLY A 1 131 ? 0.311   -10.700 -3.133  1.00 11.69 ? 129 GLY A CA  1 
ATOM   960  C C   . GLY A 1 131 ? 0.885   -9.378  -2.613  1.00 12.90 ? 129 GLY A C   1 
ATOM   961  O O   . GLY A 1 131 ? 1.720   -9.405  -1.697  1.00 10.58 ? 129 GLY A O   1 
ATOM   962  N N   . PRO A 1 132 ? 0.512   -8.221  -3.196  1.00 11.61 ? 130 PRO A N   1 
ATOM   963  C CA  . PRO A 1 132 ? 1.025   -6.926  -2.726  1.00 10.28 ? 130 PRO A CA  1 
ATOM   964  C C   . PRO A 1 132 ? 0.756   -6.741  -1.226  1.00 11.37 ? 130 PRO A C   1 
ATOM   965  O O   . PRO A 1 132 ? -0.297  -7.129  -0.713  1.00 12.77 ? 130 PRO A O   1 
ATOM   966  C CB  . PRO A 1 132 ? 0.277   -5.903  -3.595  1.00 10.53 ? 130 PRO A CB  1 
ATOM   967  C CG  . PRO A 1 132 ? -0.008  -6.673  -4.894  1.00 10.67 ? 130 PRO A CG  1 
ATOM   968  C CD  . PRO A 1 132 ? -0.364  -8.064  -4.375  1.00 10.14 ? 130 PRO A CD  1 
ATOM   969  N N   . VAL A 1 133 ? 1.716   -6.159  -0.524  1.00 10.19 ? 131 VAL A N   1 
ATOM   970  C CA  . VAL A 1 133 ? 1.601   -5.974  0.916   1.00 10.81 ? 131 VAL A CA  1 
ATOM   971  C C   . VAL A 1 133 ? 1.677   -4.507  1.323   1.00 11.76 ? 131 VAL A C   1 
ATOM   972  O O   . VAL A 1 133 ? 2.482   -3.746  0.785   1.00 12.69 ? 131 VAL A O   1 
ATOM   973  C CB  . VAL A 1 133 ? 2.719   -6.808  1.653   1.00 11.80 ? 131 VAL A CB  1 
ATOM   974  C CG1 . VAL A 1 133 ? 2.698   -6.540  3.169   1.00 10.48 ? 131 VAL A CG1 1 
ATOM   975  C CG2 . VAL A 1 133 ? 2.497   -8.339  1.398   1.00 9.99  ? 131 VAL A CG2 1 
ATOM   976  N N   . SER A 1 134 ? 0.826   -4.092  2.251   1.00 11.17 ? 132 SER A N   1 
ATOM   977  C CA  . SER A 1 134 ? 0.857   -2.710  2.713   1.00 10.65 ? 132 SER A CA  1 
ATOM   978  C C   . SER A 1 134 ? 2.044   -2.558  3.675   1.00 13.40 ? 132 SER A C   1 
ATOM   979  O O   . SER A 1 134 ? 2.245   -3.413  4.541   1.00 10.81 ? 132 SER A O   1 
ATOM   980  C CB  . SER A 1 134 ? -0.433  -2.365  3.463   1.00 13.31 ? 132 SER A CB  1 
ATOM   981  O OG  . SER A 1 134 ? -1.574  -2.431  2.617   1.00 15.71 ? 132 SER A OG  1 
ATOM   982  N N   . VAL A 1 135 ? 2.823   -1.480  3.517   1.00 13.03 ? 133 VAL A N   1 
ATOM   983  C CA  . VAL A 1 135 ? 3.998   -1.191  4.378   1.00 12.42 ? 133 VAL A CA  1 
ATOM   984  C C   . VAL A 1 135 ? 4.103   0.331   4.665   1.00 13.35 ? 133 VAL A C   1 
ATOM   985  O O   . VAL A 1 135 ? 3.545   1.154   3.937   1.00 15.10 ? 133 VAL A O   1 
ATOM   986  C CB  . VAL A 1 135 ? 5.323   -1.614  3.687   1.00 12.53 ? 133 VAL A CB  1 
ATOM   987  C CG1 . VAL A 1 135 ? 5.315   -3.118  3.352   1.00 14.84 ? 133 VAL A CG1 1 
ATOM   988  C CG2 . VAL A 1 135 ? 5.492   -0.810  2.387   1.00 12.54 ? 133 VAL A CG2 1 
ATOM   989  N N   . ALA A 1 136 ? 4.817   0.694   5.722   1.00 13.24 ? 134 ALA A N   1 
ATOM   990  C CA  . ALA A 1 136 ? 4.998   2.099   6.095   1.00 13.34 ? 134 ALA A CA  1 
ATOM   991  C C   . ALA A 1 136 ? 6.506   2.367   6.086   1.00 14.43 ? 134 ALA A C   1 
ATOM   992  O O   . ALA A 1 136 ? 7.298   1.464   6.324   1.00 16.36 ? 134 ALA A O   1 
ATOM   993  C CB  . ALA A 1 136 ? 4.408   2.363   7.483   1.00 6.75  ? 134 ALA A CB  1 
ATOM   994  N N   . ILE A 1 137 ? 6.897   3.603   5.801   1.00 14.69 ? 135 ILE A N   1 
ATOM   995  C CA  . ILE A 1 137 ? 8.309   3.964   5.721   1.00 13.79 ? 135 ILE A CA  1 
ATOM   996  C C   . ILE A 1 137 ? 8.537   5.410   6.171   1.00 13.21 ? 135 ILE A C   1 
ATOM   997  O O   . ILE A 1 137 ? 7.587   6.155   6.401   1.00 10.77 ? 135 ILE A O   1 
ATOM   998  C CB  . ILE A 1 137 ? 8.829   3.918   4.248   1.00 14.83 ? 135 ILE A CB  1 
ATOM   999  C CG1 . ILE A 1 137 ? 7.954   4.818   3.383   1.00 13.85 ? 135 ILE A CG1 1 
ATOM   1000 C CG2 . ILE A 1 137 ? 8.845   2.506   3.714   1.00 14.55 ? 135 ILE A CG2 1 
ATOM   1001 C CD1 . ILE A 1 137 ? 8.494   5.081   2.015   1.00 18.58 ? 135 ILE A CD1 1 
ATOM   1002 N N   . ASP A 1 138 ? 9.818   5.778   6.269   1.00 13.57 ? 136 ASP A N   1 
ATOM   1003 C CA  . ASP A 1 138 ? 10.228  7.137   6.592   1.00 13.22 ? 136 ASP A CA  1 
ATOM   1004 C C   . ASP A 1 138 ? 10.420  7.767   5.208   1.00 11.26 ? 136 ASP A C   1 
ATOM   1005 O O   . ASP A 1 138 ? 11.327  7.379   4.473   1.00 11.24 ? 136 ASP A O   1 
ATOM   1006 C CB  . ASP A 1 138 ? 11.575  7.150   7.350   1.00 12.36 ? 136 ASP A CB  1 
ATOM   1007 C CG  . ASP A 1 138 ? 12.209  8.559   7.415   1.00 14.06 ? 136 ASP A CG  1 
ATOM   1008 O OD1 . ASP A 1 138 ? 11.547  9.569   7.103   1.00 15.41 ? 136 ASP A OD1 1 
ATOM   1009 O OD2 . ASP A 1 138 ? 13.388  8.654   7.773   1.00 17.67 ? 136 ASP A OD2 1 
ATOM   1010 N N   . ALA A 1 139 ? 9.565   8.707   4.842   1.00 10.91 ? 137 ALA A N   1 
ATOM   1011 C CA  . ALA A 1 139 ? 9.676   9.377   3.529   1.00 15.04 ? 137 ALA A CA  1 
ATOM   1012 C C   . ALA A 1 139 ? 10.015  10.875  3.693   1.00 15.15 ? 137 ALA A C   1 
ATOM   1013 O O   . ALA A 1 139 ? 9.749   11.683  2.802   1.00 16.15 ? 137 ALA A O   1 
ATOM   1014 C CB  . ALA A 1 139 ? 8.350   9.231   2.731   1.00 12.71 ? 137 ALA A CB  1 
ATOM   1015 N N   . SER A 1 140 ? 10.609  11.223  4.827   1.00 15.68 ? 138 SER A N   1 
ATOM   1016 C CA  . SER A 1 140 ? 10.959  12.615  5.145   1.00 16.48 ? 138 SER A CA  1 
ATOM   1017 C C   . SER A 1 140 ? 12.126  13.165  4.342   1.00 17.31 ? 138 SER A C   1 
ATOM   1018 O O   . SER A 1 140 ? 12.177  14.361  4.109   1.00 20.96 ? 138 SER A O   1 
ATOM   1019 C CB  . SER A 1 140 ? 11.289  12.743  6.636   1.00 15.25 ? 138 SER A CB  1 
ATOM   1020 O OG  . SER A 1 140 ? 12.523  12.071  6.930   1.00 16.33 ? 138 SER A OG  1 
ATOM   1021 N N   . LEU A 1 141 ? 13.055  12.314  3.910   1.00 17.14 ? 139 LEU A N   1 
ATOM   1022 C CA  . LEU A 1 141 ? 14.217  12.779  3.165   1.00 15.98 ? 139 LEU A CA  1 
ATOM   1023 C C   . LEU A 1 141 ? 14.039  13.338  1.755   1.00 17.82 ? 139 LEU A C   1 
ATOM   1024 O O   . LEU A 1 141 ? 13.338  12.792  0.891   1.00 18.56 ? 139 LEU A O   1 
ATOM   1025 C CB  . LEU A 1 141 ? 15.309  11.692  3.107   1.00 15.39 ? 139 LEU A CB  1 
ATOM   1026 C CG  . LEU A 1 141 ? 15.832  11.166  4.455   1.00 15.98 ? 139 LEU A CG  1 
ATOM   1027 C CD1 . LEU A 1 141 ? 16.833  10.052  4.207   1.00 15.04 ? 139 LEU A CD1 1 
ATOM   1028 C CD2 . LEU A 1 141 ? 16.480  12.299  5.246   1.00 15.46 ? 139 LEU A CD2 1 
ATOM   1029 N N   . THR A 1 142 ? 14.736  14.433  1.524   1.00 13.73 ? 140 THR A N   1 
ATOM   1030 C CA  . THR A 1 142 ? 14.725  15.104  0.242   1.00 17.17 ? 140 THR A CA  1 
ATOM   1031 C C   . THR A 1 142 ? 15.086  14.105  -0.845  1.00 14.01 ? 140 THR A C   1 
ATOM   1032 O O   . THR A 1 142 ? 14.534  14.151  -1.939  1.00 13.73 ? 140 THR A O   1 
ATOM   1033 C CB  . THR A 1 142 ? 15.765  16.291  0.237   1.00 18.31 ? 140 THR A CB  1 
ATOM   1034 O OG1 . THR A 1 142 ? 15.155  17.432  0.849   1.00 23.67 ? 140 THR A OG1 1 
ATOM   1035 C CG2 . THR A 1 142 ? 16.172  16.673  -1.176  1.00 18.43 ? 140 THR A CG2 1 
ATOM   1036 N N   . SER A 1 143 ? 16.003  13.193  -0.537  1.00 13.39 ? 141 SER A N   1 
ATOM   1037 C CA  . SER A 1 143 ? 16.430  12.209  -1.528  1.00 15.54 ? 141 SER A CA  1 
ATOM   1038 C C   . SER A 1 143 ? 15.310  11.246  -1.931  1.00 16.74 ? 141 SER A C   1 
ATOM   1039 O O   . SER A 1 143 ? 15.295  10.732  -3.064  1.00 18.14 ? 141 SER A O   1 
ATOM   1040 C CB  . SER A 1 143 ? 17.632  11.410  -1.030  1.00 10.98 ? 141 SER A CB  1 
ATOM   1041 O OG  . SER A 1 143 ? 17.402  10.860  0.248   1.00 14.43 ? 141 SER A OG  1 
ATOM   1042 N N   . PHE A 1 144 ? 14.383  10.993  -1.013  1.00 17.48 ? 142 PHE A N   1 
ATOM   1043 C CA  . PHE A 1 144 ? 13.271  10.104  -1.319  1.00 13.29 ? 142 PHE A CA  1 
ATOM   1044 C C   . PHE A 1 144 ? 12.277  10.908  -2.146  1.00 14.90 ? 142 PHE A C   1 
ATOM   1045 O O   . PHE A 1 144 ? 11.865  10.464  -3.232  1.00 11.40 ? 142 PHE A O   1 
ATOM   1046 C CB  . PHE A 1 144 ? 12.574  9.627   -0.046  1.00 14.87 ? 142 PHE A CB  1 
ATOM   1047 C CG  . PHE A 1 144 ? 11.401  8.714   -0.315  1.00 16.64 ? 142 PHE A CG  1 
ATOM   1048 C CD1 . PHE A 1 144 ? 10.118  9.230   -0.454  1.00 15.25 ? 142 PHE A CD1 1 
ATOM   1049 C CD2 . PHE A 1 144 ? 11.591  7.343   -0.443  1.00 15.58 ? 142 PHE A CD2 1 
ATOM   1050 C CE1 . PHE A 1 144 ? 9.026   8.384   -0.721  1.00 17.39 ? 142 PHE A CE1 1 
ATOM   1051 C CE2 . PHE A 1 144 ? 10.500  6.478   -0.710  1.00 18.45 ? 142 PHE A CE2 1 
ATOM   1052 C CZ  . PHE A 1 144 ? 9.218   7.014   -0.849  1.00 14.20 ? 142 PHE A CZ  1 
ATOM   1053 N N   . GLN A 1 145 ? 11.915  12.095  -1.630  1.00 13.27 ? 143 GLN A N   1 
ATOM   1054 C CA  . GLN A 1 145 ? 10.952  12.964  -2.290  1.00 14.39 ? 143 GLN A CA  1 
ATOM   1055 C C   . GLN A 1 145 ? 11.274  13.316  -3.734  1.00 15.95 ? 143 GLN A C   1 
ATOM   1056 O O   . GLN A 1 145 ? 10.364  13.508  -4.532  1.00 15.34 ? 143 GLN A O   1 
ATOM   1057 C CB  . GLN A 1 145 ? 10.752  14.254  -1.502  1.00 11.62 ? 143 GLN A CB  1 
ATOM   1058 C CG  . GLN A 1 145 ? 10.264  14.032  -0.087  1.00 13.84 ? 143 GLN A CG  1 
ATOM   1059 C CD  . GLN A 1 145 ? 8.765   13.826  -0.018  1.00 13.24 ? 143 GLN A CD  1 
ATOM   1060 O OE1 . GLN A 1 145 ? 8.042   14.208  -0.946  1.00 15.36 ? 143 GLN A OE1 1 
ATOM   1061 N NE2 . GLN A 1 145 ? 8.283   13.212  1.077   1.00 10.25 ? 143 GLN A NE2 1 
ATOM   1062 N N   . PHE A 1 146 ? 12.556  13.394  -4.079  1.00 16.92 ? 144 PHE A N   1 
ATOM   1063 C CA  . PHE A 1 146 ? 12.925  13.733  -5.451  1.00 19.26 ? 144 PHE A CA  1 
ATOM   1064 C C   . PHE A 1 146 ? 13.595  12.561  -6.172  1.00 19.49 ? 144 PHE A C   1 
ATOM   1065 O O   . PHE A 1 146 ? 14.356  12.741  -7.121  1.00 18.67 ? 144 PHE A O   1 
ATOM   1066 C CB  . PHE A 1 146 ? 13.831  14.984  -5.473  1.00 21.82 ? 144 PHE A CB  1 
ATOM   1067 C CG  . PHE A 1 146 ? 13.163  16.220  -4.948  1.00 24.07 ? 144 PHE A CG  1 
ATOM   1068 C CD1 . PHE A 1 146 ? 12.384  17.005  -5.778  1.00 29.18 ? 144 PHE A CD1 1 
ATOM   1069 C CD2 . PHE A 1 146 ? 13.283  16.577  -3.617  1.00 26.28 ? 144 PHE A CD2 1 
ATOM   1070 C CE1 . PHE A 1 146 ? 11.722  18.143  -5.287  1.00 30.79 ? 144 PHE A CE1 1 
ATOM   1071 C CE2 . PHE A 1 146 ? 12.632  17.702  -3.111  1.00 29.95 ? 144 PHE A CE2 1 
ATOM   1072 C CZ  . PHE A 1 146 ? 11.845  18.487  -3.954  1.00 30.82 ? 144 PHE A CZ  1 
ATOM   1073 N N   . TYR A 1 147 ? 13.292  11.346  -5.727  1.00 19.47 ? 145 TYR A N   1 
ATOM   1074 C CA  . TYR A 1 147 ? 13.845  10.160  -6.360  1.00 14.56 ? 145 TYR A CA  1 
ATOM   1075 C C   . TYR A 1 147 ? 13.458  10.159  -7.828  1.00 18.28 ? 145 TYR A C   1 
ATOM   1076 O O   . TYR A 1 147 ? 12.356  10.601  -8.192  1.00 17.22 ? 145 TYR A O   1 
ATOM   1077 C CB  . TYR A 1 147 ? 13.247  8.908   -5.719  1.00 16.16 ? 145 TYR A CB  1 
ATOM   1078 C CG  . TYR A 1 147 ? 13.407  7.663   -6.564  1.00 16.65 ? 145 TYR A CG  1 
ATOM   1079 C CD1 . TYR A 1 147 ? 14.554  6.872   -6.440  1.00 18.03 ? 145 TYR A CD1 1 
ATOM   1080 C CD2 . TYR A 1 147 ? 12.398  7.242   -7.441  1.00 13.12 ? 145 TYR A CD2 1 
ATOM   1081 C CE1 . TYR A 1 147 ? 14.695  5.684   -7.154  1.00 15.37 ? 145 TYR A CE1 1 
ATOM   1082 C CE2 . TYR A 1 147 ? 12.523  6.053   -8.159  1.00 14.18 ? 145 TYR A CE2 1 
ATOM   1083 C CZ  . TYR A 1 147 ? 13.676  5.283   -8.002  1.00 17.41 ? 145 TYR A CZ  1 
ATOM   1084 O OH  . TYR A 1 147 ? 13.833  4.108   -8.675  1.00 19.52 ? 145 TYR A OH  1 
ATOM   1085 N N   . SER A 1 148 ? 14.340  9.636   -8.677  1.00 20.28 ? 146 SER A N   1 
ATOM   1086 C CA  . SER A 1 148 ? 14.025  9.533   -10.090 1.00 23.32 ? 146 SER A CA  1 
ATOM   1087 C C   . SER A 1 148 ? 14.373  8.143   -10.636 1.00 22.40 ? 146 SER A C   1 
ATOM   1088 O O   . SER A 1 148 ? 13.623  7.596   -11.434 1.00 24.20 ? 146 SER A O   1 
ATOM   1089 C CB  . SER A 1 148 ? 14.749  10.620  -10.894 1.00 27.16 ? 146 SER A CB  1 
ATOM   1090 O OG  . SER A 1 148 ? 16.148  10.447  -10.815 1.00 34.83 ? 146 SER A OG  1 
ATOM   1091 N N   . LYS A 1 149 ? 15.496  7.570   -10.212 1.00 23.88 ? 147 LYS A N   1 
ATOM   1092 C CA  . LYS A 1 149 ? 15.882  6.243   -10.692 1.00 24.23 ? 147 LYS A CA  1 
ATOM   1093 C C   . LYS A 1 149 ? 16.871  5.534   -9.807  1.00 22.17 ? 147 LYS A C   1 
ATOM   1094 O O   . LYS A 1 149 ? 17.403  6.110   -8.858  1.00 20.05 ? 147 LYS A O   1 
ATOM   1095 C CB  . LYS A 1 149 ? 16.487  6.305   -12.092 1.00 30.08 ? 147 LYS A CB  1 
ATOM   1096 C CG  . LYS A 1 149 ? 16.601  7.685   -12.665 1.00 37.61 ? 147 LYS A CG  1 
ATOM   1097 C CD  . LYS A 1 149 ? 17.900  7.835   -13.423 1.00 43.98 ? 147 LYS A CD  1 
ATOM   1098 C CE  . LYS A 1 149 ? 19.083  8.153   -12.497 1.00 47.00 ? 147 LYS A CE  1 
ATOM   1099 N NZ  . LYS A 1 149 ? 20.344  8.276   -13.317 1.00 48.78 ? 147 LYS A NZ  1 
ATOM   1100 N N   . GLY A 1 150 ? 17.096  4.262   -10.138 1.00 21.09 ? 148 GLY A N   1 
ATOM   1101 C CA  . GLY A 1 150 ? 18.027  3.432   -9.402  1.00 17.28 ? 148 GLY A CA  1 
ATOM   1102 C C   . GLY A 1 150 ? 17.370  2.850   -8.179  1.00 18.79 ? 148 GLY A C   1 
ATOM   1103 O O   . GLY A 1 150 ? 16.168  3.058   -7.942  1.00 20.37 ? 148 GLY A O   1 
ATOM   1104 N N   . VAL A 1 151 ? 18.150  2.083   -7.427  1.00 16.92 ? 149 VAL A N   1 
ATOM   1105 C CA  . VAL A 1 151 ? 17.678  1.491   -6.205  1.00 18.25 ? 149 VAL A CA  1 
ATOM   1106 C C   . VAL A 1 151 ? 17.956  2.507   -5.108  1.00 19.96 ? 149 VAL A C   1 
ATOM   1107 O O   . VAL A 1 151 ? 19.092  2.830   -4.820  1.00 19.98 ? 149 VAL A O   1 
ATOM   1108 C CB  . VAL A 1 151 ? 18.403  0.186   -5.931  1.00 14.56 ? 149 VAL A CB  1 
ATOM   1109 C CG1 . VAL A 1 151 ? 17.957  -0.377  -4.603  1.00 16.64 ? 149 VAL A CG1 1 
ATOM   1110 C CG2 . VAL A 1 151 ? 18.128  -0.789  -7.072  1.00 10.80 ? 149 VAL A CG2 1 
ATOM   1111 N N   . TYR A 1 152 ? 16.898  3.014   -4.494  1.00 21.76 ? 150 TYR A N   1 
ATOM   1112 C CA  . TYR A 1 152 ? 17.020  4.028   -3.458  1.00 18.53 ? 150 TYR A CA  1 
ATOM   1113 C C   . TYR A 1 152 ? 17.577  3.561   -2.131  1.00 19.10 ? 150 TYR A C   1 
ATOM   1114 O O   . TYR A 1 152 ? 17.057  2.633   -1.505  1.00 15.72 ? 150 TYR A O   1 
ATOM   1115 C CB  . TYR A 1 152 ? 15.666  4.707   -3.231  1.00 15.74 ? 150 TYR A CB  1 
ATOM   1116 C CG  . TYR A 1 152 ? 15.695  5.719   -2.120  1.00 15.04 ? 150 TYR A CG  1 
ATOM   1117 C CD1 . TYR A 1 152 ? 16.235  6.982   -2.334  1.00 16.53 ? 150 TYR A CD1 1 
ATOM   1118 C CD2 . TYR A 1 152 ? 15.208  5.419   -0.844  1.00 13.56 ? 150 TYR A CD2 1 
ATOM   1119 C CE1 . TYR A 1 152 ? 16.293  7.927   -1.307  1.00 15.80 ? 150 TYR A CE1 1 
ATOM   1120 C CE2 . TYR A 1 152 ? 15.262  6.354   0.185   1.00 13.95 ? 150 TYR A CE2 1 
ATOM   1121 C CZ  . TYR A 1 152 ? 15.812  7.611   -0.063  1.00 14.17 ? 150 TYR A CZ  1 
ATOM   1122 O OH  . TYR A 1 152 ? 15.885  8.567   0.906   1.00 16.25 ? 150 TYR A OH  1 
ATOM   1123 N N   . TYR A 1 153 ? 18.642  4.235   -1.700  1.00 18.22 ? 151 TYR A N   1 
ATOM   1124 C CA  . TYR A 1 153 ? 19.292  3.944   -0.418  1.00 19.14 ? 151 TYR A CA  1 
ATOM   1125 C C   . TYR A 1 153 ? 19.893  5.228   0.173   1.00 21.15 ? 151 TYR A C   1 
ATOM   1126 O O   . TYR A 1 153 ? 20.652  5.940   -0.503  1.00 20.45 ? 151 TYR A O   1 
ATOM   1127 C CB  . TYR A 1 153 ? 20.411  2.912   -0.587  1.00 20.00 ? 151 TYR A CB  1 
ATOM   1128 C CG  . TYR A 1 153 ? 21.035  2.561   0.749   1.00 26.59 ? 151 TYR A CG  1 
ATOM   1129 C CD1 . TYR A 1 153 ? 20.331  1.783   1.676   1.00 27.30 ? 151 TYR A CD1 1 
ATOM   1130 C CD2 . TYR A 1 153 ? 22.275  3.089   1.134   1.00 28.10 ? 151 TYR A CD2 1 
ATOM   1131 C CE1 . TYR A 1 153 ? 20.828  1.543   2.952   1.00 29.84 ? 151 TYR A CE1 1 
ATOM   1132 C CE2 . TYR A 1 153 ? 22.792  2.852   2.420   1.00 29.56 ? 151 TYR A CE2 1 
ATOM   1133 C CZ  . TYR A 1 153 ? 22.059  2.081   3.323   1.00 31.65 ? 151 TYR A CZ  1 
ATOM   1134 O OH  . TYR A 1 153 ? 22.520  1.848   4.603   1.00 32.84 ? 151 TYR A OH  1 
ATOM   1135 N N   . ASP A 1 154 ? 19.540  5.543   1.413   1.00 22.24 ? 152 ASP A N   1 
ATOM   1136 C CA  . ASP A 1 154 ? 20.083  6.729   2.079   1.00 24.14 ? 152 ASP A CA  1 
ATOM   1137 C C   . ASP A 1 154 ? 20.358  6.441   3.548   1.00 25.66 ? 152 ASP A C   1 
ATOM   1138 O O   . ASP A 1 154 ? 19.459  6.131   4.310   1.00 25.51 ? 152 ASP A O   1 
ATOM   1139 C CB  . ASP A 1 154 ? 19.142  7.927   1.953   1.00 23.72 ? 152 ASP A CB  1 
ATOM   1140 C CG  . ASP A 1 154 ? 19.790  9.258   2.426   1.00 26.41 ? 152 ASP A CG  1 
ATOM   1141 O OD1 . ASP A 1 154 ? 20.566  9.262   3.415   1.00 23.62 ? 152 ASP A OD1 1 
ATOM   1142 O OD2 . ASP A 1 154 ? 19.494  10.309  1.810   1.00 24.15 ? 152 ASP A OD2 1 
ATOM   1143 N N   . GLU A 1 155 ? 21.626  6.562   3.924   1.00 27.76 ? 153 GLU A N   1 
ATOM   1144 C CA  . GLU A 1 155 ? 22.100  6.331   5.289   1.00 30.93 ? 153 GLU A CA  1 
ATOM   1145 C C   . GLU A 1 155 ? 21.304  7.094   6.341   1.00 29.34 ? 153 GLU A C   1 
ATOM   1146 O O   . GLU A 1 155 ? 21.121  6.610   7.459   1.00 31.04 ? 153 GLU A O   1 
ATOM   1147 C CB  . GLU A 1 155 ? 23.582  6.726   5.401   1.00 35.96 ? 153 GLU A CB  1 
ATOM   1148 C CG  . GLU A 1 155 ? 24.537  5.883   4.546   1.00 44.75 ? 153 GLU A CG  1 
ATOM   1149 C CD  . GLU A 1 155 ? 24.682  6.371   3.080   1.00 51.20 ? 153 GLU A CD  1 
ATOM   1150 O OE1 . GLU A 1 155 ? 23.897  7.248   2.616   1.00 50.98 ? 153 GLU A OE1 1 
ATOM   1151 O OE2 . GLU A 1 155 ? 25.601  5.852   2.385   1.00 56.03 ? 153 GLU A OE2 1 
ATOM   1152 N N   . SER A 1 156 ? 20.822  8.278   5.990   1.00 26.36 ? 154 SER A N   1 
ATOM   1153 C CA  . SER A 1 156 ? 20.053  9.066   6.949   1.00 27.37 ? 154 SER A CA  1 
ATOM   1154 C C   . SER A 1 156 ? 18.626  8.602   7.186   1.00 25.78 ? 154 SER A C   1 
ATOM   1155 O O   . SER A 1 156 ? 17.947  9.134   8.074   1.00 24.47 ? 154 SER A O   1 
ATOM   1156 C CB  . SER A 1 156 ? 20.031  10.517  6.510   1.00 28.61 ? 154 SER A CB  1 
ATOM   1157 O OG  . SER A 1 156 ? 21.325  10.878  6.094   1.00 34.76 ? 154 SER A OG  1 
ATOM   1158 N N   . CYS A 1 157 ? 18.158  7.631   6.398   1.00 24.17 ? 155 CYS A N   1 
ATOM   1159 C CA  . CYS A 1 157 ? 16.802  7.151   6.587   1.00 21.99 ? 155 CYS A CA  1 
ATOM   1160 C C   . CYS A 1 157 ? 16.640  6.589   7.987   1.00 23.15 ? 155 CYS A C   1 
ATOM   1161 O O   . CYS A 1 157 ? 17.496  5.850   8.493   1.00 20.68 ? 155 CYS A O   1 
ATOM   1162 C CB  . CYS A 1 157 ? 16.423  6.097   5.549   1.00 19.61 ? 155 CYS A CB  1 
ATOM   1163 S SG  . CYS A 1 157 ? 14.708  6.403   5.013   1.00 19.41 ? 155 CYS A SG  1 
ATOM   1164 N N   . ASN A 1 158 ? 15.520  6.931   8.601   1.00 22.49 ? 156 ASN A N   1 
ATOM   1165 C CA  . ASN A 1 158 ? 15.242  6.517   9.965   1.00 23.28 ? 156 ASN A CA  1 
ATOM   1166 C C   . ASN A 1 158 ? 14.158  5.427   10.127  1.00 23.48 ? 156 ASN A C   1 
ATOM   1167 O O   . ASN A 1 158 ? 12.949  5.697   10.011  1.00 20.71 ? 156 ASN A O   1 
ATOM   1168 C CB  . ASN A 1 158 ? 14.865  7.779   10.729  1.00 22.70 ? 156 ASN A CB  1 
ATOM   1169 C CG  . ASN A 1 158 ? 14.900  7.603   12.212  1.00 26.84 ? 156 ASN A CG  1 
ATOM   1170 O OD1 . ASN A 1 158 ? 14.750  6.491   12.749  1.00 26.23 ? 156 ASN A OD1 1 
ATOM   1171 N ND2 . ASN A 1 158 ? 15.082  8.720   12.907  1.00 27.76 ? 156 ASN A ND2 1 
ATOM   1172 N N   . SER A 1 159 ? 14.604  4.209   10.430  1.00 24.97 ? 157 SER A N   1 
ATOM   1173 C CA  . SER A 1 159 ? 13.717  3.053   10.619  1.00 25.37 ? 157 SER A CA  1 
ATOM   1174 C C   . SER A 1 159 ? 12.604  3.253   11.624  1.00 26.34 ? 157 SER A C   1 
ATOM   1175 O O   . SER A 1 159 ? 11.586  2.555   11.575  1.00 25.92 ? 157 SER A O   1 
ATOM   1176 C CB  . SER A 1 159 ? 14.526  1.833   11.065  1.00 25.43 ? 157 SER A CB  1 
ATOM   1177 O OG  . SER A 1 159 ? 15.285  1.332   9.987   1.00 33.39 ? 157 SER A OG  1 
ATOM   1178 N N   . ASP A 1 160 ? 12.800  4.190   12.548  1.00 26.61 ? 158 ASP A N   1 
ATOM   1179 C CA  . ASP A 1 160 ? 11.819  4.441   13.595  1.00 28.12 ? 158 ASP A CA  1 
ATOM   1180 C C   . ASP A 1 160 ? 10.985  5.666   13.385  1.00 27.23 ? 158 ASP A C   1 
ATOM   1181 O O   . ASP A 1 160 ? 10.237  6.060   14.263  1.00 30.85 ? 158 ASP A O   1 
ATOM   1182 C CB  . ASP A 1 160 ? 12.516  4.548   14.941  1.00 31.61 ? 158 ASP A CB  1 
ATOM   1183 C CG  . ASP A 1 160 ? 13.355  3.322   15.236  1.00 39.63 ? 158 ASP A CG  1 
ATOM   1184 O OD1 . ASP A 1 160 ? 12.793  2.206   15.192  1.00 44.11 ? 158 ASP A OD1 1 
ATOM   1185 O OD2 . ASP A 1 160 ? 14.575  3.457   15.493  1.00 45.58 ? 158 ASP A OD2 1 
ATOM   1186 N N   . ASN A 1 161 ? 11.121  6.285   12.230  1.00 24.31 ? 159 ASN A N   1 
ATOM   1187 C CA  . ASN A 1 161 ? 10.339  7.469   11.947  1.00 21.45 ? 159 ASN A CA  1 
ATOM   1188 C C   . ASN A 1 161 ? 9.445   7.114   10.767  1.00 20.05 ? 159 ASN A C   1 
ATOM   1189 O O   . ASN A 1 161 ? 9.737   7.477   9.628   1.00 19.98 ? 159 ASN A O   1 
ATOM   1190 C CB  . ASN A 1 161 ? 11.278  8.636   11.598  1.00 23.05 ? 159 ASN A CB  1 
ATOM   1191 C CG  . ASN A 1 161 ? 10.535  9.941   11.388  1.00 24.84 ? 159 ASN A CG  1 
ATOM   1192 O OD1 . ASN A 1 161 ? 9.409   10.104  11.856  1.00 28.72 ? 159 ASN A OD1 1 
ATOM   1193 N ND2 . ASN A 1 161 ? 11.159  10.876  10.669  1.00 28.63 ? 159 ASN A ND2 1 
ATOM   1194 N N   . LEU A 1 162 ? 8.381   6.367   11.034  1.00 18.33 ? 160 LEU A N   1 
ATOM   1195 C CA  . LEU A 1 162 ? 7.458   5.971   9.970   1.00 18.67 ? 160 LEU A CA  1 
ATOM   1196 C C   . LEU A 1 162 ? 6.436   7.086   9.797   1.00 18.70 ? 160 LEU A C   1 
ATOM   1197 O O   . LEU A 1 162 ? 5.625   7.339   10.693  1.00 18.83 ? 160 LEU A O   1 
ATOM   1198 C CB  . LEU A 1 162 ? 6.762   4.648   10.327  1.00 17.63 ? 160 LEU A CB  1 
ATOM   1199 C CG  . LEU A 1 162 ? 7.682   3.453   10.641  1.00 19.07 ? 160 LEU A CG  1 
ATOM   1200 C CD1 . LEU A 1 162 ? 6.815   2.228   10.943  1.00 19.69 ? 160 LEU A CD1 1 
ATOM   1201 C CD2 . LEU A 1 162 ? 8.610   3.159   9.486   1.00 15.30 ? 160 LEU A CD2 1 
ATOM   1202 N N   . ASN A 1 163 ? 6.452   7.743   8.639   1.00 16.29 ? 161 ASN A N   1 
ATOM   1203 C CA  . ASN A 1 163 ? 5.548   8.873   8.422   1.00 15.86 ? 161 ASN A CA  1 
ATOM   1204 C C   . ASN A 1 163 ? 4.791   8.802   7.091   1.00 14.92 ? 161 ASN A C   1 
ATOM   1205 O O   . ASN A 1 163 ? 4.111   9.749   6.732   1.00 14.06 ? 161 ASN A O   1 
ATOM   1206 C CB  . ASN A 1 163 ? 6.382   10.160  8.461   1.00 14.41 ? 161 ASN A CB  1 
ATOM   1207 C CG  . ASN A 1 163 ? 7.645   10.021  7.646   1.00 16.00 ? 161 ASN A CG  1 
ATOM   1208 O OD1 . ASN A 1 163 ? 7.571   9.702   6.469   1.00 15.76 ? 161 ASN A OD1 1 
ATOM   1209 N ND2 . ASN A 1 163 ? 8.825   10.210  8.276   1.00 17.06 ? 161 ASN A ND2 1 
ATOM   1210 N N   . HIS A 1 164 ? 4.922   7.697   6.351   1.00 14.35 ? 162 HIS A N   1 
ATOM   1211 C CA  . HIS A 1 164 ? 4.236   7.544   5.062   1.00 12.62 ? 162 HIS A CA  1 
ATOM   1212 C C   . HIS A 1 164 ? 3.921   6.047   4.826   1.00 14.73 ? 162 HIS A C   1 
ATOM   1213 O O   . HIS A 1 164 ? 4.665   5.169   5.269   1.00 13.84 ? 162 HIS A O   1 
ATOM   1214 C CB  . HIS A 1 164 ? 5.130   8.077   3.922   1.00 11.23 ? 162 HIS A CB  1 
ATOM   1215 C CG  . HIS A 1 164 ? 4.455   8.124   2.582   1.00 13.28 ? 162 HIS A CG  1 
ATOM   1216 N ND1 . HIS A 1 164 ? 3.147   8.537   2.418   1.00 14.46 ? 162 HIS A ND1 1 
ATOM   1217 C CD2 . HIS A 1 164 ? 4.907   7.813   1.337   1.00 12.87 ? 162 HIS A CD2 1 
ATOM   1218 C CE1 . HIS A 1 164 ? 2.822   8.480   1.135   1.00 10.36 ? 162 HIS A CE1 1 
ATOM   1219 N NE2 . HIS A 1 164 ? 3.871   8.045   0.456   1.00 13.01 ? 162 HIS A NE2 1 
ATOM   1220 N N   . ALA A 1 165 ? 2.824   5.773   4.121   1.00 14.99 ? 163 ALA A N   1 
ATOM   1221 C CA  . ALA A 1 165 ? 2.388   4.396   3.829   1.00 14.34 ? 163 ALA A CA  1 
ATOM   1222 C C   . ALA A 1 165 ? 2.339   4.208   2.317   1.00 15.38 ? 163 ALA A C   1 
ATOM   1223 O O   . ALA A 1 165 ? 1.863   5.109   1.592   1.00 14.57 ? 163 ALA A O   1 
ATOM   1224 C CB  . ALA A 1 165 ? 0.999   4.158   4.417   1.00 9.78  ? 163 ALA A CB  1 
ATOM   1225 N N   . VAL A 1 166 ? 2.825   3.051   1.847   1.00 13.08 ? 164 VAL A N   1 
ATOM   1226 C CA  . VAL A 1 166 ? 2.856   2.720   0.413   1.00 11.07 ? 164 VAL A CA  1 
ATOM   1227 C C   . VAL A 1 166 ? 2.496   1.216   0.216   1.00 11.11 ? 164 VAL A C   1 
ATOM   1228 O O   . VAL A 1 166 ? 2.028   0.546   1.150   1.00 8.93  ? 164 VAL A O   1 
ATOM   1229 C CB  . VAL A 1 166 ? 4.271   3.014   -0.215  1.00 12.38 ? 164 VAL A CB  1 
ATOM   1230 C CG1 . VAL A 1 166 ? 4.493   4.518   -0.362  1.00 10.43 ? 164 VAL A CG1 1 
ATOM   1231 C CG2 . VAL A 1 166 ? 5.383   2.438   0.655   1.00 10.70 ? 164 VAL A CG2 1 
ATOM   1232 N N   . LEU A 1 167 ? 2.716   0.693   -0.985  1.00 8.75  ? 165 LEU A N   1 
ATOM   1233 C CA  . LEU A 1 167 ? 2.391   -0.695  -1.281  1.00 7.78  ? 165 LEU A CA  1 
ATOM   1234 C C   . LEU A 1 167 ? 3.539   -1.405  -1.953  1.00 6.62  ? 165 LEU A C   1 
ATOM   1235 O O   . LEU A 1 167 ? 4.092   -0.921  -2.949  1.00 9.64  ? 165 LEU A O   1 
ATOM   1236 C CB  . LEU A 1 167 ? 1.171   -0.749  -2.207  1.00 10.78 ? 165 LEU A CB  1 
ATOM   1237 C CG  . LEU A 1 167 ? 0.633   -2.126  -2.620  1.00 8.97  ? 165 LEU A CG  1 
ATOM   1238 C CD1 . LEU A 1 167 ? -0.195  -2.739  -1.458  1.00 9.74  ? 165 LEU A CD1 1 
ATOM   1239 C CD2 . LEU A 1 167 ? -0.255  -1.953  -3.832  1.00 7.34  ? 165 LEU A CD2 1 
ATOM   1240 N N   . ALA A 1 168 ? 3.920   -2.546  -1.414  1.00 4.40  ? 166 ALA A N   1 
ATOM   1241 C CA  . ALA A 1 168 ? 4.990   -3.328  -2.004  1.00 5.79  ? 166 ALA A CA  1 
ATOM   1242 C C   . ALA A 1 168 ? 4.353   -4.305  -2.984  1.00 9.39  ? 166 ALA A C   1 
ATOM   1243 O O   . ALA A 1 168 ? 3.600   -5.197  -2.593  1.00 11.20 ? 166 ALA A O   1 
ATOM   1244 C CB  . ALA A 1 168 ? 5.757   -4.073  -0.902  1.00 8.52  ? 166 ALA A CB  1 
ATOM   1245 N N   . VAL A 1 169 ? 4.656   -4.147  -4.266  1.00 11.89 ? 167 VAL A N   1 
ATOM   1246 C CA  . VAL A 1 169 ? 4.045   -4.981  -5.291  1.00 11.98 ? 167 VAL A CA  1 
ATOM   1247 C C   . VAL A 1 169 ? 4.998   -5.979  -5.928  1.00 13.49 ? 167 VAL A C   1 
ATOM   1248 O O   . VAL A 1 169 ? 4.649   -6.626  -6.908  1.00 13.25 ? 167 VAL A O   1 
ATOM   1249 C CB  . VAL A 1 169 ? 3.487   -4.117  -6.411  1.00 10.80 ? 167 VAL A CB  1 
ATOM   1250 C CG1 . VAL A 1 169 ? 2.411   -3.182  -5.887  1.00 5.90  ? 167 VAL A CG1 1 
ATOM   1251 C CG2 . VAL A 1 169 ? 4.636   -3.362  -7.031  1.00 8.89  ? 167 VAL A CG2 1 
ATOM   1252 N N   . GLY A 1 170 ? 6.196   -6.085  -5.381  1.00 11.98 ? 168 GLY A N   1 
ATOM   1253 C CA  . GLY A 1 170 ? 7.159   -7.027  -5.910  1.00 12.43 ? 168 GLY A CA  1 
ATOM   1254 C C   . GLY A 1 170 ? 8.527   -6.791  -5.294  1.00 13.24 ? 168 GLY A C   1 
ATOM   1255 O O   . GLY A 1 170 ? 8.662   -5.963  -4.389  1.00 9.40  ? 168 GLY A O   1 
ATOM   1256 N N   . TYR A 1 171 ? 9.519   -7.548  -5.757  1.00 11.21 ? 169 TYR A N   1 
ATOM   1257 C CA  . TYR A 1 171 ? 10.896  -7.419  -5.312  1.00 14.30 ? 169 TYR A CA  1 
ATOM   1258 C C   . TYR A 1 171 ? 11.749  -7.976  -6.442  1.00 16.63 ? 169 TYR A C   1 
ATOM   1259 O O   . TYR A 1 171 ? 11.258  -8.738  -7.271  1.00 15.60 ? 169 TYR A O   1 
ATOM   1260 C CB  . TYR A 1 171 ? 11.159  -8.195  -4.027  1.00 14.40 ? 169 TYR A CB  1 
ATOM   1261 C CG  . TYR A 1 171 ? 10.838  -9.681  -4.076  1.00 18.47 ? 169 TYR A CG  1 
ATOM   1262 C CD1 . TYR A 1 171 ? 11.805  -10.616 -4.488  1.00 18.12 ? 169 TYR A CD1 1 
ATOM   1263 C CD2 . TYR A 1 171 ? 9.592   -10.163 -3.624  1.00 12.65 ? 169 TYR A CD2 1 
ATOM   1264 C CE1 . TYR A 1 171 ? 11.543  -11.985 -4.441  1.00 17.76 ? 169 TYR A CE1 1 
ATOM   1265 C CE2 . TYR A 1 171 ? 9.323   -11.510 -3.573  1.00 13.00 ? 169 TYR A CE2 1 
ATOM   1266 C CZ  . TYR A 1 171 ? 10.294  -12.423 -3.977  1.00 15.34 ? 169 TYR A CZ  1 
ATOM   1267 O OH  . TYR A 1 171 ? 10.033  -13.765 -3.896  1.00 15.94 ? 169 TYR A OH  1 
ATOM   1268 N N   . GLY A 1 172 ? 13.015  -7.584  -6.481  1.00 13.16 ? 170 GLY A N   1 
ATOM   1269 C CA  . GLY A 1 172 ? 13.893  -8.047  -7.524  1.00 17.68 ? 170 GLY A CA  1 
ATOM   1270 C C   . GLY A 1 172 ? 15.323  -7.594  -7.293  1.00 19.18 ? 170 GLY A C   1 
ATOM   1271 O O   . GLY A 1 172 ? 15.738  -7.317  -6.166  1.00 19.27 ? 170 GLY A O   1 
ATOM   1272 N N   . ILE A 1 173 ? 16.077  -7.522  -8.379  1.00 20.48 ? 171 ILE A N   1 
ATOM   1273 C CA  . ILE A 1 173 ? 17.463  -7.137  -8.312  1.00 22.46 ? 171 ILE A CA  1 
ATOM   1274 C C   . ILE A 1 173 ? 17.806  -6.331  -9.550  1.00 24.98 ? 171 ILE A C   1 
ATOM   1275 O O   . ILE A 1 173 ? 17.370  -6.668  -10.659 1.00 24.42 ? 171 ILE A O   1 
ATOM   1276 C CB  . ILE A 1 173 ? 18.368  -8.382  -8.210  1.00 24.06 ? 171 ILE A CB  1 
ATOM   1277 C CG1 . ILE A 1 173 ? 19.806  -7.953  -7.938  1.00 29.29 ? 171 ILE A CG1 1 
ATOM   1278 C CG2 . ILE A 1 173 ? 18.344  -9.163  -9.500  1.00 26.53 ? 171 ILE A CG2 1 
ATOM   1279 C CD1 . ILE A 1 173 ? 20.586  -8.944  -7.107  1.00 32.07 ? 171 ILE A CD1 1 
ATOM   1280 N N   . GLN A 1 174 ? 18.556  -5.248  -9.357  1.00 24.14 ? 172 GLN A N   1 
ATOM   1281 C CA  . GLN A 1 174 ? 18.964  -4.387  -10.474 1.00 25.85 ? 172 GLN A CA  1 
ATOM   1282 C C   . GLN A 1 174 ? 20.449  -4.126  -10.361 1.00 27.73 ? 172 GLN A C   1 
ATOM   1283 O O   . GLN A 1 174 ? 20.903  -3.593  -9.349  1.00 26.03 ? 172 GLN A O   1 
ATOM   1284 C CB  . GLN A 1 174 ? 18.223  -3.049  -10.436 1.00 24.65 ? 172 GLN A CB  1 
ATOM   1285 C CG  . GLN A 1 174 ? 18.378  -2.226  -11.708 1.00 26.95 ? 172 GLN A CG  1 
ATOM   1286 C CD  . GLN A 1 174 ? 17.585  -0.928  -11.681 1.00 29.99 ? 172 GLN A CD  1 
ATOM   1287 O OE1 . GLN A 1 174 ? 16.470  -0.850  -12.217 1.00 31.93 ? 172 GLN A OE1 1 
ATOM   1288 N NE2 . GLN A 1 174 ? 18.156  0.100   -11.061 1.00 27.92 ? 172 GLN A NE2 1 
ATOM   1289 N N   . LYS A 1 175 ? 21.201  -4.515  -11.392 1.00 30.84 ? 173 LYS A N   1 
ATOM   1290 C CA  . LYS A 1 175 ? 22.660  -4.340  -11.407 1.00 33.82 ? 173 LYS A CA  1 
ATOM   1291 C C   . LYS A 1 175 ? 23.287  -4.661  -10.058 1.00 32.53 ? 173 LYS A C   1 
ATOM   1292 O O   . LYS A 1 175 ? 23.974  -3.824  -9.460  1.00 32.84 ? 173 LYS A O   1 
ATOM   1293 C CB  . LYS A 1 175 ? 23.011  -2.912  -11.801 1.00 37.76 ? 173 LYS A CB  1 
ATOM   1294 C CG  . LYS A 1 175 ? 22.524  -2.576  -13.196 1.00 43.64 ? 173 LYS A CG  1 
ATOM   1295 C CD  . LYS A 1 175 ? 22.189  -1.104  -13.319 1.00 48.56 ? 173 LYS A CD  1 
ATOM   1296 C CE  . LYS A 1 175 ? 21.946  -0.731  -14.781 1.00 53.42 ? 173 LYS A CE  1 
ATOM   1297 N NZ  . LYS A 1 175 ? 22.952  0.266   -15.297 1.00 56.15 ? 173 LYS A NZ  1 
ATOM   1298 N N   . GLY A 1 176 ? 23.003  -5.862  -9.572  1.00 29.73 ? 174 GLY A N   1 
ATOM   1299 C CA  . GLY A 1 176 ? 23.559  -6.307  -8.311  1.00 28.87 ? 174 GLY A CA  1 
ATOM   1300 C C   . GLY A 1 176 ? 22.892  -5.810  -7.048  1.00 28.27 ? 174 GLY A C   1 
ATOM   1301 O O   . GLY A 1 176 ? 23.267  -6.229  -5.954  1.00 27.99 ? 174 GLY A O   1 
ATOM   1302 N N   . ASN A 1 177 ? 21.907  -4.926  -7.166  1.00 27.30 ? 175 ASN A N   1 
ATOM   1303 C CA  . ASN A 1 177 ? 21.252  -4.425  -5.961  1.00 25.78 ? 175 ASN A CA  1 
ATOM   1304 C C   . ASN A 1 177 ? 19.829  -4.964  -5.743  1.00 24.11 ? 175 ASN A C   1 
ATOM   1305 O O   . ASN A 1 177 ? 18.936  -4.784  -6.577  1.00 25.17 ? 175 ASN A O   1 
ATOM   1306 C CB  . ASN A 1 177 ? 21.241  -2.898  -5.987  1.00 26.31 ? 175 ASN A CB  1 
ATOM   1307 C CG  . ASN A 1 177 ? 22.644  -2.308  -5.912  1.00 32.78 ? 175 ASN A CG  1 
ATOM   1308 O OD1 . ASN A 1 177 ? 23.039  -1.510  -6.773  1.00 36.62 ? 175 ASN A OD1 1 
ATOM   1309 N ND2 . ASN A 1 177 ? 23.406  -2.700  -4.887  1.00 28.55 ? 175 ASN A ND2 1 
ATOM   1310 N N   . LYS A 1 178 ? 19.633  -5.631  -4.617  1.00 21.23 ? 176 LYS A N   1 
ATOM   1311 C CA  . LYS A 1 178 ? 18.335  -6.182  -4.274  1.00 20.92 ? 176 LYS A CA  1 
ATOM   1312 C C   . LYS A 1 178 ? 17.433  -5.018  -3.918  1.00 19.81 ? 176 LYS A C   1 
ATOM   1313 O O   . LYS A 1 178 ? 17.852  -4.089  -3.235  1.00 16.63 ? 176 LYS A O   1 
ATOM   1314 C CB  . LYS A 1 178 ? 18.471  -7.127  -3.087  1.00 20.12 ? 176 LYS A CB  1 
ATOM   1315 C CG  . LYS A 1 178 ? 19.253  -8.360  -3.443  1.00 20.68 ? 176 LYS A CG  1 
ATOM   1316 C CD  . LYS A 1 178 ? 19.150  -9.394  -2.380  1.00 22.58 ? 176 LYS A CD  1 
ATOM   1317 C CE  . LYS A 1 178 ? 19.913  -10.658 -2.810  1.00 29.78 ? 176 LYS A CE  1 
ATOM   1318 N NZ  . LYS A 1 178 ? 19.714  -11.767 -1.829  1.00 31.32 ? 176 LYS A NZ  1 
ATOM   1319 N N   . HIS A 1 179 ? 16.200  -5.058  -4.404  1.00 16.80 ? 177 HIS A N   1 
ATOM   1320 C CA  . HIS A 1 179 ? 15.285  -3.988  -4.128  1.00 16.60 ? 177 HIS A CA  1 
ATOM   1321 C C   . HIS A 1 179 ? 13.877  -4.518  -3.866  1.00 17.99 ? 177 HIS A C   1 
ATOM   1322 O O   . HIS A 1 179 ? 13.605  -5.718  -4.029  1.00 15.25 ? 177 HIS A O   1 
ATOM   1323 C CB  . HIS A 1 179 ? 15.253  -3.042  -5.330  1.00 17.37 ? 177 HIS A CB  1 
ATOM   1324 C CG  . HIS A 1 179 ? 14.711  -3.678  -6.575  1.00 19.76 ? 177 HIS A CG  1 
ATOM   1325 N ND1 . HIS A 1 179 ? 15.480  -3.902  -7.701  1.00 20.40 ? 177 HIS A ND1 1 
ATOM   1326 C CD2 . HIS A 1 179 ? 13.473  -4.139  -6.870  1.00 15.49 ? 177 HIS A CD2 1 
ATOM   1327 C CE1 . HIS A 1 179 ? 14.735  -4.467  -8.634  1.00 15.19 ? 177 HIS A CE1 1 
ATOM   1328 N NE2 . HIS A 1 179 ? 13.515  -4.621  -8.154  1.00 18.45 ? 177 HIS A NE2 1 
ATOM   1329 N N   . TRP A 1 180 ? 13.010  -3.582  -3.473  1.00 15.55 ? 178 TRP A N   1 
ATOM   1330 C CA  . TRP A 1 180 ? 11.582  -3.780  -3.218  1.00 15.43 ? 178 TRP A CA  1 
ATOM   1331 C C   . TRP A 1 180 ? 10.948  -2.859  -4.265  1.00 14.67 ? 178 TRP A C   1 
ATOM   1332 O O   . TRP A 1 180 ? 11.473  -1.763  -4.469  1.00 13.21 ? 178 TRP A O   1 
ATOM   1333 C CB  . TRP A 1 180 ? 11.179  -3.241  -1.833  1.00 12.68 ? 178 TRP A CB  1 
ATOM   1334 C CG  . TRP A 1 180 ? 11.637  -4.060  -0.655  1.00 14.16 ? 178 TRP A CG  1 
ATOM   1335 C CD1 . TRP A 1 180 ? 12.585  -3.705  0.269   1.00 12.34 ? 178 TRP A CD1 1 
ATOM   1336 C CD2 . TRP A 1 180 ? 11.169  -5.361  -0.276  1.00 13.89 ? 178 TRP A CD2 1 
ATOM   1337 N NE1 . TRP A 1 180 ? 12.733  -4.701  1.193   1.00 14.15 ? 178 TRP A NE1 1 
ATOM   1338 C CE2 . TRP A 1 180 ? 11.878  -5.733  0.886   1.00 14.01 ? 178 TRP A CE2 1 
ATOM   1339 C CE3 . TRP A 1 180 ? 10.218  -6.252  -0.808  1.00 12.01 ? 178 TRP A CE3 1 
ATOM   1340 C CZ2 . TRP A 1 180 ? 11.672  -6.962  1.533   1.00 11.72 ? 178 TRP A CZ2 1 
ATOM   1341 C CZ3 . TRP A 1 180 ? 10.015  -7.478  -0.164  1.00 12.87 ? 178 TRP A CZ3 1 
ATOM   1342 C CH2 . TRP A 1 180 ? 10.745  -7.817  0.995   1.00 12.96 ? 178 TRP A CH2 1 
ATOM   1343 N N   . ILE A 1 181 ? 9.861   -3.283  -4.932  1.00 13.61 ? 179 ILE A N   1 
ATOM   1344 C CA  . ILE A 1 181 ? 9.173   -2.428  -5.928  1.00 12.08 ? 179 ILE A CA  1 
ATOM   1345 C C   . ILE A 1 181 ? 7.991   -1.788  -5.190  1.00 14.50 ? 179 ILE A C   1 
ATOM   1346 O O   . ILE A 1 181 ? 7.052   -2.477  -4.782  1.00 12.42 ? 179 ILE A O   1 
ATOM   1347 C CB  . ILE A 1 181 ? 8.630   -3.215  -7.156  1.00 12.78 ? 179 ILE A CB  1 
ATOM   1348 C CG1 . ILE A 1 181 ? 9.762   -3.987  -7.833  1.00 11.74 ? 179 ILE A CG1 1 
ATOM   1349 C CG2 . ILE A 1 181 ? 7.989   -2.231  -8.181  1.00 8.45  ? 179 ILE A CG2 1 
ATOM   1350 C CD1 . ILE A 1 181 ? 9.251   -5.120  -8.773  1.00 12.41 ? 179 ILE A CD1 1 
ATOM   1351 N N   . ILE A 1 182 ? 8.050   -0.462  -5.041  1.00 12.95 ? 180 ILE A N   1 
ATOM   1352 C CA  . ILE A 1 182 ? 7.060   0.273   -4.273  1.00 12.46 ? 180 ILE A CA  1 
ATOM   1353 C C   . ILE A 1 182 ? 6.104   1.161   -5.058  1.00 13.72 ? 180 ILE A C   1 
ATOM   1354 O O   . ILE A 1 182 ? 6.540   2.003   -5.867  1.00 13.87 ? 180 ILE A O   1 
ATOM   1355 C CB  . ILE A 1 182 ? 7.784   1.132   -3.194  1.00 13.26 ? 180 ILE A CB  1 
ATOM   1356 C CG1 . ILE A 1 182 ? 8.666   0.234   -2.313  1.00 12.86 ? 180 ILE A CG1 1 
ATOM   1357 C CG2 . ILE A 1 182 ? 6.794   1.902   -2.357  1.00 10.43 ? 180 ILE A CG2 1 
ATOM   1358 C CD1 . ILE A 1 182 ? 7.901   -0.677  -1.382  1.00 14.19 ? 180 ILE A CD1 1 
ATOM   1359 N N   . LYS A 1 183 ? 4.801   0.975   -4.808  1.00 10.88 ? 181 LYS A N   1 
ATOM   1360 C CA  . LYS A 1 183 ? 3.765   1.776   -5.471  1.00 11.96 ? 181 LYS A CA  1 
ATOM   1361 C C   . LYS A 1 183 ? 3.405   2.941   -4.557  1.00 10.99 ? 181 LYS A C   1 
ATOM   1362 O O   . LYS A 1 183 ? 3.058   2.742   -3.382  1.00 9.98  ? 181 LYS A O   1 
ATOM   1363 C CB  . LYS A 1 183 ? 2.502   0.936   -5.763  1.00 13.00 ? 181 LYS A CB  1 
ATOM   1364 C CG  . LYS A 1 183 ? 1.461   1.683   -6.588  1.00 12.51 ? 181 LYS A CG  1 
ATOM   1365 C CD  . LYS A 1 183 ? 0.070   1.038   -6.527  1.00 12.22 ? 181 LYS A CD  1 
ATOM   1366 C CE  . LYS A 1 183 ? -0.889  1.734   -7.524  1.00 9.67  ? 181 LYS A CE  1 
ATOM   1367 N NZ  . LYS A 1 183 ? -2.244  1.062   -7.532  1.00 9.56  ? 181 LYS A NZ  1 
ATOM   1368 N N   . ASN A 1 184 ? 3.516   4.159   -5.073  1.00 11.15 ? 182 ASN A N   1 
ATOM   1369 C CA  . ASN A 1 184 ? 3.191   5.345   -4.270  1.00 11.10 ? 182 ASN A CA  1 
ATOM   1370 C C   . ASN A 1 184 ? 1.844   5.876   -4.736  1.00 9.83  ? 182 ASN A C   1 
ATOM   1371 O O   . ASN A 1 184 ? 1.293   5.357   -5.683  1.00 9.96  ? 182 ASN A O   1 
ATOM   1372 C CB  . ASN A 1 184 ? 4.274   6.429   -4.443  1.00 11.56 ? 182 ASN A CB  1 
ATOM   1373 C CG  . ASN A 1 184 ? 4.392   7.333   -3.228  1.00 17.37 ? 182 ASN A CG  1 
ATOM   1374 O OD1 . ASN A 1 184 ? 3.505   7.350   -2.355  1.00 13.60 ? 182 ASN A OD1 1 
ATOM   1375 N ND2 . ASN A 1 184 ? 5.499   8.085   -3.150  1.00 16.06 ? 182 ASN A ND2 1 
ATOM   1376 N N   . SER A 1 185 ? 1.316   6.892   -4.056  1.00 8.15  ? 183 SER A N   1 
ATOM   1377 C CA  . SER A 1 185 ? 0.044   7.477   -4.411  1.00 11.13 ? 183 SER A CA  1 
ATOM   1378 C C   . SER A 1 185 ? 0.194   9.002   -4.555  1.00 13.81 ? 183 SER A C   1 
ATOM   1379 O O   . SER A 1 185 ? -0.622  9.774   -4.059  1.00 10.05 ? 183 SER A O   1 
ATOM   1380 C CB  . SER A 1 185 ? -1.017  7.151   -3.342  1.00 11.94 ? 183 SER A CB  1 
ATOM   1381 O OG  . SER A 1 185 ? -0.568  7.424   -2.023  1.00 11.42 ? 183 SER A OG  1 
ATOM   1382 N N   . TRP A 1 186 ? 1.230   9.419   -5.265  1.00 14.22 ? 184 TRP A N   1 
ATOM   1383 C CA  . TRP A 1 186 ? 1.476   10.851  -5.475  1.00 17.16 ? 184 TRP A CA  1 
ATOM   1384 C C   . TRP A 1 186 ? 1.378   11.157  -6.966  1.00 16.04 ? 184 TRP A C   1 
ATOM   1385 O O   . TRP A 1 186 ? 1.972   12.127  -7.444  1.00 13.88 ? 184 TRP A O   1 
ATOM   1386 C CB  . TRP A 1 186 ? 2.883   11.240  -4.973  1.00 13.51 ? 184 TRP A CB  1 
ATOM   1387 C CG  . TRP A 1 186 ? 2.987   11.295  -3.517  1.00 14.49 ? 184 TRP A CG  1 
ATOM   1388 C CD1 . TRP A 1 186 ? 1.956   11.252  -2.629  1.00 15.14 ? 184 TRP A CD1 1 
ATOM   1389 C CD2 . TRP A 1 186 ? 4.196   11.317  -2.736  1.00 14.33 ? 184 TRP A CD2 1 
ATOM   1390 N NE1 . TRP A 1 186 ? 2.440   11.235  -1.347  1.00 16.64 ? 184 TRP A NE1 1 
ATOM   1391 C CE2 . TRP A 1 186 ? 3.811   11.273  -1.379  1.00 16.18 ? 184 TRP A CE2 1 
ATOM   1392 C CE3 . TRP A 1 186 ? 5.560   11.362  -3.052  1.00 15.37 ? 184 TRP A CE3 1 
ATOM   1393 C CZ2 . TRP A 1 186 ? 4.747   11.275  -0.323  1.00 15.80 ? 184 TRP A CZ2 1 
ATOM   1394 C CZ3 . TRP A 1 186 ? 6.506   11.360  -1.997  1.00 16.34 ? 184 TRP A CZ3 1 
ATOM   1395 C CH2 . TRP A 1 186 ? 6.089   11.317  -0.653  1.00 14.28 ? 184 TRP A CH2 1 
ATOM   1396 N N   . GLY A 1 187 ? 0.644   10.326  -7.701  1.00 12.76 ? 185 GLY A N   1 
ATOM   1397 C CA  . GLY A 1 187 ? 0.519   10.574  -9.124  1.00 14.09 ? 185 GLY A CA  1 
ATOM   1398 C C   . GLY A 1 187 ? 1.627   9.939   -9.919  1.00 17.14 ? 185 GLY A C   1 
ATOM   1399 O O   . GLY A 1 187 ? 2.661   9.542   -9.362  1.00 17.64 ? 185 GLY A O   1 
ATOM   1400 N N   . GLU A 1 188 ? 1.417   9.860   -11.229 1.00 20.05 ? 186 GLU A N   1 
ATOM   1401 C CA  . GLU A 1 188 ? 2.358   9.226   -12.145 1.00 25.81 ? 186 GLU A CA  1 
ATOM   1402 C C   . GLU A 1 188 ? 3.564   10.062  -12.433 1.00 26.21 ? 186 GLU A C   1 
ATOM   1403 O O   . GLU A 1 188 ? 4.541   9.554   -12.957 1.00 27.68 ? 186 GLU A O   1 
ATOM   1404 C CB  . GLU A 1 188 ? 1.696   8.933   -13.494 1.00 31.28 ? 186 GLU A CB  1 
ATOM   1405 C CG  . GLU A 1 188 ? 0.500   8.006   -13.462 1.00 39.71 ? 186 GLU A CG  1 
ATOM   1406 C CD  . GLU A 1 188 ? 0.413   7.136   -14.720 1.00 46.10 ? 186 GLU A CD  1 
ATOM   1407 O OE1 . GLU A 1 188 ? 1.246   7.318   -15.642 1.00 48.73 ? 186 GLU A OE1 1 
ATOM   1408 O OE2 . GLU A 1 188 ? -0.485  6.261   -14.793 1.00 50.65 ? 186 GLU A OE2 1 
ATOM   1409 N N   . ASN A 1 189 ? 3.493   11.351  -12.132 1.00 26.20 ? 187 ASN A N   1 
ATOM   1410 C CA  . ASN A 1 189 ? 4.614   12.225  -12.403 1.00 29.09 ? 187 ASN A CA  1 
ATOM   1411 C C   . ASN A 1 189 ? 5.703   12.116  -11.347 1.00 28.73 ? 187 ASN A C   1 
ATOM   1412 O O   . ASN A 1 189 ? 6.859   12.512  -11.562 1.00 30.17 ? 187 ASN A O   1 
ATOM   1413 C CB  . ASN A 1 189 ? 4.110   13.656  -12.553 1.00 33.52 ? 187 ASN A CB  1 
ATOM   1414 C CG  . ASN A 1 189 ? 3.559   13.909  -13.960 1.00 40.56 ? 187 ASN A CG  1 
ATOM   1415 O OD1 . ASN A 1 189 ? 4.180   13.513  -14.961 1.00 40.81 ? 187 ASN A OD1 1 
ATOM   1416 N ND2 . ASN A 1 189 ? 2.386   14.544  -14.043 1.00 42.17 ? 187 ASN A ND2 1 
ATOM   1417 N N   . TRP A 1 190 ? 5.342   11.556  -10.205 1.00 24.11 ? 188 TRP A N   1 
ATOM   1418 C CA  . TRP A 1 190 ? 6.330   11.375  -9.160  1.00 21.67 ? 188 TRP A CA  1 
ATOM   1419 C C   . TRP A 1 190 ? 7.209   10.131  -9.409  1.00 20.09 ? 188 TRP A C   1 
ATOM   1420 O O   . TRP A 1 190 ? 6.776   9.163   -10.034 1.00 19.09 ? 188 TRP A O   1 
ATOM   1421 C CB  . TRP A 1 190 ? 5.637   11.269  -7.805  1.00 18.59 ? 188 TRP A CB  1 
ATOM   1422 C CG  . TRP A 1 190 ? 6.633   11.166  -6.713  1.00 20.18 ? 188 TRP A CG  1 
ATOM   1423 C CD1 . TRP A 1 190 ? 7.276   12.198  -6.095  1.00 17.13 ? 188 TRP A CD1 1 
ATOM   1424 C CD2 . TRP A 1 190 ? 7.172   9.961   -6.170  1.00 16.32 ? 188 TRP A CD2 1 
ATOM   1425 N NE1 . TRP A 1 190 ? 8.192   11.702  -5.198  1.00 20.74 ? 188 TRP A NE1 1 
ATOM   1426 C CE2 . TRP A 1 190 ? 8.150   10.332  -5.223  1.00 16.32 ? 188 TRP A CE2 1 
ATOM   1427 C CE3 . TRP A 1 190 ? 6.920   8.592   -6.395  1.00 17.83 ? 188 TRP A CE3 1 
ATOM   1428 C CZ2 . TRP A 1 190 ? 8.889   9.390   -4.493  1.00 15.00 ? 188 TRP A CZ2 1 
ATOM   1429 C CZ3 . TRP A 1 190 ? 7.646   7.650   -5.681  1.00 13.88 ? 188 TRP A CZ3 1 
ATOM   1430 C CH2 . TRP A 1 190 ? 8.632   8.057   -4.732  1.00 17.40 ? 188 TRP A CH2 1 
ATOM   1431 N N   . GLY A 1 191 ? 8.444   10.179  -8.920  1.00 18.37 ? 189 GLY A N   1 
ATOM   1432 C CA  . GLY A 1 191 ? 9.363   9.066   -9.054  1.00 18.28 ? 189 GLY A CA  1 
ATOM   1433 C C   . GLY A 1 191 ? 9.499   8.515   -10.455 1.00 19.46 ? 189 GLY A C   1 
ATOM   1434 O O   . GLY A 1 191 ? 9.663   9.265   -11.404 1.00 20.52 ? 189 GLY A O   1 
ATOM   1435 N N   . ASN A 1 192 ? 9.470   7.198   -10.590 1.00 17.64 ? 190 ASN A N   1 
ATOM   1436 C CA  . ASN A 1 192 ? 9.572   6.609   -11.914 1.00 20.22 ? 190 ASN A CA  1 
ATOM   1437 C C   . ASN A 1 192 ? 8.173   6.096   -12.282 1.00 21.56 ? 190 ASN A C   1 
ATOM   1438 O O   . ASN A 1 192 ? 7.804   4.953   -11.971 1.00 17.91 ? 190 ASN A O   1 
ATOM   1439 C CB  . ASN A 1 192 ? 10.584  5.467   -11.911 1.00 20.02 ? 190 ASN A CB  1 
ATOM   1440 C CG  . ASN A 1 192 ? 10.701  4.822   -13.260 1.00 23.19 ? 190 ASN A CG  1 
ATOM   1441 O OD1 . ASN A 1 192 ? 9.984   5.187   -14.178 1.00 24.37 ? 190 ASN A OD1 1 
ATOM   1442 N ND2 . ASN A 1 192 ? 11.592  3.859   -13.391 1.00 23.96 ? 190 ASN A ND2 1 
ATOM   1443 N N   . LYS A 1 193 ? 7.397   6.966   -12.925 1.00 20.52 ? 191 LYS A N   1 
ATOM   1444 C CA  . LYS A 1 193 ? 6.024   6.669   -13.312 1.00 20.51 ? 191 LYS A CA  1 
ATOM   1445 C C   . LYS A 1 193 ? 5.172   6.342   -12.080 1.00 18.50 ? 191 LYS A C   1 
ATOM   1446 O O   . LYS A 1 193 ? 4.232   5.555   -12.150 1.00 17.37 ? 191 LYS A O   1 
ATOM   1447 C CB  . LYS A 1 193 ? 6.003   5.512   -14.302 1.00 25.91 ? 191 LYS A CB  1 
ATOM   1448 C CG  . LYS A 1 193 ? 6.841   5.788   -15.545 1.00 31.72 ? 191 LYS A CG  1 
ATOM   1449 C CD  . LYS A 1 193 ? 6.396   4.933   -16.702 1.00 38.50 ? 191 LYS A CD  1 
ATOM   1450 C CE  . LYS A 1 193 ? 6.633   5.638   -18.035 1.00 44.81 ? 191 LYS A CE  1 
ATOM   1451 N NZ  . LYS A 1 193 ? 6.525   4.701   -19.214 1.00 48.87 ? 191 LYS A NZ  1 
ATOM   1452 N N   . GLY A 1 194 ? 5.512   6.959   -10.953 1.00 17.39 ? 192 GLY A N   1 
ATOM   1453 C CA  . GLY A 1 194 ? 4.766   6.754   -9.719  1.00 14.37 ? 192 GLY A CA  1 
ATOM   1454 C C   . GLY A 1 194 ? 5.310   5.690   -8.792  1.00 13.33 ? 192 GLY A C   1 
ATOM   1455 O O   . GLY A 1 194 ? 4.785   5.514   -7.700  1.00 14.26 ? 192 GLY A O   1 
ATOM   1456 N N   . TYR A 1 195 ? 6.368   4.999   -9.218  1.00 12.43 ? 193 TYR A N   1 
ATOM   1457 C CA  . TYR A 1 195 ? 6.991   3.933   -8.433  1.00 12.24 ? 193 TYR A CA  1 
ATOM   1458 C C   . TYR A 1 195 ? 8.389   4.280   -7.948  1.00 14.25 ? 193 TYR A C   1 
ATOM   1459 O O   . TYR A 1 195 ? 8.973   5.252   -8.405  1.00 16.62 ? 193 TYR A O   1 
ATOM   1460 C CB  . TYR A 1 195 ? 7.113   2.669   -9.282  1.00 12.30 ? 193 TYR A CB  1 
ATOM   1461 C CG  . TYR A 1 195 ? 5.800   1.975   -9.496  1.00 12.97 ? 193 TYR A CG  1 
ATOM   1462 C CD1 . TYR A 1 195 ? 4.967   2.334   -10.553 1.00 12.28 ? 193 TYR A CD1 1 
ATOM   1463 C CD2 . TYR A 1 195 ? 5.368   0.972   -8.616  1.00 15.43 ? 193 TYR A CD2 1 
ATOM   1464 C CE1 . TYR A 1 195 ? 3.722   1.705   -10.725 1.00 11.20 ? 193 TYR A CE1 1 
ATOM   1465 C CE2 . TYR A 1 195 ? 4.126   0.341   -8.778  1.00 12.40 ? 193 TYR A CE2 1 
ATOM   1466 C CZ  . TYR A 1 195 ? 3.315   0.713   -9.825  1.00 12.59 ? 193 TYR A CZ  1 
ATOM   1467 O OH  . TYR A 1 195 ? 2.085   0.117   -9.971  1.00 14.21 ? 193 TYR A OH  1 
ATOM   1468 N N   . ILE A 1 196 ? 8.922   3.478   -7.025  1.00 14.25 ? 194 ILE A N   1 
ATOM   1469 C CA  . ILE A 1 196 ? 10.289  3.659   -6.560  1.00 13.28 ? 194 ILE A CA  1 
ATOM   1470 C C   . ILE A 1 196 ? 10.852  2.287   -6.165  1.00 16.20 ? 194 ILE A C   1 
ATOM   1471 O O   . ILE A 1 196 ? 10.116  1.430   -5.655  1.00 16.63 ? 194 ILE A O   1 
ATOM   1472 C CB  . ILE A 1 196 ? 10.392  4.654   -5.356  1.00 15.05 ? 194 ILE A CB  1 
ATOM   1473 C CG1 . ILE A 1 196 ? 11.859  4.740   -4.880  1.00 15.85 ? 194 ILE A CG1 1 
ATOM   1474 C CG2 . ILE A 1 196 ? 9.507   4.217   -4.198  1.00 11.89 ? 194 ILE A CG2 1 
ATOM   1475 C CD1 . ILE A 1 196 ? 12.098  5.789   -3.793  1.00 14.75 ? 194 ILE A CD1 1 
ATOM   1476 N N   . LEU A 1 197 ? 12.128  2.052   -6.463  1.00 12.31 ? 195 LEU A N   1 
ATOM   1477 C CA  . LEU A 1 197 ? 12.774  0.803   -6.075  1.00 14.40 ? 195 LEU A CA  1 
ATOM   1478 C C   . LEU A 1 197 ? 13.541  1.172   -4.809  1.00 14.58 ? 195 LEU A C   1 
ATOM   1479 O O   . LEU A 1 197 ? 14.346  2.100   -4.829  1.00 14.23 ? 195 LEU A O   1 
ATOM   1480 C CB  . LEU A 1 197 ? 13.759  0.317   -7.154  1.00 14.98 ? 195 LEU A CB  1 
ATOM   1481 C CG  . LEU A 1 197 ? 13.197  0.174   -8.576  1.00 17.72 ? 195 LEU A CG  1 
ATOM   1482 C CD1 . LEU A 1 197 ? 14.196  -0.554  -9.464  1.00 17.05 ? 195 LEU A CD1 1 
ATOM   1483 C CD2 . LEU A 1 197 ? 11.889  -0.609  -8.532  1.00 15.63 ? 195 LEU A CD2 1 
ATOM   1484 N N   . MET A 1 198 ? 13.273  0.476   -3.708  1.00 14.37 ? 196 MET A N   1 
ATOM   1485 C CA  . MET A 1 198 ? 13.945  0.744   -2.429  1.00 14.85 ? 196 MET A CA  1 
ATOM   1486 C C   . MET A 1 198 ? 14.863  -0.411  -2.044  1.00 14.94 ? 196 MET A C   1 
ATOM   1487 O O   . MET A 1 198 ? 14.520  -1.590  -2.246  1.00 13.79 ? 196 MET A O   1 
ATOM   1488 C CB  . MET A 1 198 ? 12.902  0.975   -1.329  1.00 14.27 ? 196 MET A CB  1 
ATOM   1489 C CG  . MET A 1 198 ? 12.088  2.242   -1.565  1.00 17.63 ? 196 MET A CG  1 
ATOM   1490 S SD  . MET A 1 198 ? 10.933  2.624   -0.256  1.00 18.41 ? 196 MET A SD  1 
ATOM   1491 C CE  . MET A 1 198 ? 12.064  3.001   1.163   1.00 17.30 ? 196 MET A CE  1 
ATOM   1492 N N   . ALA A 1 199 ? 16.028  -0.081  -1.492  1.00 14.37 ? 197 ALA A N   1 
ATOM   1493 C CA  . ALA A 1 199 ? 16.999  -1.110  -1.095  1.00 15.48 ? 197 ALA A CA  1 
ATOM   1494 C C   . ALA A 1 199 ? 16.365  -2.214  -0.260  1.00 15.35 ? 197 ALA A C   1 
ATOM   1495 O O   . ALA A 1 199 ? 15.628  -1.954  0.703   1.00 16.12 ? 197 ALA A O   1 
ATOM   1496 C CB  . ALA A 1 199 ? 18.154  -0.500  -0.316  1.00 13.17 ? 197 ALA A CB  1 
ATOM   1497 N N   . ARG A 1 200 ? 16.665  -3.449  -0.638  1.00 14.60 ? 198 ARG A N   1 
ATOM   1498 C CA  . ARG A 1 200 ? 16.151  -4.625  0.064   1.00 15.17 ? 198 ARG A CA  1 
ATOM   1499 C C   . ARG A 1 200 ? 17.324  -5.317  0.743   1.00 15.70 ? 198 ARG A C   1 
ATOM   1500 O O   . ARG A 1 200 ? 18.407  -5.391  0.182   1.00 15.39 ? 198 ARG A O   1 
ATOM   1501 C CB  . ARG A 1 200 ? 15.504  -5.597  -0.930  1.00 12.60 ? 198 ARG A CB  1 
ATOM   1502 C CG  . ARG A 1 200 ? 15.093  -6.933  -0.302  1.00 12.33 ? 198 ARG A CG  1 
ATOM   1503 C CD  . ARG A 1 200 ? 13.952  -7.560  -1.090  1.00 12.66 ? 198 ARG A CD  1 
ATOM   1504 N NE  . ARG A 1 200 ? 14.374  -7.949  -2.423  1.00 11.24 ? 198 ARG A NE  1 
ATOM   1505 C CZ  . ARG A 1 200 ? 15.039  -9.073  -2.702  1.00 16.23 ? 198 ARG A CZ  1 
ATOM   1506 N NH1 . ARG A 1 200 ? 15.362  -9.929  -1.741  1.00 13.63 ? 198 ARG A NH1 1 
ATOM   1507 N NH2 . ARG A 1 200 ? 15.408  -9.327  -3.950  1.00 13.96 ? 198 ARG A NH2 1 
ATOM   1508 N N   . ASN A 1 201 ? 17.096  -5.821  1.947   1.00 19.85 ? 199 ASN A N   1 
ATOM   1509 C CA  . ASN A 1 201 ? 18.126  -6.502  2.733   1.00 22.74 ? 199 ASN A CA  1 
ATOM   1510 C C   . ASN A 1 201 ? 19.319  -5.603  3.085   1.00 25.12 ? 199 ASN A C   1 
ATOM   1511 O O   . ASN A 1 201 ? 20.456  -6.064  3.130   1.00 27.04 ? 199 ASN A O   1 
ATOM   1512 C CB  . ASN A 1 201 ? 18.605  -7.781  2.013   1.00 21.95 ? 199 ASN A CB  1 
ATOM   1513 C CG  . ASN A 1 201 ? 17.523  -8.869  1.980   1.00 25.65 ? 199 ASN A CG  1 
ATOM   1514 O OD1 . ASN A 1 201 ? 16.484  -8.737  2.625   1.00 23.33 ? 199 ASN A OD1 1 
ATOM   1515 N ND2 . ASN A 1 201 ? 17.764  -9.939  1.226   1.00 25.87 ? 199 ASN A ND2 1 
ATOM   1516 N N   . LYS A 1 202 ? 19.062  -4.321  3.329   1.00 24.47 ? 200 LYS A N   1 
ATOM   1517 C CA  . LYS A 1 202 ? 20.132  -3.405  3.719   1.00 25.47 ? 200 LYS A CA  1 
ATOM   1518 C C   . LYS A 1 202 ? 19.735  -2.876  5.074   1.00 23.97 ? 200 LYS A C   1 
ATOM   1519 O O   . LYS A 1 202 ? 19.592  -1.681  5.261   1.00 23.72 ? 200 LYS A O   1 
ATOM   1520 C CB  . LYS A 1 202 ? 20.283  -2.251  2.727   1.00 28.21 ? 200 LYS A CB  1 
ATOM   1521 C CG  . LYS A 1 202 ? 21.420  -2.475  1.721   1.00 36.23 ? 200 LYS A CG  1 
ATOM   1522 C CD  . LYS A 1 202 ? 22.043  -1.162  1.221   1.00 39.72 ? 200 LYS A CD  1 
ATOM   1523 C CE  . LYS A 1 202 ? 22.706  -1.340  -0.153  1.00 43.81 ? 200 LYS A CE  1 
ATOM   1524 N NZ  . LYS A 1 202 ? 21.835  -0.918  -1.316  1.00 43.17 ? 200 LYS A NZ  1 
ATOM   1525 N N   . ASN A 1 203 ? 19.527  -3.808  5.998   1.00 23.46 ? 201 ASN A N   1 
ATOM   1526 C CA  . ASN A 1 203 ? 19.130  -3.540  7.361   1.00 23.08 ? 201 ASN A CA  1 
ATOM   1527 C C   . ASN A 1 203 ? 17.812  -2.797  7.508   1.00 22.52 ? 201 ASN A C   1 
ATOM   1528 O O   . ASN A 1 203 ? 17.755  -1.758  8.158   1.00 20.87 ? 201 ASN A O   1 
ATOM   1529 C CB  . ASN A 1 203 ? 20.244  -2.804  8.116   1.00 31.14 ? 201 ASN A CB  1 
ATOM   1530 C CG  . ASN A 1 203 ? 20.234  -3.119  9.625   1.00 40.17 ? 201 ASN A CG  1 
ATOM   1531 O OD1 . ASN A 1 203 ? 19.678  -4.138  10.060  1.00 43.07 ? 201 ASN A OD1 1 
ATOM   1532 N ND2 . ASN A 1 203 ? 20.843  -2.242  10.423  1.00 41.45 ? 201 ASN A ND2 1 
ATOM   1533 N N   . ASN A 1 204 ? 16.745  -3.326  6.901   1.00 20.35 ? 202 ASN A N   1 
ATOM   1534 C CA  . ASN A 1 204 ? 15.424  -2.716  7.042   1.00 16.46 ? 202 ASN A CA  1 
ATOM   1535 C C   . ASN A 1 204 ? 15.506  -1.228  6.753   1.00 15.37 ? 202 ASN A C   1 
ATOM   1536 O O   . ASN A 1 204 ? 14.954  -0.425  7.495   1.00 15.46 ? 202 ASN A O   1 
ATOM   1537 C CB  . ASN A 1 204 ? 14.942  -2.924  8.477   1.00 18.10 ? 202 ASN A CB  1 
ATOM   1538 C CG  . ASN A 1 204 ? 13.443  -2.718  8.643   1.00 19.48 ? 202 ASN A CG  1 
ATOM   1539 O OD1 . ASN A 1 204 ? 12.672  -2.793  7.684   1.00 21.13 ? 202 ASN A OD1 1 
ATOM   1540 N ND2 . ASN A 1 204 ? 13.026  -2.465  9.873   1.00 20.64 ? 202 ASN A ND2 1 
ATOM   1541 N N   . ALA A 1 205 ? 16.197  -0.858  5.678   1.00 15.21 ? 203 ALA A N   1 
ATOM   1542 C CA  . ALA A 1 205 ? 16.357  0.553   5.341   1.00 15.55 ? 203 ALA A CA  1 
ATOM   1543 C C   . ALA A 1 205 ? 15.003  1.277   5.225   1.00 17.60 ? 203 ALA A C   1 
ATOM   1544 O O   . ALA A 1 205 ? 14.092  0.807   4.537   1.00 18.19 ? 203 ALA A O   1 
ATOM   1545 C CB  . ALA A 1 205 ? 17.144  0.693   4.058   1.00 9.62  ? 203 ALA A CB  1 
ATOM   1546 N N   . CYS A 1 206 ? 14.899  2.413   5.912   1.00 16.07 ? 204 CYS A N   1 
ATOM   1547 C CA  . CYS A 1 206 ? 13.705  3.260   5.962   1.00 15.66 ? 204 CYS A CA  1 
ATOM   1548 C C   . CYS A 1 206 ? 12.558  2.610   6.726   1.00 17.17 ? 204 CYS A C   1 
ATOM   1549 O O   . CYS A 1 206 ? 11.423  3.086   6.647   1.00 16.14 ? 204 CYS A O   1 
ATOM   1550 C CB  . CYS A 1 206 ? 13.228  3.637   4.564   1.00 14.78 ? 204 CYS A CB  1 
ATOM   1551 S SG  . CYS A 1 206 ? 14.386  4.645   3.579   1.00 19.44 ? 204 CYS A SG  1 
ATOM   1552 N N   . GLY A 1 207 ? 12.867  1.532   7.462   1.00 16.24 ? 205 GLY A N   1 
ATOM   1553 C CA  . GLY A 1 207 ? 11.861  0.832   8.253   1.00 17.13 ? 205 GLY A CA  1 
ATOM   1554 C C   . GLY A 1 207 ? 10.836  0.057   7.420   1.00 16.33 ? 205 GLY A C   1 
ATOM   1555 O O   . GLY A 1 207 ? 9.730   -0.212  7.862   1.00 14.82 ? 205 GLY A O   1 
ATOM   1556 N N   . ILE A 1 208 ? 11.231  -0.333  6.222   1.00 15.63 ? 206 ILE A N   1 
ATOM   1557 C CA  . ILE A 1 208 ? 10.327  -1.018  5.323   1.00 16.71 ? 206 ILE A CA  1 
ATOM   1558 C C   . ILE A 1 208 ? 9.578   -2.240  5.905   1.00 16.63 ? 206 ILE A C   1 
ATOM   1559 O O   . ILE A 1 208 ? 8.414   -2.448  5.592   1.00 14.54 ? 206 ILE A O   1 
ATOM   1560 C CB  . ILE A 1 208 ? 11.069  -1.397  4.008   1.00 18.44 ? 206 ILE A CB  1 
ATOM   1561 C CG1 . ILE A 1 208 ? 10.079  -2.049  3.035   1.00 24.12 ? 206 ILE A CG1 1 
ATOM   1562 C CG2 . ILE A 1 208 ? 12.231  -2.387  4.300   1.00 16.74 ? 206 ILE A CG2 1 
ATOM   1563 C CD1 . ILE A 1 208 ? 9.543   -1.154  1.962   1.00 20.33 ? 206 ILE A CD1 1 
ATOM   1564 N N   . ALA A 1 209 ? 10.207  -3.027  6.768   1.00 14.85 ? 207 ALA A N   1 
ATOM   1565 C CA  . ALA A 1 209 ? 9.516   -4.187  7.313   1.00 14.81 ? 207 ALA A CA  1 
ATOM   1566 C C   . ALA A 1 209 ? 9.031   -3.966  8.731   1.00 16.45 ? 207 ALA A C   1 
ATOM   1567 O O   . ALA A 1 209 ? 8.781   -4.930  9.442   1.00 17.90 ? 207 ALA A O   1 
ATOM   1568 C CB  . ALA A 1 209 ? 10.434  -5.435  7.255   1.00 13.17 ? 207 ALA A CB  1 
ATOM   1569 N N   . ASN A 1 210 ? 8.864   -2.709  9.144   1.00 15.06 ? 208 ASN A N   1 
ATOM   1570 C CA  . ASN A 1 210 ? 8.431   -2.440  10.505  1.00 14.65 ? 208 ASN A CA  1 
ATOM   1571 C C   . ASN A 1 210 ? 6.947   -2.350  10.754  1.00 16.12 ? 208 ASN A C   1 
ATOM   1572 O O   . ASN A 1 210 ? 6.527   -2.552  11.873  1.00 15.10 ? 208 ASN A O   1 
ATOM   1573 C CB  . ASN A 1 210 ? 9.090   -1.178  11.047  1.00 16.04 ? 208 ASN A CB  1 
ATOM   1574 C CG  . ASN A 1 210 ? 10.485  -1.443  11.587  1.00 20.62 ? 208 ASN A CG  1 
ATOM   1575 O OD1 . ASN A 1 210 ? 10.903  -2.600  11.728  1.00 22.22 ? 208 ASN A OD1 1 
ATOM   1576 N ND2 . ASN A 1 210 ? 11.217  -0.373  11.885  1.00 20.36 ? 208 ASN A ND2 1 
ATOM   1577 N N   . LEU A 1 211 ? 6.138   -2.038  9.745   1.00 16.31 ? 209 LEU A N   1 
ATOM   1578 C CA  . LEU A 1 211 ? 4.674   -1.966  9.955   1.00 17.80 ? 209 LEU A CA  1 
ATOM   1579 C C   . LEU A 1 211 ? 3.978   -2.478  8.711   1.00 15.46 ? 209 LEU A C   1 
ATOM   1580 O O   . LEU A 1 211 ? 3.188   -1.762  8.102   1.00 14.64 ? 209 LEU A O   1 
ATOM   1581 C CB  . LEU A 1 211 ? 4.228   -0.518  10.220  1.00 18.74 ? 209 LEU A CB  1 
ATOM   1582 C CG  . LEU A 1 211 ? 2.920   -0.285  11.006  1.00 21.71 ? 209 LEU A CG  1 
ATOM   1583 C CD1 . LEU A 1 211 ? 3.082   -0.768  12.436  1.00 22.88 ? 209 LEU A CD1 1 
ATOM   1584 C CD2 . LEU A 1 211 ? 2.577   1.200   11.026  1.00 19.45 ? 209 LEU A CD2 1 
ATOM   1585 N N   . ALA A 1 212 ? 4.301   -3.715  8.337   1.00 13.21 ? 210 ALA A N   1 
ATOM   1586 C CA  . ALA A 1 212 ? 3.761   -4.342  7.145   1.00 12.12 ? 210 ALA A CA  1 
ATOM   1587 C C   . ALA A 1 212 ? 2.585   -5.272  7.463   1.00 14.55 ? 210 ALA A C   1 
ATOM   1588 O O   . ALA A 1 212 ? 2.598   -5.982  8.484   1.00 14.44 ? 210 ALA A O   1 
ATOM   1589 C CB  . ALA A 1 212 ? 4.849   -5.108  6.443   1.00 10.42 ? 210 ALA A CB  1 
ATOM   1590 N N   . SER A 1 213 ? 1.567   -5.268  6.604   1.00 11.03 ? 211 SER A N   1 
ATOM   1591 C CA  . SER A 1 213 ? 0.418   -6.139  6.834   1.00 10.64 ? 211 SER A CA  1 
ATOM   1592 C C   . SER A 1 213 ? -0.336  -6.411  5.543   1.00 11.23 ? 211 SER A C   1 
ATOM   1593 O O   . SER A 1 213 ? -0.169  -5.692  4.554   1.00 11.38 ? 211 SER A O   1 
ATOM   1594 C CB  . SER A 1 213 ? -0.529  -5.498  7.857   1.00 10.92 ? 211 SER A CB  1 
ATOM   1595 O OG  . SER A 1 213 ? -1.011  -4.227  7.412   1.00 13.17 ? 211 SER A OG  1 
ATOM   1596 N N   . PHE A 1 214 ? -1.141  -7.472  5.534   1.00 10.19 ? 212 PHE A N   1 
ATOM   1597 C CA  . PHE A 1 214 ? -1.943  -7.799  4.363   1.00 13.06 ? 212 PHE A CA  1 
ATOM   1598 C C   . PHE A 1 214 ? -3.327  -8.318  4.803   1.00 13.35 ? 212 PHE A C   1 
ATOM   1599 O O   . PHE A 1 214 ? -3.462  -8.877  5.879   1.00 14.96 ? 212 PHE A O   1 
ATOM   1600 C CB  . PHE A 1 214 ? -1.209  -8.822  3.477   1.00 12.34 ? 212 PHE A CB  1 
ATOM   1601 C CG  . PHE A 1 214 ? -0.898  -10.140 4.168   1.00 16.69 ? 212 PHE A CG  1 
ATOM   1602 C CD1 . PHE A 1 214 ? -1.838  -11.169 4.204   1.00 17.77 ? 212 PHE A CD1 1 
ATOM   1603 C CD2 . PHE A 1 214 ? 0.336   -10.355 4.762   1.00 16.03 ? 212 PHE A CD2 1 
ATOM   1604 C CE1 . PHE A 1 214 ? -1.548  -12.399 4.828   1.00 16.36 ? 212 PHE A CE1 1 
ATOM   1605 C CE2 . PHE A 1 214 ? 0.635   -11.579 5.391   1.00 16.67 ? 212 PHE A CE2 1 
ATOM   1606 C CZ  . PHE A 1 214 ? -0.304  -12.594 5.422   1.00 15.06 ? 212 PHE A CZ  1 
ATOM   1607 N N   . PRO A 1 215 ? -4.371  -8.121  3.981   1.00 13.80 ? 213 PRO A N   1 
ATOM   1608 C CA  . PRO A 1 215 ? -5.703  -8.602  4.363   1.00 15.67 ? 213 PRO A CA  1 
ATOM   1609 C C   . PRO A 1 215 ? -5.905  -10.085 4.030   1.00 19.08 ? 213 PRO A C   1 
ATOM   1610 O O   . PRO A 1 215 ? -5.303  -10.604 3.088   1.00 17.85 ? 213 PRO A O   1 
ATOM   1611 C CB  . PRO A 1 215 ? -6.652  -7.720  3.557   1.00 13.98 ? 213 PRO A CB  1 
ATOM   1612 C CG  . PRO A 1 215 ? -5.856  -7.346  2.336   1.00 15.28 ? 213 PRO A CG  1 
ATOM   1613 C CD  . PRO A 1 215 ? -4.378  -7.488  2.649   1.00 13.29 ? 213 PRO A CD  1 
ATOM   1614 N N   . LYS A 1 216 ? -6.722  -10.769 4.824   1.00 22.31 ? 214 LYS A N   1 
ATOM   1615 C CA  . LYS A 1 216 ? -7.026  -12.187 4.565   1.00 26.87 ? 214 LYS A CA  1 
ATOM   1616 C C   . LYS A 1 216 ? -8.301  -12.161 3.748   1.00 27.85 ? 214 LYS A C   1 
ATOM   1617 O O   . LYS A 1 216 ? -9.255  -11.473 4.120   1.00 29.00 ? 214 LYS A O   1 
ATOM   1618 C CB  . LYS A 1 216 ? -7.302  -12.955 5.864   1.00 28.19 ? 214 LYS A CB  1 
ATOM   1619 C CG  . LYS A 1 216 ? -6.225  -12.862 6.910   1.00 36.44 ? 214 LYS A CG  1 
ATOM   1620 C CD  . LYS A 1 216 ? -6.407  -13.929 7.992   1.00 43.41 ? 214 LYS A CD  1 
ATOM   1621 C CE  . LYS A 1 216 ? -5.658  -15.231 7.629   1.00 47.08 ? 214 LYS A CE  1 
ATOM   1622 N NZ  . LYS A 1 216 ? -4.197  -15.072 7.254   1.00 47.02 ? 214 LYS A NZ  1 
ATOM   1623 N N   . MET A 1 217 ? -8.335  -12.870 2.631   1.00 30.21 ? 215 MET A N   1 
ATOM   1624 C CA  . MET A 1 217 ? -9.551  -12.883 1.823   1.00 36.13 ? 215 MET A CA  1 
ATOM   1625 C C   . MET A 1 217 ? -10.116 -14.306 1.714   1.00 39.83 ? 215 MET A C   1 
ATOM   1626 O O   . MET A 1 217 ? -9.749  -15.133 2.583   1.00 42.94 ? 215 MET A O   1 
ATOM   1627 C CB  . MET A 1 217 ? -9.291  -12.302 0.425   1.00 35.31 ? 215 MET A CB  1 
ATOM   1628 C CG  . MET A 1 217 ? -9.797  -10.880 0.253   1.00 35.57 ? 215 MET A CG  1 
ATOM   1629 S SD  . MET A 1 217 ? -10.344 -10.494 -1.451  1.00 38.04 ? 215 MET A SD  1 
ATOM   1630 C CE  . MET A 1 217 ? -10.486 -8.654  -1.363  1.00 32.04 ? 215 MET A CE  1 
ATOM   1631 O OXT . MET A 1 217 ? -10.926 -14.576 0.794   1.00 42.90 ? 215 MET A OXT 1 
HETATM 1632 C C01 . IHE B 2 .   ? 3.998   14.717  7.073   1.00 22.78 ? 300 IHE A C01 1 
HETATM 1633 C C02 . IHE B 2 .   ? 3.768   15.555  9.888   1.00 26.48 ? 300 IHE A C02 1 
HETATM 1634 N N03 . IHE B 2 .   ? 5.065   15.659  9.136   1.00 26.99 ? 300 IHE A N03 1 
HETATM 1635 C C04 . IHE B 2 .   ? 5.183   14.614  8.055   1.00 23.10 ? 300 IHE A C04 1 
HETATM 1636 C C05 . IHE B 2 .   ? 2.572   15.666  8.921   1.00 22.26 ? 300 IHE A C05 1 
HETATM 1637 N N06 . IHE B 2 .   ? 2.687   14.630  7.829   1.00 24.66 ? 300 IHE A N06 1 
HETATM 1638 C C15 . IHE B 2 .   ? 6.206   15.563  10.088  1.00 27.56 ? 300 IHE A C15 1 
HETATM 1639 C C16 . IHE B 2 .   ? 1.510   14.748  6.867   1.00 19.94 ? 300 IHE A C16 1 
HETATM 1640 C C17 . IHE B 2 .   ? 0.134   14.361  7.505   1.00 20.27 ? 300 IHE A C17 1 
HETATM 1641 N N18 . IHE B 2 .   ? 0.227   13.038  8.145   1.00 19.40 ? 300 IHE A N18 1 
HETATM 1642 C C19 . IHE B 2 .   ? 0.357   12.766  9.513   1.00 21.55 ? 300 IHE A C19 1 
HETATM 1643 N N20 . IHE B 2 .   ? 0.436   11.492  9.764   1.00 20.30 ? 300 IHE A N20 1 
HETATM 1644 C C21 . IHE B 2 .   ? 0.206   11.823  7.520   1.00 18.76 ? 300 IHE A C21 1 
HETATM 1645 N N22 . IHE B 2 .   ? 0.090   11.524  6.184   1.00 19.66 ? 300 IHE A N22 1 
HETATM 1646 C C23 . IHE B 2 .   ? 0.125   10.190  5.882   1.00 18.49 ? 300 IHE A C23 1 
HETATM 1647 N N24 . IHE B 2 .   ? 0.279   9.240   6.836   1.00 16.51 ? 300 IHE A N24 1 
HETATM 1648 C C25 . IHE B 2 .   ? 0.392   9.591   8.134   1.00 21.03 ? 300 IHE A C25 1 
HETATM 1649 C C26 . IHE B 2 .   ? 0.341   10.906  8.502   1.00 22.02 ? 300 IHE A C26 1 
HETATM 1650 N N28 . IHE B 2 .   ? 0.581   8.609   9.130   1.00 24.00 ? 300 IHE A N28 1 
HETATM 1651 C C29 . IHE B 2 .   ? 0.723   7.189   8.952   1.00 26.10 ? 300 IHE A C29 1 
HETATM 1652 C C30 . IHE B 2 .   ? 0.567   6.366   10.239  1.00 24.73 ? 300 IHE A C30 1 
HETATM 1653 C C31 . IHE B 2 .   ? 0.757   4.851   9.984   1.00 27.58 ? 300 IHE A C31 1 
HETATM 1654 C C32 . IHE B 2 .   ? 2.134   4.567   9.328   1.00 28.42 ? 300 IHE A C32 1 
HETATM 1655 C C33 . IHE B 2 .   ? 2.353   5.392   8.025   1.00 30.11 ? 300 IHE A C33 1 
HETATM 1656 C C34 . IHE B 2 .   ? 2.083   6.885   8.258   1.00 26.12 ? 300 IHE A C34 1 
HETATM 1657 N N35 . IHE B 2 .   ? -0.260  10.621  3.595   1.00 16.17 ? 300 IHE A N35 1 
HETATM 1658 C C27 . IHE B 2 .   ? 0.002   9.747   4.467   1.00 14.83 ? 300 IHE A C27 1 
HETATM 1659 O O   . HOH C 3 .   ? 0.624   5.346   -0.883  1.00 12.34 ? 402 HOH A O   1 
HETATM 1660 O O   . HOH C 3 .   ? -2.660  -8.115  -1.950  1.00 15.43 ? 403 HOH A O   1 
HETATM 1661 O O   . HOH C 3 .   ? -3.292  -1.624  -6.843  1.00 12.70 ? 404 HOH A O   1 
HETATM 1662 O O   . HOH C 3 .   ? -7.547  16.918  -2.890  1.00 29.52 ? 405 HOH A O   1 
HETATM 1663 O O   . HOH C 3 .   ? 16.767  -12.517 -1.064  1.00 17.13 ? 406 HOH A O   1 
HETATM 1664 O O   . HOH C 3 .   ? 5.955   -5.483  10.052  1.00 17.72 ? 407 HOH A O   1 
HETATM 1665 O O   . HOH C 3 .   ? 6.768   -1.061  7.156   1.00 14.32 ? 408 HOH A O   1 
HETATM 1666 O O   . HOH C 3 .   ? -3.714  -15.032 -1.263  1.00 25.76 ? 409 HOH A O   1 
HETATM 1667 O O   . HOH C 3 .   ? -2.342  -4.194  -6.062  1.00 10.49 ? 410 HOH A O   1 
HETATM 1668 O O   . HOH C 3 .   ? 14.269  0.284   1.727   1.00 13.25 ? 411 HOH A O   1 
HETATM 1669 O O   . HOH C 3 .   ? -10.560 7.924   8.940   1.00 16.15 ? 412 HOH A O   1 
HETATM 1670 O O   . HOH C 3 .   ? 2.967   7.978   -7.012  1.00 15.74 ? 414 HOH A O   1 
HETATM 1671 O O   . HOH C 3 .   ? -12.600 6.850   -3.331  1.00 15.41 ? 415 HOH A O   1 
HETATM 1672 O O   . HOH C 3 .   ? -1.078  -4.783  -13.033 1.00 15.87 ? 416 HOH A O   1 
HETATM 1673 O O   . HOH C 3 .   ? -1.113  -0.583  10.051  1.00 13.92 ? 417 HOH A O   1 
HETATM 1674 O O   . HOH C 3 .   ? 16.805  3.071   7.849   1.00 22.17 ? 419 HOH A O   1 
HETATM 1675 O O   . HOH C 3 .   ? 16.602  -2.910  3.457   1.00 14.42 ? 421 HOH A O   1 
HETATM 1676 O O   . HOH C 3 .   ? -12.680 2.297   12.751  1.00 36.77 ? 422 HOH A O   1 
HETATM 1677 O O   . HOH C 3 .   ? 13.178  9.262   3.406   1.00 14.26 ? 423 HOH A O   1 
HETATM 1678 O O   . HOH C 3 .   ? 17.519  4.032   2.747   1.00 27.99 ? 424 HOH A O   1 
HETATM 1679 O O   . HOH C 3 .   ? -1.403  4.792   -6.244  1.00 11.83 ? 425 HOH A O   1 
HETATM 1680 O O   . HOH C 3 .   ? -15.751 -7.971  4.338   1.00 34.04 ? 426 HOH A O   1 
HETATM 1681 O O   . HOH C 3 .   ? -14.494 1.395   -9.467  1.00 25.69 ? 429 HOH A O   1 
HETATM 1682 O O   . HOH C 3 .   ? -0.149  3.763   -13.461 1.00 24.13 ? 430 HOH A O   1 
HETATM 1683 O O   . HOH C 3 .   ? 0.599   -2.390  8.580   1.00 15.94 ? 431 HOH A O   1 
HETATM 1684 O O   . HOH C 3 .   ? -8.864  3.696   -6.098  1.00 24.69 ? 434 HOH A O   1 
HETATM 1685 O O   . HOH C 3 .   ? -9.163  6.574   -6.143  1.00 28.80 ? 436 HOH A O   1 
HETATM 1686 O O   . HOH C 3 .   ? 15.841  2.576   0.933   1.00 26.47 ? 437 HOH A O   1 
HETATM 1687 O O   . HOH C 3 .   ? 8.011   2.269   -13.064 1.00 29.95 ? 441 HOH A O   1 
HETATM 1688 O O   . HOH C 3 .   ? 15.339  2.326   -12.198 1.00 38.17 ? 442 HOH A O   1 
HETATM 1689 O O   . HOH C 3 .   ? -6.360  2.233   -6.200  1.00 18.02 ? 443 HOH A O   1 
HETATM 1690 O O   . HOH C 3 .   ? -11.173 -0.024  12.544  1.00 27.55 ? 444 HOH A O   1 
HETATM 1691 O O   . HOH C 3 .   ? 0.368   3.041   -2.489  1.00 11.79 ? 446 HOH A O   1 
HETATM 1692 O O   . HOH C 3 .   ? -17.360 11.314  0.375   1.00 28.39 ? 448 HOH A O   1 
HETATM 1693 O O   . HOH C 3 .   ? 12.930  3.158   -10.979 1.00 29.55 ? 450 HOH A O   1 
HETATM 1694 O O   . HOH C 3 .   ? 0.545   0.848   -11.653 1.00 28.88 ? 451 HOH A O   1 
HETATM 1695 O O   . HOH C 3 .   ? -9.088  -5.976  -8.283  1.00 15.38 ? 452 HOH A O   1 
HETATM 1696 O O   . HOH C 3 .   ? 10.235  12.281  -7.516  1.00 31.02 ? 453 HOH A O   1 
HETATM 1697 O O   . HOH C 3 .   ? 2.678   3.950   -13.680 1.00 30.10 ? 455 HOH A O   1 
HETATM 1698 O O   . HOH C 3 .   ? 11.343  -12.284 13.014  1.00 41.25 ? 459 HOH A O   1 
HETATM 1699 O O   . HOH C 3 .   ? -1.883  1.491   -3.358  1.00 21.76 ? 463 HOH A O   1 
HETATM 1700 O O   . HOH C 3 .   ? 15.859  -12.116 -4.241  1.00 27.73 ? 466 HOH A O   1 
HETATM 1701 O O   . HOH C 3 .   ? -7.742  -10.377 11.595  1.00 31.39 ? 467 HOH A O   1 
HETATM 1702 O O   . HOH C 3 .   ? 14.693  10.794  8.730   1.00 33.13 ? 468 HOH A O   1 
HETATM 1703 O O   . HOH C 3 .   ? -5.874  9.864   -8.960  1.00 27.14 ? 469 HOH A O   1 
HETATM 1704 O O   . HOH C 3 .   ? 14.558  -8.270  -10.941 1.00 26.20 ? 472 HOH A O   1 
HETATM 1705 O O   . HOH C 3 .   ? 14.434  -10.103 1.108   1.00 22.04 ? 479 HOH A O   1 
HETATM 1706 O O   . HOH C 3 .   ? -0.793  -1.141  12.893  1.00 29.64 ? 486 HOH A O   1 
HETATM 1707 O O   . HOH C 3 .   ? -12.358 0.438   -11.830 1.00 32.76 ? 491 HOH A O   1 
HETATM 1708 O O   . HOH C 3 .   ? 16.955  -6.624  7.234   1.00 34.81 ? 492 HOH A O   1 
HETATM 1709 O O   . HOH C 3 .   ? 15.305  -8.970  8.020   1.00 41.78 ? 493 HOH A O   1 
HETATM 1710 O O   . HOH C 3 .   ? -17.549 10.634  -2.488  1.00 24.15 ? 496 HOH A O   1 
HETATM 1711 O O   . HOH C 3 .   ? 1.372   -4.035  10.830  1.00 23.87 ? 497 HOH A O   1 
HETATM 1712 O O   . HOH C 3 .   ? 17.082  9.100   -7.888  1.00 26.59 ? 501 HOH A O   1 
HETATM 1713 O O   . HOH C 3 .   ? 10.130  12.117  -11.348 1.00 38.44 ? 503 HOH A O   1 
HETATM 1714 O O   . HOH C 3 .   ? -1.061  -10.700 12.858  1.00 28.93 ? 506 HOH A O   1 
HETATM 1715 O O   . HOH C 3 .   ? 19.883  -6.784  6.113   1.00 39.21 ? 508 HOH A O   1 
HETATM 1716 O O   . HOH C 3 .   ? -5.655  -7.808  -14.729 1.00 14.63 ? 515 HOH A O   1 
HETATM 1717 O O   . HOH C 3 .   ? 13.535  13.515  9.105   1.00 45.81 ? 517 HOH A O   1 
HETATM 1718 O O   . HOH C 3 .   ? 20.022  6.009   -4.001  1.00 31.50 ? 522 HOH A O   1 
HETATM 1719 O O   . HOH C 3 .   ? 17.812  14.320  1.658   1.00 42.43 ? 533 HOH A O   1 
HETATM 1720 O O   . HOH C 3 .   ? -3.452  2.563   -5.407  1.00 36.15 ? 548 HOH A O   1 
HETATM 1721 O O   . HOH C 3 .   ? 6.766   -8.656  15.803  1.00 41.31 ? 552 HOH A O   1 
HETATM 1722 O O   . HOH C 3 .   ? -18.823 14.408  -2.096  1.00 43.08 ? 561 HOH A O   1 
HETATM 1723 O O   . HOH C 3 .   ? 20.763  12.741  3.284   1.00 44.63 ? 570 HOH A O   1 
HETATM 1724 O O   . HOH C 3 .   ? -7.495  4.842   -12.560 1.00 28.54 ? 572 HOH A O   1 
HETATM 1725 O O   . HOH C 3 .   ? 12.670  -14.996 -10.759 1.00 34.61 ? 577 HOH A O   1 
HETATM 1726 O O   . HOH C 3 .   ? -12.818 3.559   -11.398 1.00 32.48 ? 594 HOH A O   1 
HETATM 1727 O O   . HOH C 3 .   ? 20.090  -5.291  -13.762 1.00 36.48 ? 613 HOH A O   1 
HETATM 1728 O O   . HOH C 3 .   ? 3.422   11.842  8.556   1.00 20.29 ? 650 HOH A O   1 
HETATM 1729 O O   . HOH C 3 .   ? 3.409   11.151  4.372   1.00 30.79 ? 651 HOH A O   1 
HETATM 1730 O O   . HOH C 3 .   ? 3.848   11.725  11.403  1.00 39.17 ? 652 HOH A O   1 
HETATM 1731 O O   . HOH C 3 .   ? -3.039  16.544  7.466   1.00 35.17 ? 653 HOH A O   1 
HETATM 1732 O O   . HOH C 3 .   ? -2.542  -0.877  -13.870 1.00 31.21 ? 655 HOH A O   1 
HETATM 1733 O O   . HOH C 3 .   ? 0.197   -14.896 -5.268  1.00 38.78 ? 656 HOH A O   1 
HETATM 1734 O O   . HOH C 3 .   ? -20.916 2.444   1.591   1.00 30.79 ? 657 HOH A O   1 
HETATM 1735 O O   . HOH C 3 .   ? -19.546 -1.065  -4.388  1.00 33.91 ? 658 HOH A O   1 
HETATM 1736 O O   . HOH C 3 .   ? -10.251 17.061  5.424   1.00 25.13 ? 659 HOH A O   1 
HETATM 1737 O O   . HOH C 3 .   ? -9.510  -14.356 10.937  1.00 50.91 ? 660 HOH A O   1 
HETATM 1738 O O   . HOH C 3 .   ? 21.618  -8.123  -11.059 1.00 40.45 ? 661 HOH A O   1 
HETATM 1739 O O   . HOH C 3 .   ? 10.105  0.941   -11.481 1.00 40.26 ? 662 HOH A O   1 
# 
